data_2A73
#
_entry.id   2A73
#
_cell.length_a   116.980
_cell.length_b   156.260
_cell.length_c   271.200
_cell.angle_alpha   90.00
_cell.angle_beta   90.00
_cell.angle_gamma   90.00
#
_symmetry.space_group_name_H-M   'I 2 2 2'
#
loop_
_entity.id
_entity.type
_entity.pdbx_description
1 polymer 'Complement C3'
2 polymer 'Complement C3'
3 branched 2-acetamido-2-deoxy-beta-D-glucopyranose-(1-4)-2-acetamido-2-deoxy-beta-D-glucopyranose
4 branched alpha-D-mannopyranose-(1-3)-[beta-D-mannopyranose-(1-6)]alpha-D-mannopyranose-(1-4)-2-acetamido-2-deoxy-beta-D-glucopyranose-(1-4)-2-acetamido-2-deoxy-beta-D-glucopyranose
#
loop_
_entity_poly.entity_id
_entity_poly.type
_entity_poly.pdbx_seq_one_letter_code
_entity_poly.pdbx_strand_id
1 'polypeptide(L)'
;SPMYSIITPNILRLESEETMVLEAHDAQGDVPVTVTVHDFPGKKLVLSSEKTVLTPATNHMGNVTFTIPANREFKSEKGR
NKFVTVQATFGTQVVEKVVLVSLQSGYLFIQTDKTIYTPGSTVLYRIFTVNHKLLPVGRTVMVNIENPEGIPVKQDSLSS
QNQLGVLPLSWDIPELVNMGQWKIRAYYENSPQQVFSTEFEVKEYVLPSFEVIVEPTEKFYYIYNEKGLEVTITARFLYG
KKVEGTAFVIFGIQDGEQRISLPESLKRIPIEDGSGEVVLSRKVLLDGVQNLRAEDLVGKSLYVSATVILHSGSDMVQAE
RSGIPIVTSPYQIHFTKTPKYFKPGMPFDLMVFVTNPDGSPAYRVPVAVQGEDTVQSLTQGDGVAKLSINTHPSQKPLSI
TVRTKKQELSEAEQATRTMQALPYSTVGNSNNYLHLSVLRTELRPGETLNVNFLLRMDRAHEAKIRYYTYLIMNKGRLLK
AGRQVREPGQDLVVLPLSITTDFIPSFRLVAYYTLIGASGQREVVADSVWVDVKDSCVGSLVVKSGQSEDRQPVPGQQMT
LKIEGDHGARVVLVAVDKGVFVLNKKNKLTQSKIWDVVEKADIGCTPGSGKDYAGVFSDAGLTFTSSSGQQTAQRAELQC
PQP
;
A
2 'polypeptide(L)'
;VQLTEKRMDKVGKYPKELRKCCEDGMRENPMRFSCQRRTRFISLGEACKKVFLDCCNYITELRRQHARASHLGLARSNLD
EDIIAEENIVSRSEFPESWLWNVEDLKEPPKNGISTKLMNIFLKDSITTWEILAVSMSDKKGICVADPFEVTVMQDFFID
LRLPYSVVRNEQVEIRAVLYNYRQNQELKVRVELLHNPAFCSLATTKRRHQQTVTIPPKSSLSVPYVIVPLKTGLQEVEV
KAAVYHHFISDGVRKSLKVVPEGIRMNKTVAVRTLDPERLGREGVQKEDIPPADLSDQVPDTESETRILLQGTPVAQMTE
DAVDAERLKHLIVTPSGCGEQNMIGMTPTVIAVHYLDETEQWEKFGLEKRQGALELIKKGYTQQLAFRQPSSAFAAFVKR
APSTWLTAYVVKVFSLAVNLIAIDSQVLCGAVKWLILEKQKPDGVFQEDAPVIHQEMIGGLRNNNEKDMALTAFVLISLQ
EAKDICEEQVNSLPGSITKAGDFLEANYMNLQRSYTVAIAGYALAQMGRLKGPLLNKFLTTAKDKNRWEDPGKQLYNVEA
TSYALLALLQLKDFDFVPPVVRWLNEQRYYGGGYGSTQATFMVFQALAQYQKDAPDHQELNLDVSLQLPSRSSKITHRIH
WESASLLRSEETKENEGFTVTAEGKGQGTLSVVTMYHAKAKDQLTCNKFDLKVTIKPAPETEKRPQDAKNTMILEICTRY
RGDQDATMSILDISMMTGFAPDTDDLKQLANGVDRYISKYELDKAFSDRNTLIIYLDKVSHSEDDCLAFKVHQYFNVELI
QPGAVKVYAYYNLEESCTRFYHPEKEDGKLNKLCRDELCRCAEENCFIQKSDDKVTLEERLDKACEPGVDYVYKTRLVKV
QLSNDFDEYIMAIEQTIKSGSDEVQVGQQRTFISPIKCREALKLEEKKHYLMWGLSSDFWGEKPNLSYIIGKDTWVEHWP
EEDECQDEENQKQCQDLGAFTESMVVFGCPN
;
B
#
# COMPACT_ATOMS: atom_id res chain seq x y z
N SER A 1 -37.37 49.53 -44.90
CA SER A 1 -37.44 48.10 -44.49
C SER A 1 -36.44 47.79 -43.38
N PRO A 2 -36.96 47.43 -42.21
CA PRO A 2 -36.13 47.18 -41.05
C PRO A 2 -35.57 45.75 -41.02
N MET A 3 -34.72 45.47 -40.03
CA MET A 3 -34.28 44.10 -39.77
C MET A 3 -34.03 43.91 -38.27
N TYR A 4 -34.48 42.78 -37.74
CA TYR A 4 -34.38 42.52 -36.31
C TYR A 4 -33.66 41.21 -36.03
N SER A 5 -32.65 41.27 -35.17
CA SER A 5 -31.72 40.15 -34.99
C SER A 5 -31.74 39.62 -33.56
N ILE A 6 -31.84 38.30 -33.43
CA ILE A 6 -31.70 37.62 -32.14
C ILE A 6 -30.47 36.71 -32.15
N ILE A 7 -29.53 36.99 -31.24
CA ILE A 7 -28.28 36.24 -31.18
C ILE A 7 -28.09 35.56 -29.82
N THR A 8 -27.89 34.24 -29.85
CA THR A 8 -27.84 33.44 -28.62
C THR A 8 -26.86 32.27 -28.78
N PRO A 9 -26.18 31.90 -27.70
CA PRO A 9 -25.26 30.76 -27.69
C PRO A 9 -25.90 29.49 -28.25
N ASN A 10 -25.04 28.57 -28.72
CA ASN A 10 -25.51 27.33 -29.34
C ASN A 10 -26.30 26.44 -28.39
N ILE A 11 -25.67 26.06 -27.28
CA ILE A 11 -26.33 25.25 -26.27
C ILE A 11 -26.52 26.06 -24.98
N LEU A 12 -27.74 26.07 -24.46
CA LEU A 12 -28.08 26.91 -23.32
C LEU A 12 -27.99 26.12 -22.01
N ARG A 13 -26.97 26.43 -21.21
CA ARG A 13 -26.76 25.77 -19.94
C ARG A 13 -27.77 26.23 -18.89
N LEU A 14 -28.34 25.28 -18.17
CA LEU A 14 -29.37 25.58 -17.17
C LEU A 14 -28.78 26.25 -15.92
N GLU A 15 -29.60 27.02 -15.24
CA GLU A 15 -29.24 27.63 -13.96
C GLU A 15 -27.93 28.41 -14.03
N SER A 16 -27.77 29.19 -15.09
CA SER A 16 -26.55 29.96 -15.31
C SER A 16 -26.84 31.25 -16.06
N GLU A 17 -25.98 32.25 -15.86
CA GLU A 17 -26.14 33.55 -16.50
C GLU A 17 -25.92 33.46 -18.01
N GLU A 18 -26.98 33.66 -18.78
CA GLU A 18 -26.91 33.61 -20.23
C GLU A 18 -27.35 34.93 -20.87
N THR A 19 -26.61 35.37 -21.87
CA THR A 19 -26.86 36.66 -22.50
C THR A 19 -27.59 36.51 -23.83
N MET A 20 -28.69 37.24 -23.98
CA MET A 20 -29.45 37.27 -25.22
C MET A 20 -29.30 38.62 -25.92
N VAL A 21 -28.32 38.72 -26.81
CA VAL A 21 -27.96 39.99 -27.44
C VAL A 21 -28.98 40.39 -28.51
N LEU A 22 -29.54 41.60 -28.37
CA LEU A 22 -30.57 42.07 -29.28
C LEU A 22 -30.15 43.35 -29.99
N GLU A 23 -30.64 43.54 -31.21
CA GLU A 23 -30.32 44.74 -31.99
C GLU A 23 -31.52 45.23 -32.78
N ALA A 24 -31.35 46.37 -33.45
CA ALA A 24 -32.36 46.87 -34.39
C ALA A 24 -31.69 47.54 -35.59
N HIS A 25 -31.91 46.97 -36.77
CA HIS A 25 -31.38 47.55 -38.00
C HIS A 25 -32.46 48.38 -38.71
N ASP A 26 -32.17 49.66 -38.93
CA ASP A 26 -33.08 50.55 -39.65
C ASP A 26 -34.46 50.62 -39.01
N ALA A 27 -34.58 51.47 -37.98
CA ALA A 27 -35.86 51.66 -37.31
C ALA A 27 -36.01 53.10 -36.82
N GLN A 28 -37.11 53.74 -37.19
CA GLN A 28 -37.42 55.09 -36.73
C GLN A 28 -37.92 55.07 -35.29
N GLY A 29 -37.16 55.67 -34.39
CA GLY A 29 -37.50 55.67 -32.97
C GLY A 29 -37.05 54.40 -32.26
N ASP A 30 -37.70 54.08 -31.15
CA ASP A 30 -37.34 52.92 -30.37
C ASP A 30 -38.52 51.96 -30.18
N VAL A 31 -38.23 50.71 -29.85
CA VAL A 31 -39.25 49.68 -29.71
C VAL A 31 -39.04 48.88 -28.42
N PRO A 32 -40.12 48.67 -27.66
CA PRO A 32 -40.09 47.84 -26.47
C PRO A 32 -39.78 46.38 -26.79
N VAL A 33 -38.95 45.75 -25.95
CA VAL A 33 -38.57 44.36 -26.16
C VAL A 33 -38.66 43.55 -24.88
N THR A 34 -39.48 42.51 -24.89
CA THR A 34 -39.53 41.54 -23.80
C THR A 34 -39.22 40.14 -24.31
N VAL A 35 -38.36 39.41 -23.60
CA VAL A 35 -37.96 38.07 -24.00
C VAL A 35 -38.47 37.01 -23.02
N THR A 36 -39.01 35.93 -23.56
CA THR A 36 -39.56 34.85 -22.75
C THR A 36 -39.30 33.49 -23.38
N VAL A 37 -39.08 32.48 -22.54
CA VAL A 37 -38.68 31.17 -23.00
C VAL A 37 -39.70 30.10 -22.62
N HIS A 38 -39.99 29.20 -23.56
CA HIS A 38 -40.93 28.11 -23.32
C HIS A 38 -40.30 26.75 -23.62
N ASP A 39 -40.83 25.71 -23.00
CA ASP A 39 -40.46 24.34 -23.35
C ASP A 39 -41.03 23.97 -24.71
N PHE A 40 -40.25 23.21 -25.48
CA PHE A 40 -40.62 22.85 -26.84
C PHE A 40 -40.99 21.36 -26.96
N PRO A 41 -42.21 21.09 -27.40
CA PRO A 41 -43.27 22.08 -27.46
C PRO A 41 -44.19 22.01 -26.23
N GLY A 42 -44.55 23.17 -25.69
CA GLY A 42 -45.45 23.21 -24.54
C GLY A 42 -45.56 24.59 -23.90
N LYS A 43 -46.67 24.81 -23.19
CA LYS A 43 -46.86 26.03 -22.41
C LYS A 43 -46.29 25.87 -21.01
N LYS A 44 -44.97 26.02 -20.91
CA LYS A 44 -44.28 25.91 -19.63
C LYS A 44 -43.95 27.28 -19.05
N LEU A 45 -43.22 28.09 -19.82
CA LEU A 45 -42.78 29.40 -19.37
C LEU A 45 -41.78 29.30 -18.21
N VAL A 46 -40.50 29.51 -18.52
CA VAL A 46 -39.46 29.48 -17.50
C VAL A 46 -39.01 30.89 -17.10
N LEU A 47 -39.26 31.86 -17.99
CA LEU A 47 -38.98 33.25 -17.71
C LEU A 47 -40.09 34.14 -18.28
N SER A 48 -40.50 35.14 -17.51
CA SER A 48 -41.60 36.02 -17.92
C SER A 48 -41.10 37.30 -18.59
N SER A 49 -40.79 38.30 -17.78
CA SER A 49 -40.53 39.66 -18.27
C SER A 49 -39.13 39.81 -18.86
N GLU A 50 -38.29 40.56 -18.17
CA GLU A 50 -36.98 40.97 -18.69
C GLU A 50 -37.12 41.85 -19.93
N LYS A 51 -37.31 43.15 -19.71
CA LYS A 51 -37.55 44.10 -20.79
C LYS A 51 -36.31 44.94 -21.09
N THR A 52 -36.17 45.34 -22.36
CA THR A 52 -35.14 46.28 -22.76
C THR A 52 -35.64 47.23 -23.84
N VAL A 53 -35.14 48.47 -23.82
CA VAL A 53 -35.55 49.48 -24.80
C VAL A 53 -34.40 49.77 -25.76
N LEU A 54 -34.64 49.55 -27.05
CA LEU A 54 -33.63 49.76 -28.07
C LEU A 54 -33.49 51.24 -28.42
N THR A 55 -32.78 51.98 -27.57
CA THR A 55 -32.60 53.42 -27.75
C THR A 55 -31.75 53.72 -28.99
N PRO A 56 -32.24 54.62 -29.83
CA PRO A 56 -31.49 55.08 -31.00
C PRO A 56 -30.19 55.78 -30.61
N ALA A 57 -30.18 56.41 -29.43
CA ALA A 57 -29.02 57.13 -28.95
C ALA A 57 -27.87 56.19 -28.57
N THR A 58 -28.17 54.89 -28.51
CA THR A 58 -27.17 53.88 -28.20
C THR A 58 -27.13 52.78 -29.25
N ASN A 59 -27.43 53.14 -30.50
CA ASN A 59 -27.33 52.22 -31.63
C ASN A 59 -28.20 50.97 -31.48
N HIS A 60 -29.11 51.00 -30.50
CA HIS A 60 -30.01 49.88 -30.23
C HIS A 60 -29.25 48.68 -29.65
N MET A 61 -28.86 48.79 -28.38
CA MET A 61 -28.17 47.72 -27.68
C MET A 61 -29.08 47.06 -26.66
N GLY A 62 -29.02 45.73 -26.57
CA GLY A 62 -29.88 44.97 -25.67
C GLY A 62 -29.20 43.77 -25.04
N ASN A 63 -29.27 43.69 -23.71
CA ASN A 63 -28.62 42.61 -22.98
C ASN A 63 -29.60 41.50 -22.57
N VAL A 64 -30.58 41.87 -21.75
CA VAL A 64 -31.51 40.90 -21.15
C VAL A 64 -30.88 39.54 -20.82
N THR A 65 -30.20 39.48 -19.68
CA THR A 65 -29.58 38.24 -19.22
C THR A 65 -30.44 37.57 -18.14
N PHE A 66 -30.51 36.25 -18.19
CA PHE A 66 -31.38 35.49 -17.28
C PHE A 66 -30.88 34.06 -17.07
N THR A 67 -31.26 33.49 -15.92
CA THR A 67 -30.94 32.10 -15.62
C THR A 67 -32.18 31.22 -15.70
N ILE A 68 -32.11 30.16 -16.51
CA ILE A 68 -33.24 29.25 -16.68
C ILE A 68 -33.32 28.26 -15.51
N PRO A 69 -34.47 28.22 -14.85
CA PRO A 69 -34.73 27.23 -13.81
C PRO A 69 -34.71 25.81 -14.37
N ALA A 70 -34.34 24.84 -13.53
CA ALA A 70 -34.30 23.44 -13.94
C ALA A 70 -35.48 22.67 -13.37
N ASN A 71 -36.27 22.06 -14.26
CA ASN A 71 -37.45 21.31 -13.85
C ASN A 71 -37.60 19.96 -14.53
N ARG A 72 -38.82 19.66 -14.98
CA ARG A 72 -39.18 18.31 -15.43
C ARG A 72 -38.12 17.70 -16.35
N GLU A 73 -37.48 16.64 -15.86
CA GLU A 73 -36.44 15.95 -16.62
C GLU A 73 -36.43 14.46 -16.33
N ARG A 80 -33.12 12.56 -23.86
CA ARG A 80 -33.22 12.63 -25.31
C ARG A 80 -32.73 13.98 -25.83
N ASN A 81 -32.02 14.71 -24.99
CA ASN A 81 -31.59 16.08 -25.30
C ASN A 81 -32.76 17.04 -25.44
N LYS A 82 -32.89 17.94 -24.46
CA LYS A 82 -34.06 18.81 -24.38
C LYS A 82 -33.85 20.11 -25.14
N PHE A 83 -34.96 20.74 -25.55
CA PHE A 83 -34.91 21.96 -26.35
C PHE A 83 -35.85 23.02 -25.79
N VAL A 84 -35.47 24.28 -25.96
CA VAL A 84 -36.30 25.40 -25.51
C VAL A 84 -36.57 26.39 -26.63
N THR A 85 -37.80 26.92 -26.66
CA THR A 85 -38.18 27.94 -27.63
C THR A 85 -38.06 29.33 -27.02
N VAL A 86 -37.23 30.17 -27.65
CA VAL A 86 -36.98 31.51 -27.13
C VAL A 86 -37.77 32.58 -27.89
N GLN A 87 -38.28 33.55 -27.15
CA GLN A 87 -39.09 34.61 -27.73
C GLN A 87 -38.30 35.91 -27.85
N ALA A 88 -38.45 36.60 -28.98
CA ALA A 88 -37.88 37.92 -29.17
C ALA A 88 -38.90 38.87 -29.78
N THR A 89 -39.68 39.51 -28.92
CA THR A 89 -40.77 40.38 -29.38
C THR A 89 -40.29 41.83 -29.55
N PHE A 90 -40.38 42.33 -30.77
CA PHE A 90 -40.07 43.73 -31.05
C PHE A 90 -41.34 44.47 -31.49
N GLY A 91 -42.19 44.78 -30.52
CA GLY A 91 -43.46 45.45 -30.79
C GLY A 91 -44.54 44.48 -31.26
N THR A 92 -44.58 44.24 -32.57
CA THR A 92 -45.56 43.32 -33.15
C THR A 92 -44.88 42.09 -33.72
N GLN A 93 -43.85 42.31 -34.54
CA GLN A 93 -43.13 41.22 -35.19
C GLN A 93 -42.20 40.52 -34.20
N VAL A 94 -42.34 39.21 -34.08
CA VAL A 94 -41.62 38.43 -33.08
C VAL A 94 -40.81 37.31 -33.72
N VAL A 95 -39.57 37.15 -33.26
CA VAL A 95 -38.68 36.10 -33.78
C VAL A 95 -38.46 35.01 -32.74
N GLU A 96 -38.45 33.76 -33.21
CA GLU A 96 -38.29 32.61 -32.32
C GLU A 96 -37.14 31.72 -32.76
N LYS A 97 -36.63 30.91 -31.83
CA LYS A 97 -35.57 29.96 -32.13
C LYS A 97 -35.67 28.72 -31.24
N VAL A 98 -35.41 27.55 -31.83
CA VAL A 98 -35.36 26.30 -31.08
C VAL A 98 -33.91 25.93 -30.74
N VAL A 99 -33.55 26.15 -29.48
CA VAL A 99 -32.17 25.97 -29.03
C VAL A 99 -32.01 24.70 -28.21
N LEU A 100 -30.83 24.11 -28.24
CA LEU A 100 -30.52 22.94 -27.43
C LEU A 100 -30.17 23.34 -25.99
N VAL A 101 -30.59 22.52 -25.04
CA VAL A 101 -30.31 22.76 -23.62
C VAL A 101 -29.17 21.87 -23.13
N SER A 102 -28.45 22.34 -22.12
CA SER A 102 -27.34 21.59 -21.54
C SER A 102 -27.53 21.39 -20.04
N LEU A 103 -27.44 20.14 -19.59
CA LEU A 103 -27.48 19.82 -18.17
C LEU A 103 -26.07 19.57 -17.64
N GLN A 104 -25.33 20.64 -17.43
CA GLN A 104 -23.93 20.53 -17.02
C GLN A 104 -23.60 21.50 -15.89
N SER A 105 -23.27 20.95 -14.73
CA SER A 105 -23.00 21.75 -13.54
C SER A 105 -21.81 22.68 -13.74
N GLY A 106 -20.62 22.09 -13.88
CA GLY A 106 -19.40 22.86 -14.03
C GLY A 106 -18.15 21.99 -14.07
N TYR A 107 -17.27 22.19 -13.11
CA TYR A 107 -16.02 21.43 -13.04
C TYR A 107 -15.74 20.95 -11.62
N LEU A 108 -15.33 19.68 -11.50
CA LEU A 108 -14.68 19.19 -10.29
C LEU A 108 -13.21 18.91 -10.56
N PHE A 109 -12.35 19.35 -9.65
CA PHE A 109 -10.93 19.03 -9.73
C PHE A 109 -10.47 18.25 -8.51
N ILE A 110 -9.69 17.20 -8.74
CA ILE A 110 -9.27 16.32 -7.65
C ILE A 110 -7.75 16.35 -7.49
N GLN A 111 -7.30 16.72 -6.29
CA GLN A 111 -5.88 16.78 -5.99
C GLN A 111 -5.44 15.60 -5.13
N THR A 112 -4.27 15.04 -5.44
CA THR A 112 -3.70 13.97 -4.64
C THR A 112 -2.23 14.24 -4.34
N ASP A 113 -1.86 14.18 -3.07
CA ASP A 113 -0.49 14.45 -2.64
C ASP A 113 0.54 13.61 -3.40
N LYS A 114 0.22 12.33 -3.62
CA LYS A 114 1.08 11.45 -4.41
C LYS A 114 0.25 10.69 -5.45
N THR A 115 0.93 10.00 -6.36
CA THR A 115 0.25 9.14 -7.33
C THR A 115 0.52 7.66 -7.07
N ILE A 116 1.55 7.38 -6.28
CA ILE A 116 1.81 6.01 -5.82
C ILE A 116 1.93 5.93 -4.29
N TYR A 117 1.36 4.89 -3.72
CA TYR A 117 1.33 4.71 -2.27
C TYR A 117 1.75 3.31 -1.87
N THR A 118 2.20 3.15 -0.63
CA THR A 118 2.34 1.82 -0.04
C THR A 118 1.12 1.50 0.83
N PRO A 119 0.65 0.25 0.77
CA PRO A 119 -0.34 -0.23 1.71
C PRO A 119 0.06 0.15 3.13
N GLY A 120 -0.88 0.72 3.88
CA GLY A 120 -0.59 1.22 5.21
C GLY A 120 -0.63 2.74 5.28
N SER A 121 -0.32 3.39 4.16
CA SER A 121 -0.18 4.84 4.14
C SER A 121 -1.51 5.54 3.91
N THR A 122 -1.48 6.87 3.92
CA THR A 122 -2.69 7.67 3.79
C THR A 122 -2.74 8.41 2.46
N VAL A 123 -3.89 8.33 1.78
CA VAL A 123 -4.16 9.14 0.62
C VAL A 123 -4.80 10.46 1.03
N LEU A 124 -4.12 11.57 0.76
CA LEU A 124 -4.66 12.89 1.04
C LEU A 124 -5.19 13.53 -0.24
N TYR A 125 -6.51 13.65 -0.34
CA TYR A 125 -7.13 14.19 -1.55
C TYR A 125 -8.11 15.32 -1.24
N ARG A 126 -8.19 16.27 -2.17
CA ARG A 126 -9.14 17.37 -2.07
C ARG A 126 -10.03 17.43 -3.31
N ILE A 127 -11.27 17.88 -3.11
CA ILE A 127 -12.20 18.08 -4.22
C ILE A 127 -12.56 19.57 -4.34
N PHE A 128 -12.19 20.17 -5.47
CA PHE A 128 -12.47 21.57 -5.72
C PHE A 128 -13.77 21.73 -6.53
N THR A 129 -14.75 22.40 -5.94
CA THR A 129 -16.05 22.59 -6.57
C THR A 129 -16.17 23.99 -7.16
N VAL A 130 -16.23 24.08 -8.49
CA VAL A 130 -16.25 25.37 -9.17
C VAL A 130 -17.25 25.38 -10.32
N ASN A 131 -17.77 26.57 -10.62
CA ASN A 131 -18.74 26.74 -11.70
C ASN A 131 -18.07 26.95 -13.06
N HIS A 132 -18.82 27.52 -14.00
CA HIS A 132 -18.34 27.69 -15.37
C HIS A 132 -17.39 28.88 -15.52
N LYS A 133 -17.53 29.84 -14.62
CA LYS A 133 -16.59 30.96 -14.55
C LYS A 133 -15.37 30.58 -13.70
N LEU A 134 -15.33 29.32 -13.26
CA LEU A 134 -14.28 28.82 -12.39
C LEU A 134 -14.24 29.51 -11.03
N LEU A 135 -15.36 30.12 -10.65
CA LEU A 135 -15.54 30.62 -9.30
C LEU A 135 -16.08 29.51 -8.40
N PRO A 136 -15.73 29.54 -7.12
CA PRO A 136 -16.17 28.53 -6.17
C PRO A 136 -17.67 28.61 -5.94
N VAL A 137 -18.31 27.46 -5.77
CA VAL A 137 -19.74 27.41 -5.52
C VAL A 137 -20.11 26.21 -4.64
N GLY A 138 -21.05 26.42 -3.71
CA GLY A 138 -21.43 25.39 -2.75
C GLY A 138 -22.50 24.45 -3.29
N ARG A 139 -22.07 23.33 -3.85
CA ARG A 139 -23.01 22.32 -4.33
C ARG A 139 -22.87 21.04 -3.52
N THR A 140 -23.77 20.09 -3.75
CA THR A 140 -23.65 18.75 -3.18
C THR A 140 -22.87 17.84 -4.12
N VAL A 141 -21.88 17.14 -3.56
CA VAL A 141 -21.02 16.27 -4.34
C VAL A 141 -20.92 14.89 -3.72
N MET A 142 -20.68 13.89 -4.57
CA MET A 142 -20.47 12.52 -4.11
C MET A 142 -19.10 12.01 -4.53
N VAL A 143 -18.32 11.51 -3.58
CA VAL A 143 -16.95 11.10 -3.85
C VAL A 143 -16.74 9.63 -3.51
N ASN A 144 -16.30 8.86 -4.50
CA ASN A 144 -16.01 7.44 -4.30
C ASN A 144 -14.53 7.11 -4.46
N ILE A 145 -14.09 6.04 -3.79
CA ILE A 145 -12.79 5.45 -4.06
C ILE A 145 -12.93 4.02 -4.54
N GLU A 146 -12.57 3.77 -5.79
CA GLU A 146 -12.66 2.44 -6.38
C GLU A 146 -11.30 1.76 -6.36
N ASN A 147 -11.31 0.44 -6.18
CA ASN A 147 -10.15 -0.38 -6.53
C ASN A 147 -10.08 -0.67 -8.03
N PRO A 148 -8.97 -1.23 -8.48
CA PRO A 148 -8.76 -1.49 -9.91
C PRO A 148 -9.89 -2.33 -10.52
N GLU A 149 -10.59 -3.08 -9.68
CA GLU A 149 -11.65 -3.97 -10.15
C GLU A 149 -13.01 -3.27 -10.19
N GLY A 150 -13.01 -1.96 -9.95
CA GLY A 150 -14.21 -1.14 -10.10
C GLY A 150 -15.00 -0.96 -8.83
N ILE A 151 -14.70 -1.77 -7.82
CA ILE A 151 -15.51 -1.83 -6.61
C ILE A 151 -15.22 -0.65 -5.67
N PRO A 152 -16.26 0.05 -5.26
CA PRO A 152 -16.14 1.19 -4.36
C PRO A 152 -15.86 0.76 -2.92
N VAL A 153 -14.85 1.36 -2.31
CA VAL A 153 -14.45 1.00 -0.94
C VAL A 153 -14.59 2.17 0.02
N LYS A 154 -14.96 3.34 -0.52
CA LYS A 154 -15.25 4.52 0.29
C LYS A 154 -16.26 5.40 -0.44
N GLN A 155 -17.31 5.79 0.25
CA GLN A 155 -18.37 6.62 -0.32
C GLN A 155 -18.74 7.75 0.62
N ASP A 156 -18.78 8.97 0.08
CA ASP A 156 -19.06 10.16 0.89
C ASP A 156 -20.07 11.07 0.22
N SER A 157 -21.02 11.57 1.01
CA SER A 157 -21.90 12.65 0.57
C SER A 157 -21.65 13.90 1.40
N LEU A 158 -21.06 14.92 0.78
CA LEU A 158 -20.71 16.15 1.49
C LEU A 158 -21.01 17.39 0.65
N SER A 159 -21.40 18.47 1.34
CA SER A 159 -21.65 19.75 0.68
C SER A 159 -20.43 20.66 0.78
N SER A 160 -20.33 21.63 -0.12
CA SER A 160 -19.14 22.46 -0.23
C SER A 160 -19.43 23.94 0.06
N GLN A 161 -20.39 24.19 0.94
CA GLN A 161 -20.74 25.55 1.32
C GLN A 161 -20.03 25.98 2.61
N ASN A 162 -19.71 27.27 2.70
CA ASN A 162 -18.93 27.82 3.80
C ASN A 162 -17.46 27.37 3.78
N GLN A 163 -17.20 26.23 3.16
CA GLN A 163 -15.83 25.82 2.85
C GLN A 163 -15.25 26.65 1.71
N LEU A 164 -16.09 27.49 1.11
CA LEU A 164 -15.71 28.29 -0.06
C LEU A 164 -14.83 27.50 -1.02
N GLY A 165 -15.31 26.34 -1.44
CA GLY A 165 -14.74 25.62 -2.58
C GLY A 165 -14.15 24.27 -2.25
N VAL A 166 -13.40 24.19 -1.15
CA VAL A 166 -12.54 23.05 -0.88
C VAL A 166 -13.24 21.97 -0.06
N LEU A 167 -12.92 20.71 -0.35
CA LEU A 167 -13.44 19.58 0.40
C LEU A 167 -12.33 18.61 0.78
N PRO A 168 -11.79 18.76 1.98
CA PRO A 168 -10.67 17.95 2.44
C PRO A 168 -11.11 16.54 2.82
N LEU A 169 -10.41 15.54 2.32
CA LEU A 169 -10.74 14.15 2.62
C LEU A 169 -9.49 13.31 2.80
N SER A 170 -9.64 12.16 3.45
CA SER A 170 -8.52 11.30 3.79
C SER A 170 -8.91 9.83 3.69
N TRP A 171 -7.94 8.98 3.39
CA TRP A 171 -8.17 7.54 3.34
C TRP A 171 -6.91 6.76 3.67
N ASP A 172 -6.99 5.90 4.66
CA ASP A 172 -5.87 5.03 5.03
C ASP A 172 -5.95 3.69 4.28
N ILE A 173 -4.94 3.43 3.47
CA ILE A 173 -4.84 2.14 2.79
C ILE A 173 -4.47 1.04 3.78
N PRO A 174 -5.31 0.02 3.88
CA PRO A 174 -4.99 -1.17 4.66
C PRO A 174 -3.79 -1.92 4.08
N GLU A 175 -3.01 -2.56 4.95
CA GLU A 175 -1.74 -3.16 4.56
C GLU A 175 -1.93 -4.45 3.77
N LEU A 176 -3.17 -4.91 3.67
CA LEU A 176 -3.52 -5.99 2.75
C LEU A 176 -4.68 -5.55 1.86
N VAL A 177 -4.38 -5.25 0.61
CA VAL A 177 -5.34 -4.55 -0.26
C VAL A 177 -4.99 -4.77 -1.74
N ASN A 178 -5.97 -4.57 -2.62
CA ASN A 178 -5.75 -4.69 -4.05
C ASN A 178 -4.52 -3.92 -4.52
N MET A 179 -3.73 -4.53 -5.39
CA MET A 179 -2.69 -3.81 -6.13
C MET A 179 -3.24 -3.34 -7.47
N GLY A 180 -2.80 -2.16 -7.89
CA GLY A 180 -3.19 -1.64 -9.20
C GLY A 180 -3.59 -0.17 -9.17
N GLN A 181 -4.32 0.26 -10.20
CA GLN A 181 -4.68 1.67 -10.35
C GLN A 181 -6.04 1.98 -9.72
N TRP A 182 -6.01 2.32 -8.43
CA TRP A 182 -7.20 2.80 -7.75
C TRP A 182 -7.64 4.14 -8.31
N LYS A 183 -8.94 4.32 -8.46
CA LYS A 183 -9.50 5.56 -9.00
C LYS A 183 -10.28 6.33 -7.94
N ILE A 184 -10.38 7.64 -8.12
CA ILE A 184 -11.29 8.47 -7.32
C ILE A 184 -12.30 9.18 -8.21
N ARG A 185 -13.48 8.58 -8.34
CA ARG A 185 -14.58 9.19 -9.08
C ARG A 185 -15.30 10.23 -8.23
N ALA A 186 -15.69 11.34 -8.85
CA ALA A 186 -16.43 12.38 -8.16
C ALA A 186 -17.41 13.08 -9.10
N TYR A 187 -18.67 13.17 -8.68
CA TYR A 187 -19.71 13.78 -9.49
C TYR A 187 -20.63 14.68 -8.66
N TYR A 188 -21.12 15.74 -9.29
CA TYR A 188 -22.18 16.56 -8.70
C TYR A 188 -23.48 15.77 -8.61
N GLU A 189 -24.12 15.82 -7.45
CA GLU A 189 -25.41 15.16 -7.26
C GLU A 189 -26.45 15.72 -8.22
N ASN A 190 -26.28 16.97 -8.60
CA ASN A 190 -27.09 17.58 -9.65
C ASN A 190 -26.83 16.95 -11.02
N SER A 191 -25.62 16.43 -11.22
CA SER A 191 -25.25 15.82 -12.49
C SER A 191 -24.51 14.51 -12.28
N PRO A 192 -25.25 13.45 -11.94
CA PRO A 192 -24.69 12.11 -11.88
C PRO A 192 -24.22 11.65 -13.27
N GLN A 193 -24.64 12.38 -14.30
CA GLN A 193 -24.23 12.10 -15.67
C GLN A 193 -22.73 12.33 -15.84
N GLN A 194 -22.23 13.44 -15.31
CA GLN A 194 -20.86 13.87 -15.56
C GLN A 194 -19.97 13.57 -14.35
N VAL A 195 -19.00 12.70 -14.55
CA VAL A 195 -18.14 12.23 -13.46
C VAL A 195 -16.68 12.59 -13.71
N PHE A 196 -15.97 12.95 -12.64
CA PHE A 196 -14.55 13.29 -12.73
C PHE A 196 -13.70 12.32 -11.93
N SER A 197 -12.55 11.94 -12.48
CA SER A 197 -11.73 10.88 -11.91
C SER A 197 -10.26 11.26 -11.76
N THR A 198 -9.61 10.69 -10.74
CA THR A 198 -8.17 10.66 -10.65
C THR A 198 -7.71 9.26 -10.22
N GLU A 199 -6.59 8.80 -10.77
CA GLU A 199 -6.08 7.47 -10.46
C GLU A 199 -4.78 7.52 -9.66
N PHE A 200 -4.54 6.48 -8.87
CA PHE A 200 -3.26 6.32 -8.18
C PHE A 200 -2.92 4.84 -7.98
N GLU A 201 -1.64 4.54 -7.77
CA GLU A 201 -1.16 3.17 -7.67
C GLU A 201 -0.81 2.80 -6.23
N VAL A 202 -0.75 1.51 -5.96
CA VAL A 202 -0.40 1.01 -4.62
C VAL A 202 0.83 0.09 -4.65
N LYS A 203 1.10 -0.49 -5.81
CA LYS A 203 2.36 -1.19 -6.06
C LYS A 203 2.77 -2.14 -4.93
N GLU A 204 3.30 -1.58 -3.85
CA GLU A 204 3.85 -2.37 -2.74
C GLU A 204 5.21 -1.83 -2.32
N TYR A 205 5.57 -2.04 -1.06
CA TYR A 205 6.82 -1.54 -0.52
C TYR A 205 8.03 -2.05 -1.30
N VAL A 206 8.66 -1.17 -2.04
CA VAL A 206 9.93 -1.46 -2.70
C VAL A 206 10.87 -0.27 -2.54
N LEU A 207 12.01 -0.49 -1.89
CA LEU A 207 12.96 0.59 -1.65
C LEU A 207 14.38 0.20 -2.06
N PRO A 208 14.72 0.44 -3.31
CA PRO A 208 15.98 -0.04 -3.89
C PRO A 208 17.21 0.62 -3.27
N SER A 209 18.34 -0.07 -3.34
CA SER A 209 19.58 0.39 -2.71
C SER A 209 20.04 1.71 -3.32
N PHE A 210 20.09 1.75 -4.65
CA PHE A 210 20.55 2.93 -5.37
C PHE A 210 19.57 3.30 -6.49
N GLU A 211 19.84 4.42 -7.16
CA GLU A 211 18.98 4.88 -8.23
C GLU A 211 19.66 4.75 -9.60
N VAL A 212 18.89 4.34 -10.60
CA VAL A 212 19.38 4.28 -11.97
C VAL A 212 18.51 5.13 -12.89
N ILE A 213 19.13 6.09 -13.58
CA ILE A 213 18.45 6.85 -14.61
C ILE A 213 19.03 6.56 -16.00
N VAL A 214 18.21 5.96 -16.86
CA VAL A 214 18.60 5.73 -18.24
C VAL A 214 17.90 6.71 -19.18
N GLU A 215 18.68 7.60 -19.79
CA GLU A 215 18.14 8.65 -20.65
C GLU A 215 19.06 8.95 -21.83
N PRO A 216 18.47 9.03 -23.02
CA PRO A 216 19.25 9.27 -24.25
C PRO A 216 19.77 10.70 -24.31
N THR A 217 20.78 10.92 -25.15
CA THR A 217 21.32 12.26 -25.37
C THR A 217 20.39 13.10 -26.24
N GLU A 218 19.57 12.43 -27.04
CA GLU A 218 18.54 13.09 -27.83
C GLU A 218 17.15 12.66 -27.38
N LYS A 219 16.20 13.59 -27.43
CA LYS A 219 14.82 13.29 -27.03
C LYS A 219 14.11 12.41 -28.06
N PHE A 220 14.78 12.16 -29.17
CA PHE A 220 14.19 11.45 -30.30
C PHE A 220 15.26 10.72 -31.11
N TYR A 221 14.82 9.91 -32.07
CA TYR A 221 15.74 9.31 -33.03
C TYR A 221 15.37 9.64 -34.48
N TYR A 222 16.28 10.33 -35.17
CA TYR A 222 16.14 10.55 -36.60
C TYR A 222 16.53 9.29 -37.37
N ILE A 223 15.58 8.77 -38.15
CA ILE A 223 15.72 7.43 -38.74
C ILE A 223 16.96 7.28 -39.62
N TYR A 224 17.22 8.27 -40.47
CA TYR A 224 18.30 8.18 -41.44
C TYR A 224 19.66 8.49 -40.83
N ASN A 225 19.65 9.09 -39.64
CA ASN A 225 20.87 9.36 -38.90
C ASN A 225 21.65 8.07 -38.58
N GLU A 226 22.87 7.99 -39.10
CA GLU A 226 23.68 6.77 -38.98
C GLU A 226 24.43 6.72 -37.65
N LYS A 227 24.32 7.77 -36.87
CA LYS A 227 24.99 7.84 -35.57
C LYS A 227 24.38 6.85 -34.58
N GLY A 228 23.10 6.55 -34.76
CA GLY A 228 22.38 5.66 -33.86
C GLY A 228 21.80 6.39 -32.66
N LEU A 229 21.11 5.64 -31.80
CA LEU A 229 20.55 6.21 -30.57
C LEU A 229 21.48 5.95 -29.39
N GLU A 230 22.24 6.97 -29.01
CA GLU A 230 23.15 6.89 -27.87
C GLU A 230 22.40 7.10 -26.56
N VAL A 231 22.79 6.34 -25.54
CA VAL A 231 22.14 6.44 -24.23
C VAL A 231 23.19 6.59 -23.13
N THR A 232 22.89 7.44 -22.14
CA THR A 232 23.74 7.59 -20.96
C THR A 232 23.13 6.89 -19.76
N ILE A 233 23.78 5.82 -19.29
CA ILE A 233 23.39 5.15 -18.06
C ILE A 233 24.04 5.84 -16.87
N THR A 234 23.21 6.32 -15.95
CA THR A 234 23.70 6.91 -14.72
C THR A 234 23.15 6.16 -13.51
N ALA A 235 24.04 5.74 -12.63
CA ALA A 235 23.64 5.06 -11.41
C ALA A 235 24.41 5.59 -10.21
N ARG A 236 23.72 5.77 -9.09
CA ARG A 236 24.34 6.26 -7.88
C ARG A 236 23.46 5.99 -6.65
N PHE A 237 24.10 5.89 -5.48
CA PHE A 237 23.39 5.58 -4.25
C PHE A 237 22.44 6.71 -3.85
N LEU A 238 21.54 6.42 -2.91
CA LEU A 238 20.51 7.36 -2.52
C LEU A 238 21.06 8.54 -1.72
N TYR A 239 22.35 8.46 -1.38
CA TYR A 239 23.02 9.55 -0.67
C TYR A 239 24.19 10.13 -1.49
N GLY A 240 24.18 9.87 -2.80
CA GLY A 240 25.12 10.52 -3.71
C GLY A 240 26.51 9.92 -3.67
N LYS A 241 26.57 8.61 -3.56
CA LYS A 241 27.80 7.87 -3.83
C LYS A 241 27.75 7.31 -5.25
N LYS A 242 28.80 7.58 -6.03
CA LYS A 242 28.89 7.04 -7.38
C LYS A 242 29.09 5.53 -7.36
N VAL A 243 28.29 4.81 -8.13
CA VAL A 243 28.25 3.35 -8.07
C VAL A 243 29.28 2.72 -9.02
N GLU A 244 29.88 1.63 -8.58
CA GLU A 244 30.71 0.80 -9.46
C GLU A 244 30.05 -0.56 -9.64
N GLY A 245 29.82 -0.93 -10.90
CA GLY A 245 29.16 -2.20 -11.19
C GLY A 245 29.09 -2.51 -12.68
N THR A 246 28.10 -3.34 -13.04
CA THR A 246 27.89 -3.70 -14.44
C THR A 246 26.43 -3.49 -14.81
N ALA A 247 26.18 -3.16 -16.09
CA ALA A 247 24.84 -2.86 -16.55
C ALA A 247 24.51 -3.60 -17.84
N PHE A 248 23.36 -4.26 -17.85
CA PHE A 248 22.86 -4.92 -19.05
C PHE A 248 21.72 -4.11 -19.67
N VAL A 249 21.96 -3.58 -20.86
CA VAL A 249 20.94 -2.81 -21.58
C VAL A 249 20.35 -3.62 -22.73
N ILE A 250 19.10 -3.32 -23.08
CA ILE A 250 18.44 -3.95 -24.21
C ILE A 250 17.38 -3.02 -24.81
N PHE A 251 17.41 -2.88 -26.13
CA PHE A 251 16.53 -1.94 -26.83
C PHE A 251 15.34 -2.65 -27.47
N GLY A 252 14.25 -1.92 -27.63
CA GLY A 252 13.05 -2.47 -28.27
C GLY A 252 12.15 -1.38 -28.83
N ILE A 253 11.29 -1.76 -29.77
CA ILE A 253 10.38 -0.82 -30.41
C ILE A 253 8.95 -1.01 -29.94
N GLN A 254 8.34 0.08 -29.46
CA GLN A 254 6.96 0.04 -28.98
C GLN A 254 5.99 0.46 -30.08
N ASP A 255 5.05 -0.43 -30.39
CA ASP A 255 4.07 -0.19 -31.45
C ASP A 255 2.71 0.17 -30.84
N GLY A 256 2.57 1.44 -30.45
CA GLY A 256 1.37 1.88 -29.74
C GLY A 256 1.33 1.41 -28.31
N GLU A 257 0.95 0.13 -28.12
CA GLU A 257 1.01 -0.51 -26.81
C GLU A 257 1.45 -1.96 -26.92
N GLN A 258 2.08 -2.30 -28.04
CA GLN A 258 2.66 -3.63 -28.24
C GLN A 258 4.18 -3.53 -28.44
N ARG A 259 4.92 -4.33 -27.68
CA ARG A 259 6.37 -4.18 -27.61
C ARG A 259 7.11 -5.32 -28.29
N ILE A 260 8.05 -4.97 -29.16
CA ILE A 260 8.87 -5.97 -29.85
C ILE A 260 10.33 -5.85 -29.41
N SER A 261 10.78 -6.83 -28.63
CA SER A 261 12.16 -6.84 -28.13
C SER A 261 13.16 -7.15 -29.23
N LEU A 262 14.16 -6.29 -29.39
CA LEU A 262 15.26 -6.56 -30.30
C LEU A 262 16.37 -7.30 -29.55
N PRO A 263 16.49 -8.59 -29.81
CA PRO A 263 17.35 -9.47 -29.02
C PRO A 263 18.83 -9.18 -29.24
N GLU A 264 19.16 -8.64 -30.41
CA GLU A 264 20.54 -8.48 -30.83
C GLU A 264 21.10 -7.13 -30.39
N SER A 265 20.28 -6.34 -29.71
CA SER A 265 20.69 -5.04 -29.20
C SER A 265 21.19 -5.12 -27.76
N LEU A 266 21.15 -6.32 -27.20
CA LEU A 266 21.57 -6.55 -25.82
C LEU A 266 23.07 -6.37 -25.66
N LYS A 267 23.46 -5.38 -24.86
CA LYS A 267 24.88 -5.09 -24.66
C LYS A 267 25.24 -5.05 -23.17
N ARG A 268 26.44 -5.51 -22.85
CA ARG A 268 26.93 -5.49 -21.47
C ARG A 268 28.05 -4.48 -21.30
N ILE A 269 27.77 -3.41 -20.56
CA ILE A 269 28.75 -2.36 -20.34
C ILE A 269 29.15 -2.26 -18.87
N PRO A 270 30.40 -1.90 -18.63
CA PRO A 270 30.87 -1.64 -17.26
C PRO A 270 30.43 -0.26 -16.77
N ILE A 271 30.05 -0.18 -15.50
CA ILE A 271 29.74 1.10 -14.88
C ILE A 271 30.94 1.64 -14.11
N GLU A 272 31.46 2.77 -14.58
CA GLU A 272 32.60 3.42 -13.93
C GLU A 272 32.22 4.79 -13.38
N ASP A 273 32.47 4.99 -12.09
CA ASP A 273 32.08 6.21 -11.39
C ASP A 273 30.66 6.64 -11.73
N GLY A 274 29.71 5.72 -11.51
CA GLY A 274 28.29 6.03 -11.64
C GLY A 274 27.88 6.35 -13.06
N SER A 275 28.79 6.13 -14.01
CA SER A 275 28.59 6.59 -15.38
C SER A 275 28.82 5.46 -16.38
N GLY A 276 27.90 5.32 -17.33
CA GLY A 276 27.97 4.28 -18.34
C GLY A 276 27.49 4.75 -19.70
N GLU A 277 27.88 4.02 -20.73
CA GLU A 277 27.62 4.44 -22.11
C GLU A 277 27.23 3.24 -22.98
N VAL A 278 26.21 3.42 -23.81
CA VAL A 278 25.80 2.39 -24.76
C VAL A 278 25.13 2.99 -25.99
N VAL A 279 25.12 2.23 -27.08
CA VAL A 279 24.57 2.69 -28.35
C VAL A 279 23.74 1.60 -29.02
N LEU A 280 22.51 1.96 -29.41
CA LEU A 280 21.76 1.16 -30.37
C LEU A 280 22.03 1.66 -31.79
N SER A 281 22.66 0.81 -32.60
CA SER A 281 22.99 1.18 -33.97
C SER A 281 21.78 1.03 -34.89
N ARG A 282 21.79 1.81 -35.97
CA ARG A 282 20.76 1.69 -37.01
C ARG A 282 20.83 0.31 -37.68
N LYS A 283 22.05 -0.21 -37.82
CA LYS A 283 22.27 -1.55 -38.36
C LYS A 283 21.41 -2.59 -37.65
N VAL A 284 21.54 -2.64 -36.33
CA VAL A 284 20.82 -3.63 -35.53
C VAL A 284 19.34 -3.29 -35.38
N LEU A 285 19.02 -2.01 -35.52
CA LEU A 285 17.65 -1.54 -35.40
C LEU A 285 16.77 -2.06 -36.53
N LEU A 286 17.27 -1.98 -37.75
CA LEU A 286 16.50 -2.36 -38.94
C LEU A 286 16.49 -3.87 -39.13
N ASP A 287 17.33 -4.57 -38.38
CA ASP A 287 17.38 -6.03 -38.41
C ASP A 287 16.41 -6.64 -37.42
N GLY A 288 15.62 -5.80 -36.76
CA GLY A 288 14.64 -6.25 -35.78
C GLY A 288 13.22 -6.28 -36.32
N VAL A 289 13.09 -6.17 -37.65
CA VAL A 289 11.79 -6.20 -38.29
C VAL A 289 11.81 -7.04 -39.57
N LEU A 292 11.40 -4.59 -42.30
CA LEU A 292 12.41 -3.81 -43.02
C LEU A 292 11.79 -2.55 -43.63
N ARG A 293 12.64 -1.73 -44.24
CA ARG A 293 12.22 -0.44 -44.79
C ARG A 293 12.03 0.61 -43.70
N ALA A 294 12.59 1.80 -43.91
CA ALA A 294 12.83 2.75 -42.83
C ALA A 294 11.58 3.54 -42.44
N GLU A 295 10.71 3.80 -43.41
CA GLU A 295 9.60 4.74 -43.22
C GLU A 295 8.49 4.17 -42.33
N ASP A 296 8.46 2.84 -42.22
CA ASP A 296 7.42 2.16 -41.46
C ASP A 296 7.59 2.40 -39.95
N LEU A 297 8.71 2.97 -39.57
CA LEU A 297 9.05 3.15 -38.16
C LEU A 297 8.70 4.55 -37.66
N VAL A 298 8.55 5.49 -38.59
CA VAL A 298 8.09 6.84 -38.26
C VAL A 298 6.72 6.80 -37.61
N GLY A 299 6.65 7.21 -36.35
CA GLY A 299 5.42 7.10 -35.57
C GLY A 299 5.52 6.04 -34.49
N LYS A 300 6.48 5.13 -34.65
CA LYS A 300 6.81 4.17 -33.60
C LYS A 300 7.73 4.79 -32.56
N SER A 301 7.87 4.12 -31.42
CA SER A 301 8.70 4.62 -30.33
C SER A 301 9.66 3.56 -29.82
N LEU A 302 10.84 4.00 -29.40
CA LEU A 302 11.85 3.10 -28.85
C LEU A 302 11.84 3.11 -27.33
N TYR A 303 12.35 2.04 -26.72
CA TYR A 303 12.52 1.98 -25.28
C TYR A 303 13.82 1.29 -24.88
N VAL A 304 14.34 1.66 -23.71
CA VAL A 304 15.52 1.01 -23.15
C VAL A 304 15.20 0.34 -21.82
N SER A 305 15.87 -0.78 -21.56
CA SER A 305 15.82 -1.42 -20.25
C SER A 305 17.21 -1.58 -19.66
N ALA A 306 17.42 -1.02 -18.47
CA ALA A 306 18.74 -1.02 -17.85
C ALA A 306 18.73 -1.81 -16.54
N THR A 307 19.56 -2.84 -16.47
CA THR A 307 19.74 -3.61 -15.24
C THR A 307 21.16 -3.42 -14.72
N VAL A 308 21.28 -2.81 -13.54
CA VAL A 308 22.58 -2.50 -12.97
C VAL A 308 22.88 -3.37 -11.75
N ILE A 309 23.82 -4.30 -11.92
CA ILE A 309 24.27 -5.14 -10.81
C ILE A 309 25.55 -4.59 -10.19
N LEU A 310 25.53 -4.42 -8.88
CA LEU A 310 26.67 -3.89 -8.15
C LEU A 310 27.88 -4.80 -8.29
N HIS A 311 29.08 -4.23 -8.10
CA HIS A 311 30.31 -5.03 -8.08
C HIS A 311 30.56 -5.61 -6.70
N SER A 312 30.09 -4.92 -5.66
CA SER A 312 30.23 -5.38 -4.29
C SER A 312 29.20 -6.46 -3.98
N GLY A 313 27.94 -6.05 -3.87
CA GLY A 313 26.87 -6.98 -3.52
C GLY A 313 26.19 -7.59 -4.72
N SER A 314 25.13 -8.35 -4.47
CA SER A 314 24.30 -8.89 -5.53
C SER A 314 23.16 -7.93 -5.86
N ASP A 315 23.08 -6.84 -5.10
CA ASP A 315 22.01 -5.86 -5.24
C ASP A 315 21.89 -5.36 -6.66
N MET A 316 20.66 -5.13 -7.11
CA MET A 316 20.40 -4.89 -8.53
C MET A 316 19.16 -4.01 -8.69
N VAL A 317 19.32 -2.91 -9.43
CA VAL A 317 18.21 -2.02 -9.71
C VAL A 317 17.91 -2.00 -11.22
N GLN A 318 16.64 -1.90 -11.56
CA GLN A 318 16.22 -1.81 -12.96
C GLN A 318 15.65 -0.43 -13.29
N ALA A 319 15.81 -0.01 -14.54
CA ALA A 319 15.34 1.30 -14.98
C ALA A 319 14.92 1.27 -16.44
N GLU A 320 13.83 1.96 -16.76
CA GLU A 320 13.26 1.94 -18.10
C GLU A 320 12.94 3.36 -18.58
N ARG A 321 13.53 3.73 -19.72
CA ARG A 321 13.13 4.93 -20.43
C ARG A 321 12.47 4.55 -21.76
N SER A 322 11.16 4.78 -21.85
CA SER A 322 10.42 4.46 -23.07
C SER A 322 9.75 5.70 -23.66
N GLY A 323 9.09 5.51 -24.79
CA GLY A 323 8.39 6.60 -25.46
C GLY A 323 9.31 7.53 -26.22
N ILE A 324 10.53 7.06 -26.50
CA ILE A 324 11.43 7.77 -27.40
C ILE A 324 10.89 7.74 -28.82
N PRO A 325 10.39 8.89 -29.28
CA PRO A 325 9.68 8.96 -30.54
C PRO A 325 10.61 8.84 -31.74
N ILE A 326 10.30 7.92 -32.65
CA ILE A 326 10.96 7.87 -33.94
C ILE A 326 10.33 8.90 -34.88
N VAL A 327 11.14 9.81 -35.41
CA VAL A 327 10.64 10.91 -36.21
C VAL A 327 11.39 11.04 -37.54
N THR A 328 10.72 11.60 -38.54
CA THR A 328 11.39 12.00 -39.77
C THR A 328 11.88 13.44 -39.67
N SER A 329 11.47 14.13 -38.62
CA SER A 329 11.87 15.51 -38.38
C SER A 329 11.80 15.86 -36.90
N PRO A 330 12.80 16.59 -36.41
CA PRO A 330 12.85 17.01 -35.01
C PRO A 330 11.67 17.92 -34.64
N TYR A 331 10.90 18.34 -35.64
CA TYR A 331 9.77 19.23 -35.42
C TYR A 331 8.49 18.69 -36.04
N GLN A 332 7.35 19.09 -35.48
CA GLN A 332 6.06 18.85 -36.11
C GLN A 332 5.43 20.16 -36.57
N ILE A 333 4.48 20.06 -37.49
CA ILE A 333 3.70 21.22 -37.91
C ILE A 333 2.21 20.89 -37.91
N HIS A 334 1.42 21.76 -37.28
CA HIS A 334 -0.01 21.51 -37.11
C HIS A 334 -0.85 22.65 -37.66
N PHE A 335 -2.04 22.31 -38.16
CA PHE A 335 -3.00 23.30 -38.63
C PHE A 335 -4.28 23.23 -37.80
N THR A 336 -4.16 22.78 -36.55
CA THR A 336 -5.31 22.66 -35.67
C THR A 336 -5.80 24.02 -35.18
N LYS A 337 -4.93 25.03 -35.29
CA LYS A 337 -5.28 26.39 -34.87
C LYS A 337 -5.84 27.20 -36.04
N THR A 338 -5.51 26.79 -37.27
CA THR A 338 -5.88 27.55 -38.46
C THR A 338 -7.31 27.23 -38.89
N PRO A 339 -8.05 28.28 -39.25
CA PRO A 339 -9.37 28.12 -39.87
C PRO A 339 -9.32 27.24 -41.11
N LYS A 340 -10.44 26.60 -41.43
CA LYS A 340 -10.51 25.67 -42.55
C LYS A 340 -11.23 26.27 -43.76
N TYR A 341 -11.46 27.58 -43.70
CA TYR A 341 -12.22 28.26 -44.75
C TYR A 341 -11.61 29.60 -45.12
N PHE A 342 -11.41 29.83 -46.41
CA PHE A 342 -10.79 31.05 -46.89
C PHE A 342 -11.74 31.89 -47.73
N LYS A 343 -11.41 33.17 -47.88
CA LYS A 343 -12.23 34.09 -48.68
C LYS A 343 -11.48 34.51 -49.94
N PRO A 344 -11.91 33.99 -51.09
CA PRO A 344 -11.24 34.26 -52.36
C PRO A 344 -11.10 35.76 -52.66
N GLY A 345 -9.87 36.19 -52.90
CA GLY A 345 -9.59 37.60 -53.11
C GLY A 345 -8.88 38.22 -51.91
N MET A 346 -9.37 37.92 -50.72
CA MET A 346 -8.77 38.41 -49.48
C MET A 346 -7.54 37.58 -49.11
N PRO A 347 -6.62 38.18 -48.35
CA PRO A 347 -5.50 37.45 -47.78
C PRO A 347 -5.97 36.34 -46.84
N PHE A 348 -5.14 35.31 -46.69
CA PHE A 348 -5.46 34.20 -45.80
C PHE A 348 -4.35 33.99 -44.76
N ASP A 349 -4.71 34.15 -43.48
CA ASP A 349 -3.74 34.06 -42.39
C ASP A 349 -3.65 32.64 -41.85
N LEU A 350 -2.43 32.12 -41.76
CA LEU A 350 -2.19 30.80 -41.21
C LEU A 350 -1.71 30.89 -39.76
N MET A 351 -2.25 30.02 -38.91
CA MET A 351 -1.78 29.88 -37.54
C MET A 351 -0.99 28.59 -37.37
N VAL A 352 0.23 28.57 -37.88
CA VAL A 352 1.08 27.39 -37.86
C VAL A 352 1.49 27.04 -36.44
N PHE A 353 1.26 25.78 -36.06
CA PHE A 353 1.61 25.29 -34.72
C PHE A 353 2.77 24.31 -34.79
N VAL A 354 3.88 24.67 -34.17
CA VAL A 354 5.12 23.88 -34.26
C VAL A 354 5.48 23.27 -32.90
N THR A 355 5.51 21.94 -32.85
CA THR A 355 5.79 21.22 -31.62
C THR A 355 7.00 20.30 -31.76
N ASN A 356 7.66 20.04 -30.64
CA ASN A 356 8.64 18.96 -30.55
C ASN A 356 7.95 17.59 -30.59
N PRO A 357 8.74 16.54 -30.81
CA PRO A 357 8.19 15.19 -30.96
C PRO A 357 7.39 14.74 -29.74
N ASP A 358 7.63 15.35 -28.59
CA ASP A 358 7.01 14.92 -27.33
C ASP A 358 5.64 15.55 -27.12
N GLY A 359 5.48 16.82 -27.52
CA GLY A 359 4.22 17.52 -27.37
C GLY A 359 4.39 18.99 -27.07
N SER A 360 5.51 19.34 -26.43
CA SER A 360 5.78 20.71 -26.02
C SER A 360 6.19 21.59 -27.20
N PRO A 361 5.81 22.86 -27.15
CA PRO A 361 6.08 23.80 -28.24
C PRO A 361 7.57 24.10 -28.42
N ALA A 362 7.96 24.51 -29.62
CA ALA A 362 9.37 24.79 -29.92
C ALA A 362 9.59 26.26 -30.25
N TYR A 363 10.50 26.89 -29.53
CA TYR A 363 10.74 28.32 -29.66
C TYR A 363 11.67 28.63 -30.83
N ARG A 364 11.33 29.66 -31.60
CA ARG A 364 12.17 30.15 -32.69
C ARG A 364 12.35 29.11 -33.79
N VAL A 365 11.30 28.88 -34.56
CA VAL A 365 11.35 27.99 -35.71
C VAL A 365 11.00 28.73 -36.99
N PRO A 366 12.01 29.12 -37.76
CA PRO A 366 11.81 29.81 -39.03
C PRO A 366 11.02 28.98 -40.02
N VAL A 367 9.85 29.47 -40.42
CA VAL A 367 8.94 28.73 -41.29
C VAL A 367 8.50 29.55 -42.50
N ALA A 368 8.20 28.87 -43.60
CA ALA A 368 7.74 29.52 -44.82
C ALA A 368 6.74 28.64 -45.57
N VAL A 369 6.06 29.22 -46.55
CA VAL A 369 5.02 28.52 -47.30
C VAL A 369 5.56 27.94 -48.61
N GLN A 370 5.12 26.74 -48.95
CA GLN A 370 5.50 26.11 -50.21
C GLN A 370 4.91 26.86 -51.41
N GLY A 371 5.53 26.68 -52.57
CA GLY A 371 5.12 27.38 -53.77
C GLY A 371 5.64 28.81 -53.81
N GLU A 372 5.34 29.56 -52.76
CA GLU A 372 5.89 30.90 -52.59
C GLU A 372 6.36 31.11 -51.15
N ASP A 373 7.67 30.99 -50.94
CA ASP A 373 8.26 31.23 -49.61
C ASP A 373 8.76 32.66 -49.48
N THR A 374 10.01 32.81 -49.05
CA THR A 374 10.55 34.10 -48.67
C THR A 374 9.74 34.72 -47.52
N VAL A 375 9.99 36.01 -47.25
CA VAL A 375 9.31 36.70 -46.17
C VAL A 375 9.55 36.04 -44.81
N GLN A 376 9.08 34.80 -44.66
CA GLN A 376 9.40 33.98 -43.51
C GLN A 376 8.76 34.52 -42.23
N SER A 377 9.01 33.84 -41.11
CA SER A 377 8.52 34.28 -39.80
C SER A 377 9.32 33.65 -38.67
N LEU A 378 8.97 34.02 -37.44
CA LEU A 378 9.65 33.49 -36.25
C LEU A 378 8.65 33.03 -35.19
N THR A 379 8.81 31.79 -34.72
CA THR A 379 7.90 31.20 -33.76
C THR A 379 8.04 31.86 -32.39
N GLN A 380 6.91 32.09 -31.73
CA GLN A 380 6.90 32.56 -30.34
C GLN A 380 7.12 31.41 -29.37
N GLY A 381 6.98 31.69 -28.08
CA GLY A 381 7.18 30.69 -27.04
C GLY A 381 6.07 29.66 -26.97
N ASP A 382 4.88 30.04 -27.42
CA ASP A 382 3.73 29.15 -27.42
C ASP A 382 3.69 28.27 -28.67
N GLY A 383 4.74 28.36 -29.48
CA GLY A 383 4.93 27.44 -30.60
C GLY A 383 4.10 27.80 -31.82
N VAL A 384 3.64 29.05 -31.88
CA VAL A 384 2.81 29.52 -32.99
C VAL A 384 3.49 30.65 -33.75
N ALA A 385 3.34 30.63 -35.07
CA ALA A 385 3.77 31.73 -35.92
C ALA A 385 2.76 31.98 -37.03
N LYS A 386 2.60 33.23 -37.43
CA LYS A 386 1.62 33.60 -38.43
C LYS A 386 2.23 33.74 -39.83
N LEU A 387 1.53 33.21 -40.82
CA LEU A 387 1.97 33.29 -42.21
C LEU A 387 0.81 33.57 -43.15
N SER A 388 0.93 34.62 -43.95
CA SER A 388 -0.15 35.06 -44.84
C SER A 388 0.21 34.85 -46.30
N ILE A 389 -0.78 34.41 -47.09
CA ILE A 389 -0.62 34.28 -48.53
C ILE A 389 -1.80 34.89 -49.28
N ASN A 390 -1.53 35.94 -50.06
CA ASN A 390 -2.54 36.53 -50.92
C ASN A 390 -2.75 35.70 -52.19
N THR A 391 -3.93 35.11 -52.33
CA THR A 391 -4.26 34.31 -53.50
C THR A 391 -5.38 34.94 -54.31
N HIS A 392 -5.53 34.47 -55.55
CA HIS A 392 -6.48 35.06 -56.50
C HIS A 392 -7.92 34.78 -56.08
N PRO A 393 -8.83 35.67 -56.50
CA PRO A 393 -10.26 35.46 -56.29
C PRO A 393 -10.79 34.27 -57.08
N SER A 394 -10.48 33.06 -56.60
CA SER A 394 -10.85 31.84 -57.31
C SER A 394 -11.82 30.99 -56.48
N GLN A 395 -12.78 30.37 -57.15
CA GLN A 395 -13.76 29.53 -56.49
C GLN A 395 -13.17 28.16 -56.13
N LYS A 396 -12.01 27.85 -56.71
CA LYS A 396 -11.34 26.58 -56.46
C LYS A 396 -10.81 26.50 -55.04
N PRO A 397 -10.94 25.32 -54.43
CA PRO A 397 -10.42 25.07 -53.08
C PRO A 397 -8.91 25.31 -53.00
N LEU A 398 -8.47 25.92 -51.90
CA LEU A 398 -7.06 26.24 -51.72
C LEU A 398 -6.35 25.15 -50.93
N SER A 399 -5.25 24.64 -51.50
CA SER A 399 -4.41 23.69 -50.80
C SER A 399 -3.07 24.32 -50.45
N ILE A 400 -2.80 24.45 -49.15
CA ILE A 400 -1.59 25.09 -48.65
C ILE A 400 -0.63 24.07 -48.04
N THR A 401 0.66 24.31 -48.21
CA THR A 401 1.69 23.49 -47.57
C THR A 401 2.74 24.38 -46.90
N VAL A 402 3.00 24.13 -45.63
CA VAL A 402 3.98 24.91 -44.87
C VAL A 402 5.15 24.04 -44.43
N ARG A 403 6.34 24.38 -44.90
CA ARG A 403 7.57 23.72 -44.47
C ARG A 403 8.29 24.55 -43.40
N THR A 404 9.23 23.91 -42.71
CA THR A 404 10.13 24.64 -41.81
C THR A 404 11.52 24.77 -42.42
N LYS A 405 12.22 25.84 -42.05
CA LYS A 405 13.55 26.12 -42.59
C LYS A 405 14.50 26.60 -41.50
N LYS A 406 14.80 25.73 -40.54
CA LYS A 406 15.68 26.06 -39.44
C LYS A 406 17.14 25.97 -39.87
N GLN A 407 17.92 26.99 -39.53
CA GLN A 407 19.35 26.99 -39.80
C GLN A 407 20.07 25.92 -38.97
N GLU A 408 21.08 25.31 -39.57
CA GLU A 408 21.80 24.19 -38.95
C GLU A 408 20.94 22.94 -38.84
N LEU A 409 20.00 22.80 -39.76
CA LEU A 409 19.36 21.51 -40.03
C LEU A 409 19.33 21.25 -41.52
N SER A 410 19.61 20.01 -41.91
CA SER A 410 19.67 19.63 -43.33
C SER A 410 18.28 19.68 -43.96
N GLU A 411 18.25 19.84 -45.29
CA GLU A 411 16.99 20.01 -46.02
C GLU A 411 16.11 18.77 -45.96
N ALA A 412 16.73 17.62 -45.73
CA ALA A 412 16.01 16.35 -45.63
C ALA A 412 15.60 16.05 -44.19
N GLU A 413 15.87 17.00 -43.29
CA GLU A 413 15.55 16.82 -41.87
C GLU A 413 14.33 17.63 -41.45
N GLN A 414 13.93 18.57 -42.31
CA GLN A 414 12.84 19.49 -41.98
C GLN A 414 11.49 18.78 -41.99
N ALA A 415 10.46 19.49 -41.55
CA ALA A 415 9.10 18.94 -41.51
C ALA A 415 8.22 19.58 -42.57
N THR A 416 7.26 18.81 -43.08
CA THR A 416 6.27 19.33 -44.01
C THR A 416 4.85 18.90 -43.61
N ARG A 417 3.87 19.73 -43.94
CA ARG A 417 2.48 19.46 -43.60
C ARG A 417 1.53 20.15 -44.56
N THR A 418 0.49 19.43 -44.98
CA THR A 418 -0.49 19.97 -45.92
C THR A 418 -1.87 20.07 -45.26
N MET A 419 -2.60 21.12 -45.62
CA MET A 419 -4.01 21.24 -45.24
C MET A 419 -4.87 21.58 -46.46
N GLN A 420 -6.17 21.41 -46.32
CA GLN A 420 -7.12 21.79 -47.37
C GLN A 420 -8.10 22.84 -46.86
N ALA A 421 -8.13 23.99 -47.54
CA ALA A 421 -9.04 25.07 -47.17
C ALA A 421 -10.11 25.31 -48.23
N LEU A 422 -11.36 25.17 -47.83
CA LEU A 422 -12.49 25.32 -48.75
C LEU A 422 -12.91 26.79 -48.85
N PRO A 423 -13.58 27.14 -49.95
CA PRO A 423 -14.01 28.52 -50.17
C PRO A 423 -15.21 28.91 -49.31
N TYR A 424 -15.53 30.21 -49.30
CA TYR A 424 -16.66 30.73 -48.55
C TYR A 424 -17.98 30.27 -49.17
N SER A 425 -18.84 31.22 -49.54
CA SER A 425 -20.05 30.93 -50.27
C SER A 425 -20.73 32.19 -50.79
N THR A 426 -20.92 33.16 -49.88
CA THR A 426 -21.69 34.36 -50.18
C THR A 426 -22.96 34.04 -50.99
N VAL A 427 -23.85 33.28 -50.37
CA VAL A 427 -25.11 32.88 -51.01
C VAL A 427 -25.96 34.10 -51.35
N GLY A 428 -26.27 34.28 -52.64
CA GLY A 428 -25.84 33.33 -53.67
C GLY A 428 -24.99 33.99 -54.73
N ASN A 429 -23.70 33.64 -54.75
CA ASN A 429 -22.77 34.15 -55.75
C ASN A 429 -22.81 35.67 -55.90
N SER A 430 -22.35 36.37 -54.87
CA SER A 430 -22.26 37.83 -54.93
C SER A 430 -20.84 38.30 -54.63
N ASN A 431 -20.01 37.39 -54.10
CA ASN A 431 -18.59 37.66 -53.89
C ASN A 431 -18.31 38.87 -53.00
N ASN A 432 -19.03 38.96 -51.89
CA ASN A 432 -18.79 39.99 -50.89
C ASN A 432 -18.42 39.39 -49.54
N TYR A 433 -17.23 39.73 -49.06
CA TYR A 433 -16.63 39.01 -47.93
C TYR A 433 -16.33 39.94 -46.75
N LEU A 434 -16.04 39.35 -45.60
CA LEU A 434 -15.44 40.06 -44.48
C LEU A 434 -14.27 39.27 -43.91
N HIS A 435 -13.15 39.94 -43.71
CA HIS A 435 -11.94 39.29 -43.19
C HIS A 435 -11.48 39.90 -41.88
N LEU A 436 -11.37 39.07 -40.84
CA LEU A 436 -10.82 39.49 -39.56
C LEU A 436 -9.38 39.02 -39.42
N SER A 437 -8.48 39.96 -39.12
CA SER A 437 -7.07 39.63 -38.93
C SER A 437 -6.54 40.17 -37.61
N VAL A 438 -5.74 39.35 -36.93
CA VAL A 438 -5.21 39.71 -35.61
C VAL A 438 -3.70 39.50 -35.59
N LEU A 439 -2.99 40.33 -34.83
CA LEU A 439 -1.57 40.15 -34.60
C LEU A 439 -1.32 39.01 -33.60
N ARG A 440 -0.38 38.14 -33.93
CA ARG A 440 -0.06 37.00 -33.07
C ARG A 440 1.04 37.34 -32.07
N THR A 441 0.65 37.51 -30.81
CA THR A 441 1.57 37.94 -29.77
C THR A 441 1.45 37.09 -28.51
N GLU A 442 2.34 37.33 -27.55
CA GLU A 442 2.23 36.73 -26.23
C GLU A 442 1.37 37.62 -25.31
N LEU A 443 0.14 37.87 -25.74
CA LEU A 443 -0.66 38.96 -25.15
C LEU A 443 -1.14 38.67 -23.74
N ARG A 444 -0.95 39.64 -22.85
CA ARG A 444 -1.26 39.48 -21.44
C ARG A 444 -2.36 40.43 -21.01
N PRO A 445 -3.24 39.99 -20.12
CA PRO A 445 -4.37 40.79 -19.66
C PRO A 445 -3.94 42.17 -19.18
N GLY A 446 -4.65 43.20 -19.61
CA GLY A 446 -4.29 44.58 -19.31
C GLY A 446 -3.77 45.32 -20.52
N GLU A 447 -3.21 44.57 -21.47
CA GLU A 447 -2.72 45.15 -22.73
C GLU A 447 -3.88 45.44 -23.68
N THR A 448 -3.56 46.10 -24.79
CA THR A 448 -4.56 46.36 -25.83
C THR A 448 -4.23 45.60 -27.12
N LEU A 449 -5.27 45.19 -27.84
CA LEU A 449 -5.09 44.41 -29.06
C LEU A 449 -5.88 45.00 -30.23
N ASN A 450 -5.17 45.34 -31.30
CA ASN A 450 -5.80 45.83 -32.53
C ASN A 450 -6.44 44.71 -33.33
N VAL A 451 -7.68 44.93 -33.76
CA VAL A 451 -8.40 43.95 -34.58
C VAL A 451 -8.78 44.56 -35.93
N ASN A 452 -8.38 43.91 -37.01
CA ASN A 452 -8.51 44.48 -38.34
C ASN A 452 -9.74 43.96 -39.09
N PHE A 453 -10.61 44.88 -39.49
CA PHE A 453 -11.81 44.55 -40.26
C PHE A 453 -11.59 44.85 -41.74
N LEU A 454 -11.29 43.81 -42.52
CA LEU A 454 -11.08 43.97 -43.95
C LEU A 454 -12.37 43.77 -44.73
N LEU A 455 -12.66 44.70 -45.64
CA LEU A 455 -13.87 44.62 -46.47
C LEU A 455 -13.52 44.31 -47.91
N ARG A 456 -14.26 43.39 -48.51
CA ARG A 456 -14.14 43.11 -49.94
C ARG A 456 -15.50 42.91 -50.58
N MET A 457 -15.93 43.89 -51.38
CA MET A 457 -17.21 43.84 -52.05
C MET A 457 -17.23 44.75 -53.28
N ASP A 458 -18.24 44.58 -54.13
CA ASP A 458 -18.40 45.41 -55.32
C ASP A 458 -18.58 46.88 -54.95
N ARG A 459 -18.03 47.77 -55.77
CA ARG A 459 -18.04 49.19 -55.48
C ARG A 459 -19.38 49.83 -55.82
N ALA A 460 -20.42 49.42 -55.10
CA ALA A 460 -21.77 49.94 -55.32
C ALA A 460 -22.53 50.05 -54.00
N HIS A 461 -22.37 49.05 -53.15
CA HIS A 461 -23.06 49.00 -51.86
C HIS A 461 -22.08 49.12 -50.71
N GLU A 462 -20.90 49.67 -50.99
CA GLU A 462 -19.83 49.76 -49.99
C GLU A 462 -19.90 51.06 -49.19
N ALA A 463 -20.83 51.93 -49.55
CA ALA A 463 -21.04 53.18 -48.83
C ALA A 463 -22.20 53.06 -47.83
N LYS A 464 -23.02 52.03 -48.01
CA LYS A 464 -24.17 51.81 -47.15
C LYS A 464 -23.78 51.18 -45.82
N ILE A 465 -22.72 50.39 -45.83
CA ILE A 465 -22.20 49.74 -44.62
C ILE A 465 -21.58 50.77 -43.69
N ARG A 466 -22.24 51.02 -42.56
CA ARG A 466 -21.84 52.09 -41.67
C ARG A 466 -21.17 51.56 -40.39
N TYR A 467 -21.57 50.37 -39.96
CA TYR A 467 -21.09 49.81 -38.71
C TYR A 467 -20.80 48.31 -38.81
N TYR A 468 -19.84 47.85 -38.02
CA TYR A 468 -19.62 46.43 -37.81
C TYR A 468 -20.06 46.04 -36.39
N THR A 469 -20.83 44.98 -36.30
CA THR A 469 -21.15 44.37 -35.01
C THR A 469 -20.14 43.27 -34.68
N TYR A 470 -19.46 43.42 -33.55
CA TYR A 470 -18.52 42.40 -33.10
C TYR A 470 -18.98 41.77 -31.79
N LEU A 471 -18.79 40.46 -31.68
CA LEU A 471 -19.25 39.72 -30.50
C LEU A 471 -18.14 38.84 -29.91
N ILE A 472 -18.00 38.89 -28.59
CA ILE A 472 -16.98 38.12 -27.90
C ILE A 472 -17.57 36.84 -27.30
N MET A 473 -16.93 35.71 -27.60
CA MET A 473 -17.33 34.44 -27.02
C MET A 473 -16.22 33.86 -26.15
N ASN A 474 -16.45 33.83 -24.85
CA ASN A 474 -15.45 33.35 -23.91
C ASN A 474 -15.97 32.23 -23.01
N LYS A 475 -15.24 31.11 -22.98
CA LYS A 475 -15.60 29.97 -22.15
C LYS A 475 -17.04 29.51 -22.39
N GLY A 476 -17.44 29.46 -23.67
CA GLY A 476 -18.75 28.94 -24.04
C GLY A 476 -19.88 29.94 -23.87
N ARG A 477 -19.64 30.98 -23.07
CA ARG A 477 -20.63 32.01 -22.84
C ARG A 477 -20.38 33.22 -23.74
N LEU A 478 -21.39 34.08 -23.85
CA LEU A 478 -21.22 35.38 -24.50
C LEU A 478 -20.68 36.40 -23.49
N LEU A 479 -19.63 37.11 -23.88
CA LEU A 479 -18.87 37.94 -22.95
C LEU A 479 -19.20 39.42 -23.10
N LYS A 480 -18.73 40.02 -24.20
CA LYS A 480 -18.93 41.44 -24.46
C LYS A 480 -19.54 41.70 -25.83
N ALA A 481 -20.25 42.81 -25.96
CA ALA A 481 -20.84 43.22 -27.23
C ALA A 481 -20.64 44.71 -27.47
N GLY A 482 -20.62 45.09 -28.75
CA GLY A 482 -20.46 46.50 -29.12
C GLY A 482 -20.55 46.75 -30.61
N ARG A 483 -19.98 47.87 -31.06
CA ARG A 483 -20.07 48.27 -32.45
C ARG A 483 -18.75 48.87 -32.94
N GLN A 484 -18.60 48.94 -34.27
CA GLN A 484 -17.42 49.55 -34.88
C GLN A 484 -17.82 50.45 -36.04
N VAL A 485 -17.56 51.75 -35.89
CA VAL A 485 -17.99 52.74 -36.88
C VAL A 485 -17.14 52.70 -38.15
N ARG A 486 -17.75 53.09 -39.27
CA ARG A 486 -17.06 53.05 -40.56
C ARG A 486 -17.47 54.22 -41.44
N GLU A 487 -16.47 54.98 -41.90
CA GLU A 487 -16.68 56.04 -42.88
C GLU A 487 -16.73 55.46 -44.29
N PRO A 488 -17.79 55.79 -45.03
CA PRO A 488 -18.00 55.24 -46.37
C PRO A 488 -16.75 55.34 -47.24
N GLY A 489 -16.39 54.21 -47.86
CA GLY A 489 -15.21 54.17 -48.74
C GLY A 489 -14.00 53.56 -48.06
N GLN A 490 -14.15 53.26 -46.77
CA GLN A 490 -13.04 52.70 -45.99
C GLN A 490 -12.88 51.22 -46.26
N ASP A 491 -11.65 50.81 -46.56
CA ASP A 491 -11.37 49.41 -46.89
C ASP A 491 -10.94 48.61 -45.65
N LEU A 492 -10.50 49.33 -44.62
CA LEU A 492 -10.08 48.70 -43.37
C LEU A 492 -10.45 49.57 -42.16
N VAL A 493 -11.02 48.93 -41.15
CA VAL A 493 -11.27 49.59 -39.86
C VAL A 493 -10.64 48.79 -38.73
N VAL A 494 -10.09 49.51 -37.75
CA VAL A 494 -9.42 48.87 -36.62
C VAL A 494 -10.24 49.03 -35.34
N LEU A 495 -10.24 47.99 -34.50
CA LEU A 495 -10.95 48.03 -33.23
C LEU A 495 -9.98 47.90 -32.06
N PRO A 496 -9.96 48.91 -31.20
CA PRO A 496 -9.16 48.87 -29.97
C PRO A 496 -9.83 48.07 -28.87
N LEU A 497 -9.47 46.80 -28.74
CA LEU A 497 -10.07 45.91 -27.76
C LEU A 497 -9.17 45.72 -26.55
N SER A 498 -9.69 46.09 -25.38
CA SER A 498 -8.91 46.04 -24.14
C SER A 498 -9.07 44.70 -23.43
N ILE A 499 -8.03 43.88 -23.50
CA ILE A 499 -8.08 42.53 -22.94
C ILE A 499 -7.91 42.54 -21.42
N THR A 500 -8.84 41.91 -20.71
CA THR A 500 -8.76 41.80 -19.26
C THR A 500 -8.59 40.34 -18.84
N THR A 501 -8.70 40.09 -17.53
CA THR A 501 -8.64 38.72 -17.01
C THR A 501 -9.94 37.97 -17.26
N ASP A 502 -10.72 38.44 -18.23
CA ASP A 502 -11.98 37.81 -18.58
C ASP A 502 -11.87 37.01 -19.88
N PHE A 503 -10.68 37.01 -20.48
CA PHE A 503 -10.48 36.42 -21.80
C PHE A 503 -9.68 35.13 -21.73
N ILE A 504 -9.07 34.88 -20.57
CA ILE A 504 -8.42 33.60 -20.30
C ILE A 504 -9.47 32.49 -20.25
N PRO A 505 -9.19 31.34 -20.86
CA PRO A 505 -7.89 31.08 -21.48
C PRO A 505 -7.84 31.49 -22.95
N SER A 506 -9.00 31.52 -23.60
CA SER A 506 -9.10 31.93 -25.00
C SER A 506 -10.47 32.50 -25.31
N PHE A 507 -10.54 33.36 -26.33
CA PHE A 507 -11.80 33.99 -26.71
C PHE A 507 -12.00 33.96 -28.22
N ARG A 508 -13.25 33.81 -28.64
CA ARG A 508 -13.60 33.90 -30.05
C ARG A 508 -14.13 35.30 -30.37
N LEU A 509 -14.00 35.71 -31.63
CA LEU A 509 -14.52 37.00 -32.08
C LEU A 509 -15.31 36.84 -33.38
N VAL A 510 -16.61 37.09 -33.31
CA VAL A 510 -17.46 37.05 -34.49
C VAL A 510 -17.88 38.46 -34.90
N ALA A 511 -17.68 38.79 -36.17
CA ALA A 511 -18.10 40.08 -36.72
C ALA A 511 -18.93 39.88 -37.98
N TYR A 512 -19.97 40.70 -38.12
CA TYR A 512 -20.85 40.63 -39.28
C TYR A 512 -21.39 42.00 -39.67
N TYR A 513 -21.84 42.11 -40.92
CA TYR A 513 -22.57 43.29 -41.36
C TYR A 513 -23.76 42.91 -42.24
N THR A 514 -24.81 43.73 -42.20
CA THR A 514 -26.04 43.45 -42.92
C THR A 514 -26.51 44.67 -43.71
N LEU A 515 -27.20 44.44 -44.82
CA LEU A 515 -27.61 45.52 -45.71
C LEU A 515 -28.66 45.05 -46.72
N ILE A 516 -29.20 46.00 -47.48
CA ILE A 516 -29.99 45.69 -48.66
C ILE A 516 -29.09 45.20 -49.78
N GLY A 517 -29.39 44.01 -50.30
CA GLY A 517 -28.43 43.26 -51.10
C GLY A 517 -28.18 43.84 -52.48
N ALA A 518 -27.32 43.18 -53.26
CA ALA A 518 -26.94 43.65 -54.59
C ALA A 518 -28.05 43.36 -55.61
N SER A 519 -28.71 42.21 -55.44
CA SER A 519 -29.79 41.83 -56.33
C SER A 519 -31.13 42.36 -55.82
N GLY A 520 -31.44 42.07 -54.57
CA GLY A 520 -32.69 42.50 -53.95
C GLY A 520 -32.91 41.90 -52.58
N GLN A 521 -32.36 40.70 -52.36
CA GLN A 521 -32.51 39.99 -51.09
C GLN A 521 -31.53 40.51 -50.05
N ARG A 522 -31.74 40.11 -48.80
CA ARG A 522 -30.87 40.52 -47.70
C ARG A 522 -29.51 39.81 -47.78
N GLU A 523 -28.45 40.57 -47.51
CA GLU A 523 -27.11 39.98 -47.39
C GLU A 523 -26.53 40.19 -45.99
N VAL A 524 -26.13 39.09 -45.36
CA VAL A 524 -25.50 39.14 -44.05
C VAL A 524 -24.19 38.35 -44.05
N VAL A 525 -23.08 39.04 -44.33
CA VAL A 525 -21.77 38.42 -44.35
C VAL A 525 -21.18 38.37 -42.94
N ALA A 526 -20.51 37.26 -42.63
CA ALA A 526 -19.96 37.06 -41.29
C ALA A 526 -18.60 36.37 -41.32
N ASP A 527 -17.83 36.55 -40.25
CA ASP A 527 -16.57 35.84 -40.07
C ASP A 527 -16.22 35.72 -38.58
N SER A 528 -15.44 34.71 -38.24
CA SER A 528 -15.00 34.49 -36.86
C SER A 528 -13.50 34.21 -36.79
N VAL A 529 -12.89 34.59 -35.67
CA VAL A 529 -11.47 34.34 -35.45
C VAL A 529 -11.19 33.93 -34.01
N TRP A 530 -10.16 33.09 -33.82
CA TRP A 530 -9.81 32.57 -32.50
C TRP A 530 -8.48 33.14 -32.03
N VAL A 531 -8.46 33.66 -30.80
CA VAL A 531 -7.26 34.26 -30.23
C VAL A 531 -6.94 33.67 -28.86
N ASP A 532 -5.72 33.18 -28.70
CA ASP A 532 -5.26 32.61 -27.44
C ASP A 532 -4.52 33.67 -26.62
N VAL A 533 -4.93 33.82 -25.36
CA VAL A 533 -4.22 34.68 -24.42
C VAL A 533 -3.41 33.84 -23.43
N LYS A 534 -2.44 34.47 -22.78
CA LYS A 534 -1.58 33.79 -21.82
C LYS A 534 -2.40 33.02 -20.80
N ASP A 535 -2.26 31.69 -20.82
CA ASP A 535 -3.23 30.81 -20.17
C ASP A 535 -2.90 30.58 -18.70
N SER A 536 -2.92 31.66 -17.92
CA SER A 536 -2.55 31.60 -16.51
C SER A 536 -3.71 32.01 -15.59
N CYS A 537 -3.37 32.54 -14.42
CA CYS A 537 -4.35 32.74 -13.35
C CYS A 537 -5.24 33.96 -13.59
N VAL A 538 -6.43 33.93 -13.01
CA VAL A 538 -7.29 35.10 -12.94
C VAL A 538 -6.83 36.03 -11.82
N GLY A 539 -6.63 35.47 -10.63
CA GLY A 539 -5.87 36.13 -9.59
C GLY A 539 -4.40 35.74 -9.65
N SER A 540 -3.79 35.51 -8.49
CA SER A 540 -2.43 35.00 -8.43
C SER A 540 -2.13 34.33 -7.10
N LEU A 541 -1.16 33.43 -7.10
CA LEU A 541 -0.65 32.84 -5.87
C LEU A 541 0.83 32.50 -6.01
N VAL A 542 1.64 32.98 -5.07
CA VAL A 542 3.08 32.72 -5.08
C VAL A 542 3.54 32.18 -3.73
N VAL A 543 4.35 31.13 -3.78
CA VAL A 543 5.03 30.64 -2.58
C VAL A 543 6.53 30.88 -2.69
N LYS A 544 7.11 31.52 -1.69
CA LYS A 544 8.56 31.68 -1.58
C LYS A 544 9.00 31.69 -0.12
N SER A 545 10.31 31.68 0.09
CA SER A 545 10.86 31.68 1.44
C SER A 545 10.62 33.01 2.14
N GLY A 546 10.02 32.94 3.32
CA GLY A 546 9.66 34.15 4.08
C GLY A 546 10.86 34.77 4.77
N GLN A 547 11.80 33.92 5.19
CA GLN A 547 13.05 34.40 5.80
C GLN A 547 13.94 35.08 4.78
N SER A 548 14.83 35.95 5.26
CA SER A 548 15.63 36.80 4.39
C SER A 548 16.73 36.02 3.67
N GLU A 549 16.34 34.93 3.01
CA GLU A 549 17.27 34.12 2.22
C GLU A 549 18.31 33.42 3.12
N ASP A 550 19.32 34.19 3.55
CA ASP A 550 20.27 33.72 4.55
C ASP A 550 21.04 32.49 4.06
N ARG A 551 20.82 31.36 4.73
CA ARG A 551 21.43 30.10 4.34
C ARG A 551 20.38 29.01 4.17
N GLN A 552 20.81 27.86 3.64
CA GLN A 552 19.89 26.81 3.22
C GLN A 552 19.28 26.07 4.40
N PRO A 553 18.06 25.57 4.21
CA PRO A 553 17.35 24.81 5.24
C PRO A 553 18.13 23.60 5.74
N VAL A 554 17.93 23.26 7.00
CA VAL A 554 18.55 22.08 7.61
C VAL A 554 17.46 21.23 8.28
N PRO A 555 17.68 19.92 8.38
CA PRO A 555 16.67 19.02 8.93
C PRO A 555 16.20 19.43 10.33
N GLY A 556 14.89 19.38 10.54
CA GLY A 556 14.30 19.68 11.84
C GLY A 556 14.39 21.15 12.22
N GLN A 557 14.37 22.01 11.21
CA GLN A 557 14.60 23.44 11.43
C GLN A 557 13.32 24.25 11.25
N GLN A 558 13.25 25.37 11.97
CA GLN A 558 12.17 26.34 11.78
C GLN A 558 12.50 27.25 10.60
N MET A 559 11.57 27.33 9.65
CA MET A 559 11.72 28.26 8.53
C MET A 559 10.41 28.95 8.18
N THR A 560 10.52 30.12 7.53
CA THR A 560 9.37 30.96 7.26
C THR A 560 8.93 30.85 5.80
N LEU A 561 7.62 30.76 5.59
CA LEU A 561 7.06 30.65 4.25
C LEU A 561 6.18 31.86 3.93
N LYS A 562 6.47 32.52 2.81
CA LYS A 562 5.70 33.67 2.38
C LYS A 562 4.64 33.26 1.36
N ILE A 563 3.38 33.63 1.63
CA ILE A 563 2.29 33.37 0.72
C ILE A 563 1.72 34.68 0.15
N GLU A 564 1.91 34.89 -1.15
CA GLU A 564 1.39 36.07 -1.82
C GLU A 564 0.16 35.73 -2.65
N GLY A 565 -1.02 35.93 -2.08
CA GLY A 565 -2.26 35.57 -2.73
C GLY A 565 -3.28 36.71 -2.79
N ASP A 566 -4.52 36.37 -3.11
CA ASP A 566 -5.58 37.36 -3.24
C ASP A 566 -6.33 37.53 -1.93
N HIS A 567 -6.73 38.77 -1.64
CA HIS A 567 -7.41 39.08 -0.39
C HIS A 567 -8.64 38.19 -0.18
N GLY A 568 -8.78 37.67 1.04
CA GLY A 568 -9.93 36.86 1.39
C GLY A 568 -9.84 35.43 0.87
N ALA A 569 -8.92 35.21 -0.06
CA ALA A 569 -8.76 33.91 -0.71
C ALA A 569 -8.36 32.83 0.28
N ARG A 570 -8.80 31.60 0.01
CA ARG A 570 -8.41 30.44 0.82
C ARG A 570 -7.33 29.64 0.12
N VAL A 571 -6.26 29.35 0.85
CA VAL A 571 -5.11 28.61 0.30
C VAL A 571 -4.93 27.27 0.99
N VAL A 572 -4.96 26.20 0.21
CA VAL A 572 -4.70 24.86 0.73
C VAL A 572 -3.32 24.37 0.29
N LEU A 573 -2.57 23.82 1.24
CA LEU A 573 -1.17 23.48 1.01
C LEU A 573 -0.88 21.99 1.20
N VAL A 574 0.17 21.52 0.56
CA VAL A 574 0.76 20.23 0.86
C VAL A 574 2.24 20.23 0.51
N ALA A 575 3.03 19.46 1.25
CA ALA A 575 4.46 19.35 0.99
C ALA A 575 4.84 17.91 0.69
N VAL A 576 5.30 17.66 -0.53
CA VAL A 576 5.60 16.30 -0.98
C VAL A 576 7.07 16.14 -1.33
N ASP A 577 7.53 14.90 -1.34
CA ASP A 577 8.90 14.59 -1.77
C ASP A 577 9.05 14.80 -3.27
N LYS A 578 10.12 15.50 -3.65
CA LYS A 578 10.45 15.71 -5.06
C LYS A 578 10.48 14.40 -5.83
N GLY A 579 10.76 13.30 -5.13
CA GLY A 579 10.90 11.99 -5.75
C GLY A 579 9.60 11.43 -6.28
N VAL A 580 8.49 11.73 -5.60
CA VAL A 580 7.17 11.31 -6.07
C VAL A 580 6.51 12.38 -6.93
N PHE A 581 6.91 13.64 -6.73
CA PHE A 581 6.38 14.74 -7.51
C PHE A 581 6.87 14.67 -8.95
N VAL A 582 8.13 14.33 -9.13
CA VAL A 582 8.71 14.19 -10.46
C VAL A 582 8.36 12.84 -11.07
N LEU A 583 7.63 12.02 -10.31
CA LEU A 583 7.29 10.67 -10.73
C LEU A 583 5.88 10.60 -11.31
N ASN A 584 5.28 11.75 -11.57
CA ASN A 584 3.87 11.81 -11.93
C ASN A 584 3.51 10.98 -13.17
N LYS A 585 3.77 11.51 -14.37
CA LYS A 585 4.09 12.92 -14.58
C LYS A 585 2.98 13.58 -15.40
N LYS A 586 1.81 12.95 -15.42
CA LYS A 586 0.74 13.33 -16.35
C LYS A 586 -0.50 13.83 -15.62
N ASN A 587 -0.67 13.38 -14.38
CA ASN A 587 -1.78 13.82 -13.55
C ASN A 587 -1.48 15.09 -12.75
N LYS A 588 -0.44 15.81 -13.17
CA LYS A 588 -0.06 17.05 -12.51
C LYS A 588 -1.18 18.08 -12.59
N LEU A 589 -1.57 18.61 -11.44
CA LEU A 589 -2.63 19.63 -11.39
C LEU A 589 -2.06 21.02 -11.64
N THR A 590 -1.81 21.35 -12.91
CA THR A 590 -1.29 22.65 -13.29
C THR A 590 -2.44 23.64 -13.51
N GLN A 591 -2.09 24.91 -13.66
CA GLN A 591 -3.06 25.91 -14.09
C GLN A 591 -3.40 25.74 -15.57
N SER A 592 -2.39 25.43 -16.37
CA SER A 592 -2.57 25.14 -17.79
C SER A 592 -3.50 23.94 -17.99
N LYS A 593 -3.36 22.94 -17.12
CA LYS A 593 -4.16 21.73 -17.22
C LYS A 593 -5.61 21.96 -16.79
N ILE A 594 -5.83 23.04 -16.03
CA ILE A 594 -7.18 23.42 -15.64
C ILE A 594 -7.92 24.08 -16.80
N TRP A 595 -7.23 24.94 -17.53
CA TRP A 595 -7.81 25.62 -18.69
C TRP A 595 -8.03 24.66 -19.84
N ASP A 596 -7.19 23.62 -19.93
CA ASP A 596 -7.34 22.57 -20.93
C ASP A 596 -8.69 21.87 -20.82
N VAL A 597 -9.18 21.74 -19.58
CA VAL A 597 -10.48 21.12 -19.34
C VAL A 597 -11.62 22.07 -19.69
N VAL A 598 -11.33 23.37 -19.65
CA VAL A 598 -12.32 24.38 -20.03
C VAL A 598 -12.39 24.56 -21.54
N GLU A 599 -11.27 24.31 -22.21
CA GLU A 599 -11.21 24.40 -23.67
C GLU A 599 -11.91 23.21 -24.33
N LYS A 600 -11.74 22.03 -23.74
CA LYS A 600 -12.34 20.82 -24.28
C LYS A 600 -13.83 20.73 -23.96
N ALA A 601 -14.34 21.72 -23.23
CA ALA A 601 -15.77 21.84 -23.00
C ALA A 601 -16.37 22.95 -23.87
N ASP A 602 -15.50 23.82 -24.38
CA ASP A 602 -15.92 24.99 -25.13
C ASP A 602 -16.70 24.61 -26.39
N ILE A 603 -17.53 25.53 -26.86
CA ILE A 603 -18.25 25.37 -28.13
C ILE A 603 -18.01 26.57 -29.03
N GLY A 604 -17.88 26.33 -30.33
CA GLY A 604 -17.99 24.99 -30.90
C GLY A 604 -16.67 24.44 -31.38
N CYS A 605 -16.57 24.20 -32.69
CA CYS A 605 -15.51 23.37 -33.24
C CYS A 605 -14.48 24.17 -34.06
N THR A 606 -14.95 24.75 -35.16
CA THR A 606 -14.04 25.35 -36.15
C THR A 606 -13.22 26.48 -35.55
N PRO A 607 -11.91 26.43 -35.77
CA PRO A 607 -11.00 27.47 -35.28
C PRO A 607 -11.16 28.79 -36.03
N GLY A 608 -12.33 29.02 -36.60
CA GLY A 608 -12.63 30.28 -37.27
C GLY A 608 -13.33 30.10 -38.61
N SER A 609 -14.12 31.10 -38.99
CA SER A 609 -14.82 31.11 -40.27
C SER A 609 -15.88 30.01 -40.35
N GLY A 610 -16.48 29.87 -41.53
CA GLY A 610 -17.51 28.86 -41.75
C GLY A 610 -17.68 28.49 -43.21
N LYS A 611 -18.61 27.58 -43.49
CA LYS A 611 -18.90 27.15 -44.85
C LYS A 611 -19.65 28.23 -45.61
N ASP A 612 -20.43 29.03 -44.88
CA ASP A 612 -21.30 30.03 -45.49
C ASP A 612 -21.38 31.29 -44.62
N TYR A 613 -22.51 31.98 -44.69
CA TYR A 613 -22.73 33.20 -43.93
C TYR A 613 -23.15 32.89 -42.49
N ALA A 614 -23.92 31.81 -42.32
CA ALA A 614 -24.47 31.45 -41.02
C ALA A 614 -23.80 30.19 -40.46
N GLY A 615 -22.97 29.55 -41.28
CA GLY A 615 -22.13 28.46 -40.82
C GLY A 615 -21.00 28.97 -39.93
N VAL A 616 -20.77 30.26 -39.96
CA VAL A 616 -19.79 30.91 -39.09
C VAL A 616 -20.28 30.94 -37.65
N PHE A 617 -21.54 31.29 -37.47
CA PHE A 617 -22.12 31.48 -36.14
C PHE A 617 -22.21 30.16 -35.36
N SER A 618 -22.59 29.09 -36.06
CA SER A 618 -22.71 27.77 -35.43
C SER A 618 -21.34 27.21 -35.05
N ASP A 619 -20.35 27.44 -35.90
CA ASP A 619 -19.00 26.93 -35.68
C ASP A 619 -18.25 27.73 -34.61
N ALA A 620 -18.91 28.73 -34.06
CA ALA A 620 -18.33 29.54 -32.99
C ALA A 620 -19.19 29.48 -31.73
N GLY A 621 -20.34 28.82 -31.82
CA GLY A 621 -21.22 28.64 -30.68
C GLY A 621 -22.25 29.75 -30.55
N LEU A 622 -22.92 30.07 -31.66
CA LEU A 622 -23.95 31.10 -31.65
C LEU A 622 -25.08 30.75 -32.62
N THR A 623 -26.27 31.28 -32.36
CA THR A 623 -27.40 31.10 -33.25
C THR A 623 -27.98 32.44 -33.71
N PHE A 624 -27.66 32.81 -34.94
CA PHE A 624 -28.21 34.02 -35.55
C PHE A 624 -29.58 33.73 -36.15
N THR A 625 -30.55 34.60 -35.85
CA THR A 625 -31.88 34.49 -36.45
C THR A 625 -32.42 35.87 -36.82
N SER A 626 -32.85 36.00 -38.08
CA SER A 626 -33.36 37.28 -38.58
C SER A 626 -34.88 37.33 -38.55
N SER A 627 -35.42 38.54 -38.60
CA SER A 627 -36.87 38.74 -38.74
C SER A 627 -37.33 38.43 -40.16
N SER A 628 -36.39 38.35 -41.08
CA SER A 628 -36.68 37.95 -42.45
C SER A 628 -36.74 36.42 -42.57
N GLY A 629 -35.81 35.86 -43.34
CA GLY A 629 -35.71 34.41 -43.50
C GLY A 629 -34.28 33.92 -43.51
N GLN A 630 -33.46 34.50 -42.64
CA GLN A 630 -32.05 34.16 -42.57
C GLN A 630 -31.65 33.76 -41.15
N GLN A 631 -31.43 32.46 -40.95
CA GLN A 631 -31.07 31.94 -39.63
C GLN A 631 -30.02 30.84 -39.71
N THR A 632 -29.54 30.41 -38.56
CA THR A 632 -28.60 29.28 -38.48
C THR A 632 -29.34 27.95 -38.38
N ALA A 633 -28.63 26.87 -38.63
CA ALA A 633 -29.20 25.52 -38.50
C ALA A 633 -29.40 25.16 -37.03
N GLN A 634 -30.30 24.20 -36.78
CA GLN A 634 -30.56 23.74 -35.42
C GLN A 634 -29.46 22.79 -34.96
N ARG A 635 -28.85 23.13 -33.82
CA ARG A 635 -27.85 22.25 -33.21
C ARG A 635 -28.52 21.30 -32.23
N ALA A 636 -28.62 20.03 -32.62
CA ALA A 636 -29.19 18.99 -31.77
C ALA A 636 -28.09 18.21 -31.06
N GLU A 637 -26.84 18.46 -31.45
CA GLU A 637 -25.69 17.74 -30.91
C GLU A 637 -24.98 18.56 -29.84
N LEU A 638 -24.45 17.87 -28.84
CA LEU A 638 -23.73 18.52 -27.74
C LEU A 638 -22.24 18.64 -28.04
N GLN A 639 -21.68 17.61 -28.65
CA GLN A 639 -20.25 17.57 -28.94
C GLN A 639 -19.95 17.97 -30.39
N CYS A 640 -18.78 17.57 -30.87
CA CYS A 640 -18.32 17.94 -32.20
C CYS A 640 -18.09 16.72 -33.07
N PRO A 641 -17.83 16.92 -34.36
CA PRO A 641 -17.35 15.87 -35.24
C PRO A 641 -16.12 15.17 -34.69
N GLN A 642 -16.01 13.87 -34.92
CA GLN A 642 -14.92 13.06 -34.36
C GLN A 642 -13.55 13.58 -34.79
N PRO A 643 -12.64 13.69 -33.83
CA PRO A 643 -11.25 14.06 -34.12
C PRO A 643 -10.53 12.96 -34.88
N VAL B 1 30.57 -18.20 -20.88
CA VAL B 1 31.37 -16.97 -20.64
C VAL B 1 30.50 -15.72 -20.48
N GLN B 2 29.22 -15.86 -20.83
CA GLN B 2 28.26 -14.78 -20.65
C GLN B 2 27.16 -15.19 -19.67
N LEU B 3 26.42 -16.23 -20.04
CA LEU B 3 25.48 -16.90 -19.14
C LEU B 3 24.27 -16.03 -18.80
N THR B 4 24.52 -14.80 -18.37
CA THR B 4 23.46 -13.80 -18.20
C THR B 4 22.86 -13.44 -19.56
N GLU B 5 23.67 -13.53 -20.60
CA GLU B 5 23.27 -13.11 -21.94
C GLU B 5 22.83 -14.29 -22.80
N LYS B 6 23.45 -15.44 -22.56
CA LYS B 6 22.94 -16.70 -23.13
C LYS B 6 21.54 -16.95 -22.62
N ARG B 7 21.29 -16.57 -21.37
CA ARG B 7 19.95 -16.32 -20.89
C ARG B 7 19.34 -15.12 -21.59
N MET B 8 18.01 -15.06 -21.64
CA MET B 8 17.31 -13.96 -22.29
C MET B 8 17.42 -14.02 -23.81
N ASP B 9 18.49 -14.62 -24.30
CA ASP B 9 18.58 -15.00 -25.70
C ASP B 9 17.72 -16.23 -25.97
N LYS B 10 17.62 -17.11 -24.98
CA LYS B 10 16.73 -18.25 -25.05
C LYS B 10 15.27 -17.85 -24.79
N VAL B 11 15.09 -16.87 -23.92
CA VAL B 11 13.78 -16.23 -23.75
C VAL B 11 13.45 -15.38 -24.97
N GLY B 12 14.45 -15.14 -25.80
CA GLY B 12 14.27 -14.37 -27.04
C GLY B 12 13.32 -15.05 -28.01
N LYS B 13 13.51 -16.36 -28.21
CA LYS B 13 12.53 -17.18 -28.92
C LYS B 13 11.32 -17.45 -28.03
N TYR B 14 10.38 -18.23 -28.53
CA TYR B 14 9.14 -18.52 -27.81
C TYR B 14 8.18 -17.34 -27.85
N PRO B 15 6.92 -17.60 -28.19
CA PRO B 15 5.91 -16.55 -28.30
C PRO B 15 5.72 -15.77 -27.01
N LYS B 16 4.86 -14.75 -27.05
CA LYS B 16 4.64 -13.88 -25.90
C LYS B 16 4.07 -14.64 -24.72
N GLU B 17 3.13 -15.54 -25.01
CA GLU B 17 2.32 -16.19 -23.98
C GLU B 17 3.08 -17.30 -23.26
N LEU B 18 4.41 -17.29 -23.37
CA LEU B 18 5.21 -18.45 -23.00
C LEU B 18 6.52 -18.05 -22.32
N ARG B 19 6.93 -16.80 -22.51
CA ARG B 19 8.20 -16.31 -21.98
C ARG B 19 8.24 -16.35 -20.44
N LYS B 20 7.06 -16.45 -19.83
CA LYS B 20 6.96 -16.63 -18.39
C LYS B 20 7.56 -17.98 -17.98
N CYS B 21 7.14 -19.05 -18.65
CA CYS B 21 7.50 -20.40 -18.27
C CYS B 21 8.98 -20.67 -18.50
N CYS B 22 9.52 -20.13 -19.60
CA CYS B 22 10.95 -20.27 -19.89
C CYS B 22 11.81 -19.47 -18.93
N GLU B 23 11.39 -18.23 -18.64
CA GLU B 23 12.12 -17.37 -17.72
C GLU B 23 12.30 -18.03 -16.35
N ASP B 24 11.21 -18.59 -15.84
CA ASP B 24 11.20 -19.16 -14.49
C ASP B 24 11.94 -20.50 -14.44
N GLY B 25 11.98 -21.19 -15.58
CA GLY B 25 12.70 -22.45 -15.69
C GLY B 25 14.20 -22.26 -15.77
N MET B 26 14.61 -21.17 -16.41
CA MET B 26 16.02 -20.84 -16.53
C MET B 26 16.66 -20.57 -15.17
N ARG B 27 15.88 -20.00 -14.25
CA ARG B 27 16.33 -19.82 -12.89
C ARG B 27 16.81 -21.12 -12.26
N GLU B 28 17.64 -21.01 -11.24
CA GLU B 28 18.08 -22.15 -10.46
C GLU B 28 16.97 -22.62 -9.52
N ASN B 29 17.36 -23.24 -8.41
CA ASN B 29 16.41 -23.64 -7.39
C ASN B 29 17.10 -23.67 -6.01
N PRO B 30 16.45 -23.08 -5.02
CA PRO B 30 16.93 -23.16 -3.64
C PRO B 30 17.16 -24.60 -3.20
N MET B 31 16.21 -25.48 -3.49
CA MET B 31 16.45 -26.91 -3.39
C MET B 31 17.27 -27.38 -4.58
N ARG B 32 17.91 -28.54 -4.45
CA ARG B 32 18.68 -29.10 -5.55
C ARG B 32 17.78 -29.64 -6.67
N PHE B 33 16.49 -29.34 -6.56
CA PHE B 33 15.48 -29.96 -7.42
C PHE B 33 15.91 -29.99 -8.89
N SER B 34 15.67 -31.12 -9.53
CA SER B 34 16.05 -31.33 -10.93
C SER B 34 15.03 -30.72 -11.88
N CYS B 35 15.30 -30.82 -13.18
CA CYS B 35 14.44 -30.23 -14.20
C CYS B 35 13.09 -30.94 -14.29
N GLN B 36 13.14 -32.26 -14.49
CA GLN B 36 11.94 -33.09 -14.49
C GLN B 36 11.27 -33.04 -13.12
N ARG B 37 12.09 -33.01 -12.07
CA ARG B 37 11.58 -32.89 -10.71
C ARG B 37 10.78 -31.60 -10.54
N ARG B 38 11.31 -30.49 -11.05
CA ARG B 38 10.68 -29.19 -10.95
C ARG B 38 9.28 -29.21 -11.56
N THR B 39 9.14 -29.94 -12.67
CA THR B 39 7.85 -30.10 -13.32
C THR B 39 6.87 -30.82 -12.39
N ARG B 40 5.58 -30.79 -12.76
CA ARG B 40 4.54 -31.43 -11.97
C ARG B 40 4.25 -30.69 -10.67
N PHE B 41 5.18 -29.83 -10.26
CA PHE B 41 4.84 -28.70 -9.40
C PHE B 41 4.21 -27.58 -10.22
N ILE B 42 4.54 -27.57 -11.51
CA ILE B 42 4.09 -26.53 -12.43
C ILE B 42 2.62 -26.71 -12.82
N SER B 43 1.89 -25.60 -12.81
CA SER B 43 0.43 -25.64 -12.62
C SER B 43 -0.35 -25.34 -13.90
N LEU B 44 0.34 -24.83 -14.92
CA LEU B 44 -0.31 -24.35 -16.14
C LEU B 44 -0.62 -25.49 -17.10
N GLY B 45 -0.56 -25.19 -18.40
CA GLY B 45 -0.75 -26.20 -19.43
C GLY B 45 0.50 -27.02 -19.66
N GLU B 46 0.41 -27.99 -20.58
CA GLU B 46 1.55 -28.84 -20.91
C GLU B 46 2.46 -28.19 -21.95
N ALA B 47 1.94 -27.18 -22.64
CA ALA B 47 2.75 -26.31 -23.48
C ALA B 47 3.71 -25.50 -22.60
N CYS B 48 3.24 -25.10 -21.43
CA CYS B 48 4.06 -24.40 -20.45
C CYS B 48 5.15 -25.32 -19.88
N LYS B 49 4.80 -26.59 -19.69
CA LYS B 49 5.75 -27.57 -19.17
C LYS B 49 6.87 -27.84 -20.16
N LYS B 50 6.52 -27.92 -21.44
CA LYS B 50 7.48 -28.28 -22.48
C LYS B 50 8.58 -27.22 -22.62
N VAL B 51 8.21 -25.96 -22.39
CA VAL B 51 9.16 -24.86 -22.47
C VAL B 51 10.02 -24.80 -21.21
N PHE B 52 9.37 -24.87 -20.05
CA PHE B 52 10.05 -24.91 -18.76
C PHE B 52 11.13 -26.00 -18.75
N LEU B 53 10.77 -27.18 -19.24
CA LEU B 53 11.68 -28.32 -19.26
C LEU B 53 12.84 -28.07 -20.23
N ASP B 54 12.53 -27.49 -21.38
CA ASP B 54 13.51 -27.27 -22.45
C ASP B 54 14.55 -26.23 -22.04
N CYS B 55 14.14 -25.29 -21.19
CA CYS B 55 14.95 -24.11 -20.90
C CYS B 55 15.94 -24.33 -19.77
N CYS B 56 15.50 -25.02 -18.71
CA CYS B 56 16.41 -25.36 -17.62
C CYS B 56 17.30 -26.55 -17.98
N ASN B 57 16.79 -27.41 -18.86
CA ASN B 57 17.65 -28.36 -19.56
C ASN B 57 18.77 -27.63 -20.28
N TYR B 58 18.42 -26.53 -20.94
CA TYR B 58 19.38 -25.74 -21.70
C TYR B 58 20.42 -25.09 -20.80
N ILE B 59 19.97 -24.55 -19.66
CA ILE B 59 20.83 -23.74 -18.80
C ILE B 59 21.65 -24.59 -17.83
N THR B 60 21.04 -25.63 -17.26
CA THR B 60 21.72 -26.46 -16.28
C THR B 60 22.87 -27.25 -16.91
N GLU B 61 22.81 -27.43 -18.23
CA GLU B 61 23.92 -28.02 -18.97
C GLU B 61 24.98 -26.98 -19.28
N LEU B 62 24.57 -25.71 -19.40
CA LEU B 62 25.47 -24.64 -19.80
C LEU B 62 26.34 -24.17 -18.63
N ARG B 63 25.74 -24.08 -17.44
CA ARG B 63 26.48 -23.71 -16.24
C ARG B 63 27.16 -24.92 -15.61
N ARG B 64 26.74 -26.11 -16.01
CA ARG B 64 27.42 -27.34 -15.63
C ARG B 64 28.79 -27.42 -16.31
N GLN B 65 29.02 -26.53 -17.27
CA GLN B 65 30.30 -26.43 -17.94
C GLN B 65 31.15 -25.31 -17.36
N HIS B 66 30.50 -24.34 -16.75
CA HIS B 66 31.20 -23.24 -16.08
C HIS B 66 32.04 -23.72 -14.90
N ALA B 67 31.56 -24.78 -14.24
CA ALA B 67 32.30 -25.39 -13.14
C ALA B 67 33.62 -25.97 -13.61
N ARG B 68 33.65 -26.47 -14.85
CA ARG B 68 34.86 -27.05 -15.42
C ARG B 68 35.96 -26.01 -15.60
N ALA B 69 35.58 -24.82 -16.06
CA ALA B 69 36.52 -23.73 -16.27
C ALA B 69 36.04 -22.45 -15.59
N LEU B 79 34.24 -14.82 -11.82
CA LEU B 79 33.29 -13.96 -11.11
C LEU B 79 32.31 -13.31 -12.08
N ASP B 80 31.58 -14.16 -12.81
CA ASP B 80 30.65 -13.69 -13.84
C ASP B 80 29.20 -13.86 -13.42
N GLU B 81 28.36 -12.91 -13.82
CA GLU B 81 26.97 -12.86 -13.36
C GLU B 81 26.12 -13.96 -13.98
N ASP B 82 24.98 -14.23 -13.35
CA ASP B 82 24.04 -15.23 -13.85
C ASP B 82 22.64 -14.94 -13.33
N ILE B 83 22.02 -13.89 -13.85
CA ILE B 83 20.67 -13.50 -13.44
C ILE B 83 19.81 -13.11 -14.64
N ILE B 84 18.56 -12.72 -14.38
CA ILE B 84 17.64 -12.30 -15.43
C ILE B 84 17.51 -10.78 -15.46
N ALA B 85 17.46 -10.21 -16.66
CA ALA B 85 17.15 -8.80 -16.84
C ALA B 85 15.66 -8.53 -16.67
N GLU B 86 14.84 -9.55 -16.94
CA GLU B 86 13.40 -9.48 -16.71
C GLU B 86 12.74 -8.38 -17.53
N GLU B 87 11.50 -8.05 -17.18
CA GLU B 87 10.75 -6.99 -17.88
C GLU B 87 9.87 -6.20 -16.93
N ASN B 88 9.81 -4.89 -17.16
CA ASN B 88 8.90 -4.00 -16.43
C ASN B 88 8.89 -4.19 -14.91
N ILE B 89 9.95 -3.71 -14.26
CA ILE B 89 9.89 -3.34 -12.85
C ILE B 89 10.12 -1.85 -12.71
N VAL B 90 9.05 -1.11 -12.38
CA VAL B 90 9.16 0.30 -12.06
C VAL B 90 9.26 0.50 -10.55
N SER B 91 10.47 0.35 -10.04
CA SER B 91 10.69 0.17 -8.60
C SER B 91 10.59 1.48 -7.83
N ARG B 92 10.97 1.42 -6.56
CA ARG B 92 10.80 2.53 -5.62
C ARG B 92 9.35 2.92 -5.41
N SER B 93 8.84 2.61 -4.21
CA SER B 93 7.50 3.01 -3.81
C SER B 93 7.55 3.75 -2.48
N GLU B 94 8.56 3.44 -1.68
CA GLU B 94 8.71 4.05 -0.36
C GLU B 94 9.28 5.47 -0.47
N PHE B 95 8.39 6.45 -0.45
CA PHE B 95 8.79 7.85 -0.33
C PHE B 95 8.32 8.42 1.01
N PRO B 96 9.05 9.41 1.52
CA PRO B 96 8.68 10.07 2.77
C PRO B 96 7.26 10.62 2.73
N GLU B 97 6.56 10.50 3.85
CA GLU B 97 5.14 10.83 3.93
C GLU B 97 4.90 12.31 3.67
N SER B 98 3.80 12.62 3.01
CA SER B 98 3.40 14.00 2.75
C SER B 98 3.04 14.73 4.05
N TRP B 99 3.33 16.02 4.09
CA TRP B 99 3.02 16.82 5.27
C TRP B 99 2.58 18.24 4.89
N LEU B 100 2.38 19.08 5.91
CA LEU B 100 1.84 20.42 5.70
C LEU B 100 0.45 20.38 5.06
N TRP B 101 -0.36 19.42 5.48
CA TRP B 101 -1.71 19.27 4.96
C TRP B 101 -2.70 20.14 5.75
N ASN B 102 -2.51 21.45 5.67
CA ASN B 102 -3.37 22.39 6.39
C ASN B 102 -3.80 23.57 5.52
N VAL B 103 -4.79 24.31 6.01
CA VAL B 103 -5.44 25.35 5.21
C VAL B 103 -5.31 26.72 5.88
N GLU B 104 -4.88 27.70 5.11
CA GLU B 104 -4.78 29.09 5.58
C GLU B 104 -5.45 30.03 4.59
N ASP B 105 -6.30 30.92 5.11
CA ASP B 105 -6.87 31.99 4.31
C ASP B 105 -6.12 33.31 4.50
N LEU B 106 -6.17 34.16 3.49
CA LEU B 106 -5.43 35.42 3.50
C LEU B 106 -6.32 36.58 3.94
N LYS B 107 -6.07 37.09 5.14
CA LYS B 107 -6.92 38.14 5.71
C LYS B 107 -6.16 39.45 5.89
N GLU B 108 -4.90 39.49 5.47
CA GLU B 108 -4.11 40.71 5.50
C GLU B 108 -4.61 41.72 4.48
N PRO B 109 -4.60 42.99 4.86
CA PRO B 109 -5.01 44.08 3.95
C PRO B 109 -4.26 44.01 2.62
N PRO B 110 -5.00 43.92 1.53
CA PRO B 110 -4.42 43.73 0.20
C PRO B 110 -3.63 44.96 -0.27
N LYS B 111 -2.51 44.72 -0.93
CA LYS B 111 -1.75 45.79 -1.57
C LYS B 111 -1.77 45.64 -3.08
N ASN B 112 -2.88 46.08 -3.69
CA ASN B 112 -3.16 45.80 -5.10
C ASN B 112 -3.17 44.31 -5.42
N GLY B 113 -4.05 43.57 -4.75
CA GLY B 113 -4.10 42.13 -4.89
C GLY B 113 -3.16 41.43 -3.92
N ILE B 114 -1.90 41.85 -3.91
CA ILE B 114 -0.88 41.25 -3.06
C ILE B 114 -1.32 41.24 -1.60
N SER B 115 -1.70 40.06 -1.11
CA SER B 115 -1.99 39.87 0.30
C SER B 115 -1.00 38.91 0.93
N THR B 116 0.15 39.45 1.35
CA THR B 116 1.23 38.65 1.92
C THR B 116 0.85 38.08 3.27
N LYS B 117 0.97 36.76 3.41
CA LYS B 117 0.70 36.08 4.67
C LYS B 117 1.88 35.18 5.06
N LEU B 118 2.67 35.64 6.02
CA LEU B 118 3.77 34.84 6.55
C LEU B 118 3.24 33.61 7.27
N MET B 119 3.91 32.48 7.09
CA MET B 119 3.53 31.23 7.75
C MET B 119 4.76 30.47 8.22
N ASN B 120 4.78 30.12 9.50
CA ASN B 120 5.95 29.49 10.11
C ASN B 120 5.76 27.99 10.33
N ILE B 121 6.78 27.22 10.00
CA ILE B 121 6.71 25.76 10.10
C ILE B 121 8.06 25.17 10.48
N PHE B 122 8.03 23.93 10.99
CA PHE B 122 9.25 23.19 11.26
C PHE B 122 9.44 22.09 10.23
N LEU B 123 10.50 22.20 9.44
CA LEU B 123 10.85 21.19 8.45
C LEU B 123 11.02 19.84 9.12
N LYS B 124 10.57 18.79 8.45
CA LYS B 124 10.80 17.44 8.92
C LYS B 124 12.30 17.18 9.06
N ASP B 125 12.66 16.19 9.86
CA ASP B 125 14.06 15.84 10.07
C ASP B 125 14.56 14.85 9.01
N SER B 126 14.08 15.01 7.78
CA SER B 126 14.55 14.21 6.66
C SER B 126 15.49 15.00 5.75
N ILE B 127 16.60 14.38 5.38
CA ILE B 127 17.46 14.90 4.32
C ILE B 127 16.85 14.59 2.96
N THR B 128 16.14 15.57 2.40
CA THR B 128 15.51 15.43 1.10
C THR B 128 15.22 16.80 0.47
N THR B 129 14.52 16.79 -0.65
CA THR B 129 14.06 18.02 -1.27
C THR B 129 12.53 18.05 -1.32
N TRP B 130 11.94 18.98 -0.59
CA TRP B 130 10.49 19.05 -0.45
C TRP B 130 9.87 19.94 -1.52
N GLU B 131 8.68 19.56 -1.97
CA GLU B 131 7.94 20.33 -2.96
C GLU B 131 6.62 20.81 -2.38
N ILE B 132 6.54 22.10 -2.07
CA ILE B 132 5.34 22.68 -1.49
C ILE B 132 4.37 23.15 -2.56
N LEU B 133 3.21 22.51 -2.61
CA LEU B 133 2.19 22.83 -3.61
C LEU B 133 1.06 23.63 -2.98
N ALA B 134 0.72 24.76 -3.60
CA ALA B 134 -0.31 25.65 -3.08
C ALA B 134 -1.43 25.85 -4.08
N VAL B 135 -2.67 25.87 -3.58
CA VAL B 135 -3.84 26.07 -4.42
C VAL B 135 -4.80 27.05 -3.76
N SER B 136 -4.98 28.22 -4.38
CA SER B 136 -5.83 29.26 -3.83
C SER B 136 -7.27 29.16 -4.34
N MET B 137 -8.21 29.73 -3.58
CA MET B 137 -9.61 29.70 -3.96
C MET B 137 -10.32 30.94 -3.43
N SER B 138 -10.51 31.93 -4.31
CA SER B 138 -11.22 33.16 -3.93
C SER B 138 -12.59 33.22 -4.60
N ASP B 139 -13.61 33.52 -3.80
CA ASP B 139 -14.98 33.66 -4.31
C ASP B 139 -15.13 34.90 -5.17
N LYS B 140 -14.04 35.62 -5.39
CA LYS B 140 -14.04 36.77 -6.28
C LYS B 140 -13.39 36.46 -7.63
N LYS B 141 -12.24 35.79 -7.59
CA LYS B 141 -11.46 35.56 -8.80
C LYS B 141 -11.10 34.08 -9.03
N GLY B 142 -11.77 33.20 -8.29
CA GLY B 142 -11.78 31.78 -8.62
C GLY B 142 -10.60 30.99 -8.07
N ILE B 143 -10.29 29.88 -8.72
CA ILE B 143 -9.18 29.03 -8.32
C ILE B 143 -7.86 29.48 -8.96
N CYS B 144 -6.76 29.23 -8.26
CA CYS B 144 -5.44 29.61 -8.75
C CYS B 144 -4.37 28.67 -8.21
N VAL B 145 -3.94 27.72 -9.04
CA VAL B 145 -2.93 26.75 -8.64
C VAL B 145 -1.52 27.31 -8.82
N ALA B 146 -0.81 27.47 -7.71
CA ALA B 146 0.50 28.11 -7.72
C ALA B 146 1.58 27.17 -8.23
N ASP B 147 2.67 27.75 -8.73
CA ASP B 147 3.88 26.98 -9.04
C ASP B 147 4.41 26.29 -7.80
N PRO B 148 5.05 25.13 -7.98
CA PRO B 148 5.68 24.41 -6.89
C PRO B 148 6.85 25.20 -6.31
N PHE B 149 6.91 25.31 -5.00
CA PHE B 149 8.09 25.86 -4.33
C PHE B 149 8.99 24.76 -3.80
N GLU B 150 10.27 24.84 -4.15
CA GLU B 150 11.23 23.81 -3.80
C GLU B 150 12.03 24.22 -2.57
N VAL B 151 12.12 23.30 -1.60
CA VAL B 151 13.00 23.49 -0.46
C VAL B 151 13.94 22.29 -0.33
N THR B 152 15.24 22.53 -0.55
CA THR B 152 16.24 21.49 -0.41
C THR B 152 16.81 21.45 1.00
N VAL B 153 16.24 20.57 1.81
CA VAL B 153 16.71 20.35 3.17
C VAL B 153 17.98 19.48 3.16
N MET B 154 19.08 20.05 3.66
CA MET B 154 20.38 19.43 3.48
C MET B 154 21.15 19.35 4.80
N GLN B 155 21.89 18.26 4.97
CA GLN B 155 22.76 18.09 6.13
C GLN B 155 24.12 17.52 5.72
N ASP B 156 25.18 18.04 6.31
CA ASP B 156 26.53 17.62 5.96
C ASP B 156 26.87 16.26 6.57
N PHE B 157 26.67 16.14 7.88
CA PHE B 157 27.09 14.96 8.62
C PHE B 157 25.87 14.22 9.17
N PHE B 158 25.90 12.90 9.10
CA PHE B 158 24.79 12.09 9.59
C PHE B 158 25.24 10.74 10.14
N ILE B 159 24.71 10.38 11.31
CA ILE B 159 25.01 9.09 11.93
C ILE B 159 23.82 8.15 11.84
N ASP B 160 24.10 6.88 11.53
CA ASP B 160 23.09 5.83 11.59
C ASP B 160 23.60 4.68 12.44
N LEU B 161 22.86 4.34 13.49
CA LEU B 161 23.21 3.21 14.34
C LEU B 161 22.49 1.95 13.85
N ARG B 162 23.27 0.92 13.53
CA ARG B 162 22.74 -0.28 12.91
C ARG B 162 22.75 -1.46 13.87
N LEU B 163 21.62 -1.74 14.49
CA LEU B 163 21.49 -2.85 15.42
C LEU B 163 20.60 -3.94 14.86
N PRO B 164 20.82 -5.18 15.30
CA PRO B 164 19.94 -6.29 14.95
C PRO B 164 18.54 -6.13 15.54
N TYR B 165 17.57 -6.82 14.95
CA TYR B 165 16.21 -6.82 15.45
C TYR B 165 16.18 -7.09 16.96
N SER B 166 16.88 -8.14 17.38
CA SER B 166 17.04 -8.43 18.80
C SER B 166 18.33 -9.20 19.04
N VAL B 167 18.83 -9.12 20.27
CA VAL B 167 19.98 -9.93 20.67
C VAL B 167 19.64 -10.77 21.90
N VAL B 168 19.98 -12.04 21.85
CA VAL B 168 19.77 -12.92 23.00
C VAL B 168 20.84 -12.68 24.06
N ARG B 169 20.40 -12.56 25.31
CA ARG B 169 21.30 -12.44 26.44
C ARG B 169 22.52 -13.34 26.29
N ASN B 170 23.70 -12.77 26.46
CA ASN B 170 24.96 -13.51 26.43
C ASN B 170 25.42 -13.90 25.04
N GLU B 171 24.73 -13.38 24.02
CA GLU B 171 25.24 -13.42 22.66
C GLU B 171 26.30 -12.34 22.45
N GLN B 172 27.02 -12.43 21.36
CA GLN B 172 28.14 -11.53 21.10
C GLN B 172 27.97 -10.82 19.76
N VAL B 173 27.12 -9.78 19.75
CA VAL B 173 26.88 -9.03 18.53
C VAL B 173 27.98 -7.99 18.27
N GLU B 174 28.29 -7.78 17.00
CA GLU B 174 29.05 -6.61 16.58
C GLU B 174 28.14 -5.65 15.83
N ILE B 175 27.58 -4.69 16.56
CA ILE B 175 26.85 -3.59 15.94
C ILE B 175 27.81 -2.69 15.14
N ARG B 176 27.24 -1.75 14.40
CA ARG B 176 28.04 -0.80 13.64
C ARG B 176 27.37 0.57 13.59
N ALA B 177 28.17 1.63 13.75
CA ALA B 177 27.68 2.99 13.58
C ALA B 177 28.09 3.53 12.22
N VAL B 178 27.14 3.53 11.28
CA VAL B 178 27.40 4.07 9.95
C VAL B 178 27.41 5.59 9.99
N LEU B 179 28.42 6.19 9.36
CA LEU B 179 28.57 7.64 9.34
C LEU B 179 28.61 8.14 7.90
N TYR B 180 27.75 9.10 7.58
CA TYR B 180 27.66 9.63 6.21
C TYR B 180 28.29 11.00 6.10
N ASN B 181 29.10 11.18 5.05
CA ASN B 181 29.63 12.49 4.70
C ASN B 181 29.03 12.98 3.38
N TYR B 182 28.19 14.01 3.46
CA TYR B 182 27.43 14.46 2.31
C TYR B 182 28.17 15.54 1.52
N ARG B 183 29.08 16.23 2.18
CA ARG B 183 29.90 17.25 1.53
C ARG B 183 30.47 16.74 0.21
N GLN B 184 30.44 17.60 -0.82
CA GLN B 184 30.66 17.17 -2.19
C GLN B 184 32.13 17.15 -2.57
N ASN B 185 32.93 17.96 -1.88
CA ASN B 185 34.36 18.03 -2.16
C ASN B 185 35.21 18.28 -0.92
N GLN B 186 34.92 17.53 0.15
CA GLN B 186 35.64 17.67 1.41
C GLN B 186 35.46 16.43 2.27
N GLU B 187 36.57 15.82 2.66
CA GLU B 187 36.52 14.67 3.56
C GLU B 187 36.43 15.10 5.02
N LEU B 188 35.46 14.55 5.73
CA LEU B 188 35.21 14.91 7.12
C LEU B 188 36.05 14.05 8.06
N LYS B 189 36.72 14.69 9.01
CA LYS B 189 37.31 13.98 10.14
C LYS B 189 36.36 14.05 11.33
N VAL B 190 36.15 12.91 11.98
CA VAL B 190 35.16 12.81 13.04
C VAL B 190 35.71 12.06 14.26
N ARG B 191 35.40 12.56 15.44
CA ARG B 191 35.68 11.85 16.68
C ARG B 191 34.42 11.14 17.18
N VAL B 192 34.40 9.82 17.06
CA VAL B 192 33.23 9.03 17.41
C VAL B 192 33.46 8.18 18.66
N GLU B 193 32.43 8.08 19.50
CA GLU B 193 32.54 7.40 20.79
C GLU B 193 31.31 6.54 21.06
N LEU B 194 31.54 5.32 21.56
CA LEU B 194 30.48 4.52 22.16
C LEU B 194 30.45 4.76 23.66
N LEU B 195 29.26 5.06 24.18
CA LEU B 195 29.11 5.40 25.59
C LEU B 195 28.92 4.14 26.43
N HIS B 196 29.31 4.22 27.71
CA HIS B 196 29.26 3.06 28.59
C HIS B 196 27.84 2.77 29.06
N ASN B 197 27.47 1.50 29.08
CA ASN B 197 26.19 1.06 29.60
C ASN B 197 26.35 -0.30 30.28
N PRO B 198 26.21 -0.32 31.60
CA PRO B 198 26.43 -1.53 32.39
C PRO B 198 25.54 -2.68 31.95
N ALA B 199 24.52 -2.37 31.15
CA ALA B 199 23.63 -3.39 30.60
C ALA B 199 24.38 -4.41 29.74
N PHE B 200 25.38 -3.92 29.01
CA PHE B 200 26.17 -4.79 28.14
C PHE B 200 27.67 -4.50 28.26
N CYS B 201 28.48 -5.53 28.11
CA CYS B 201 29.93 -5.38 27.96
C CYS B 201 30.25 -4.72 26.63
N SER B 202 30.82 -3.52 26.69
CA SER B 202 31.41 -2.88 25.53
C SER B 202 32.88 -2.59 25.77
N LEU B 203 33.57 -2.11 24.75
CA LEU B 203 34.95 -1.67 24.89
C LEU B 203 35.05 -0.45 25.80
N ALA B 204 33.91 0.18 26.09
CA ALA B 204 33.85 1.31 27.00
C ALA B 204 33.44 0.87 28.40
N THR B 205 34.32 1.10 29.37
CA THR B 205 34.00 0.84 30.77
C THR B 205 34.00 2.13 31.58
N THR B 206 33.51 2.04 32.81
CA THR B 206 33.55 3.17 33.74
C THR B 206 34.96 3.73 33.86
N LYS B 207 35.94 2.83 33.82
CA LYS B 207 37.34 3.21 33.89
C LYS B 207 37.67 4.28 32.84
N ARG B 208 37.72 3.86 31.58
CA ARG B 208 38.01 4.79 30.48
C ARG B 208 36.96 4.69 29.38
N ARG B 209 36.73 5.80 28.69
CA ARG B 209 35.81 5.86 27.57
C ARG B 209 36.40 5.21 26.33
N HIS B 210 35.61 5.14 25.26
CA HIS B 210 36.07 4.55 24.01
C HIS B 210 35.80 5.47 22.82
N GLN B 211 36.65 6.47 22.66
CA GLN B 211 36.56 7.38 21.52
C GLN B 211 37.71 7.17 20.55
N GLN B 212 37.44 7.36 19.26
CA GLN B 212 38.45 7.17 18.22
C GLN B 212 38.23 8.10 17.04
N THR B 213 39.31 8.55 16.43
CA THR B 213 39.23 9.43 15.27
C THR B 213 39.12 8.62 13.98
N VAL B 214 38.23 9.06 13.09
CA VAL B 214 38.08 8.43 11.78
C VAL B 214 37.80 9.48 10.70
N THR B 215 38.29 9.22 9.49
CA THR B 215 38.14 10.17 8.39
C THR B 215 37.27 9.60 7.28
N ILE B 216 36.19 10.31 6.97
CA ILE B 216 35.20 9.84 6.01
C ILE B 216 35.33 10.58 4.68
N PRO B 217 35.52 9.83 3.60
CA PRO B 217 35.73 10.40 2.27
C PRO B 217 34.54 11.23 1.82
N PRO B 218 34.75 12.11 0.85
CA PRO B 218 33.68 12.95 0.30
C PRO B 218 32.56 12.12 -0.30
N LYS B 219 31.33 12.64 -0.23
CA LYS B 219 30.17 11.99 -0.84
C LYS B 219 30.20 10.48 -0.66
N SER B 220 30.42 10.03 0.58
CA SER B 220 30.41 8.61 0.91
C SER B 220 30.10 8.37 2.38
N SER B 221 30.31 7.12 2.82
CA SER B 221 29.98 6.73 4.19
C SER B 221 31.12 5.93 4.82
N LEU B 222 30.99 5.65 6.11
CA LEU B 222 31.96 4.82 6.83
C LEU B 222 31.29 4.06 7.96
N SER B 223 31.69 2.80 8.13
CA SER B 223 31.13 1.97 9.19
C SER B 223 32.13 1.81 10.34
N VAL B 224 31.66 2.02 11.56
CA VAL B 224 32.48 1.83 12.75
C VAL B 224 31.89 0.73 13.63
N PRO B 225 32.50 -0.45 13.59
CA PRO B 225 32.00 -1.60 14.33
C PRO B 225 32.17 -1.45 15.85
N TYR B 226 31.25 -2.04 16.60
CA TYR B 226 31.42 -2.20 18.04
C TYR B 226 30.97 -3.59 18.50
N VAL B 227 31.79 -4.25 19.31
CA VAL B 227 31.39 -5.50 19.94
C VAL B 227 30.69 -5.22 21.26
N ILE B 228 29.47 -5.73 21.40
CA ILE B 228 28.73 -5.61 22.65
C ILE B 228 28.16 -6.95 23.11
N VAL B 229 28.41 -7.29 24.36
CA VAL B 229 27.86 -8.51 24.96
C VAL B 229 26.83 -8.17 26.02
N PRO B 230 25.55 -8.26 25.67
CA PRO B 230 24.47 -7.82 26.54
C PRO B 230 24.25 -8.76 27.73
N LEU B 231 24.34 -8.22 28.94
CA LEU B 231 24.21 -9.02 30.16
C LEU B 231 22.78 -9.05 30.71
N LYS B 232 22.01 -8.02 30.39
CA LYS B 232 20.65 -7.88 30.94
C LYS B 232 19.60 -7.89 29.84
N THR B 233 18.46 -8.51 30.12
CA THR B 233 17.34 -8.53 29.18
C THR B 233 16.49 -7.26 29.30
N GLY B 234 15.62 -7.05 28.33
CA GLY B 234 14.85 -5.81 28.24
C GLY B 234 15.34 -4.91 27.12
N LEU B 235 14.85 -3.67 27.09
CA LEU B 235 15.30 -2.69 26.12
C LEU B 235 16.45 -1.86 26.67
N GLN B 236 17.63 -2.01 26.07
CA GLN B 236 18.82 -1.29 26.49
C GLN B 236 19.15 -0.15 25.53
N GLU B 237 19.65 0.95 26.08
CA GLU B 237 20.03 2.11 25.27
C GLU B 237 21.47 2.01 24.80
N VAL B 238 21.66 1.99 23.49
CA VAL B 238 22.99 2.13 22.89
C VAL B 238 23.15 3.52 22.29
N GLU B 239 24.18 4.24 22.71
CA GLU B 239 24.42 5.57 22.18
C GLU B 239 25.86 5.78 21.72
N VAL B 240 26.01 6.14 20.45
CA VAL B 240 27.28 6.66 19.94
C VAL B 240 27.22 8.18 19.80
N LYS B 241 28.31 8.84 20.15
CA LYS B 241 28.40 10.29 20.05
C LYS B 241 29.51 10.68 19.07
N ALA B 242 29.28 11.74 18.30
CA ALA B 242 30.25 12.16 17.29
C ALA B 242 30.50 13.66 17.32
N ALA B 243 31.78 14.03 17.40
CA ALA B 243 32.19 15.42 17.21
C ALA B 243 33.14 15.53 16.03
N VAL B 244 32.66 16.13 14.94
CA VAL B 244 33.50 16.32 13.75
C VAL B 244 34.55 17.40 14.00
N TYR B 245 35.72 17.22 13.41
CA TYR B 245 36.85 18.13 13.62
C TYR B 245 36.62 19.45 12.90
N HIS B 246 36.92 20.55 13.59
CA HIS B 246 36.99 21.88 12.97
C HIS B 246 35.63 22.52 12.75
N HIS B 247 34.71 21.78 12.13
CA HIS B 247 33.29 22.13 12.20
C HIS B 247 32.78 21.88 13.61
N PHE B 248 31.83 22.68 14.06
CA PHE B 248 31.17 22.44 15.34
C PHE B 248 29.89 21.62 15.17
N ILE B 249 29.89 20.76 14.16
CA ILE B 249 28.85 19.75 14.01
C ILE B 249 28.97 18.70 15.11
N SER B 250 28.06 18.76 16.09
CA SER B 250 28.08 17.88 17.24
C SER B 250 26.86 16.97 17.27
N ASP B 251 26.95 15.84 16.57
CA ASP B 251 25.79 14.98 16.36
C ASP B 251 25.91 13.69 17.15
N GLY B 252 24.79 12.99 17.31
CA GLY B 252 24.77 11.71 18.02
C GLY B 252 23.51 10.91 17.76
N VAL B 253 23.60 9.60 17.92
CA VAL B 253 22.44 8.73 17.75
C VAL B 253 22.24 7.82 18.95
N ARG B 254 21.01 7.72 19.43
CA ARG B 254 20.70 6.93 20.61
C ARG B 254 19.51 6.01 20.34
N LYS B 255 19.80 4.83 19.82
CA LYS B 255 18.76 3.82 19.58
C LYS B 255 18.66 2.86 20.75
N SER B 256 17.67 1.96 20.68
CA SER B 256 17.44 0.99 21.74
C SER B 256 17.28 -0.42 21.16
N LEU B 257 18.21 -1.30 21.49
CA LEU B 257 18.11 -2.69 21.09
C LEU B 257 17.50 -3.55 22.19
N LYS B 258 16.73 -4.56 21.80
CA LYS B 258 16.02 -5.39 22.76
C LYS B 258 16.75 -6.70 23.00
N VAL B 259 17.11 -6.94 24.27
CA VAL B 259 17.77 -8.17 24.65
C VAL B 259 16.76 -9.20 25.16
N VAL B 260 16.48 -10.21 24.35
CA VAL B 260 15.59 -11.28 24.73
C VAL B 260 16.32 -12.37 25.50
N PRO B 261 15.59 -13.09 26.35
CA PRO B 261 16.13 -14.24 27.07
C PRO B 261 16.43 -15.43 26.16
N GLU B 262 16.89 -16.53 26.75
CA GLU B 262 17.71 -17.50 26.02
C GLU B 262 16.92 -18.65 25.40
N GLY B 263 15.60 -18.62 25.52
CA GLY B 263 14.76 -19.71 25.06
C GLY B 263 13.73 -19.30 24.04
N ILE B 264 12.48 -19.71 24.30
CA ILE B 264 11.36 -19.34 23.45
C ILE B 264 10.16 -19.00 24.31
N ARG B 265 9.45 -17.92 23.94
CA ARG B 265 8.28 -17.47 24.69
C ARG B 265 7.15 -18.50 24.67
N MET B 266 6.45 -18.62 25.79
CA MET B 266 5.40 -19.63 25.93
C MET B 266 4.25 -19.13 26.81
N ASN B 267 3.08 -18.96 26.20
CA ASN B 267 1.84 -18.78 26.96
C ASN B 267 1.14 -20.12 27.20
N LYS B 268 1.32 -20.66 28.39
CA LYS B 268 0.77 -21.97 28.72
C LYS B 268 -0.57 -21.82 29.45
N THR B 269 -1.62 -22.36 28.86
CA THR B 269 -2.94 -22.37 29.50
C THR B 269 -2.97 -23.38 30.64
N VAL B 270 -3.42 -22.93 31.80
CA VAL B 270 -3.34 -23.73 33.02
C VAL B 270 -4.71 -24.27 33.42
N ALA B 271 -5.73 -23.42 33.35
CA ALA B 271 -7.09 -23.80 33.75
C ALA B 271 -8.13 -23.04 32.94
N VAL B 272 -9.40 -23.42 33.08
CA VAL B 272 -10.49 -22.69 32.46
C VAL B 272 -11.75 -22.63 33.34
N ARG B 273 -12.39 -23.78 33.53
CA ARG B 273 -13.52 -23.90 34.47
C ARG B 273 -14.58 -22.81 34.29
N THR B 274 -15.79 -23.23 33.95
CA THR B 274 -16.95 -22.35 34.04
C THR B 274 -17.18 -21.92 35.48
N LEU B 275 -17.40 -20.64 35.69
CA LEU B 275 -17.81 -20.12 37.00
C LEU B 275 -19.32 -19.95 37.07
N ASP B 276 -19.99 -20.95 37.64
CA ASP B 276 -21.43 -20.89 37.81
C ASP B 276 -21.87 -21.60 39.08
N PRO B 277 -21.99 -20.83 40.17
CA PRO B 277 -22.61 -21.32 41.39
C PRO B 277 -24.07 -21.70 41.13
N GLU B 278 -24.57 -22.68 41.88
CA GLU B 278 -25.81 -23.37 41.52
C GLU B 278 -25.50 -24.54 40.60
N ARG B 279 -25.48 -24.28 39.30
CA ARG B 279 -25.30 -25.33 38.30
C ARG B 279 -24.09 -26.20 38.63
N LEU B 280 -24.37 -27.38 39.19
CA LEU B 280 -23.34 -28.37 39.52
C LEU B 280 -22.17 -27.78 40.32
N GLY B 281 -21.99 -26.46 40.24
CA GLY B 281 -21.09 -25.75 41.15
C GLY B 281 -21.52 -25.92 42.59
N ARG B 282 -22.71 -26.49 42.79
CA ARG B 282 -23.17 -26.93 44.10
C ARG B 282 -23.72 -25.80 44.96
N GLU B 283 -24.67 -26.14 45.84
CA GLU B 283 -25.17 -25.20 46.83
C GLU B 283 -24.03 -24.80 47.77
N GLY B 284 -23.13 -25.74 48.03
CA GLY B 284 -21.77 -25.39 48.41
C GLY B 284 -21.10 -24.57 47.30
N VAL B 285 -21.32 -23.26 47.34
CA VAL B 285 -20.93 -22.37 46.24
C VAL B 285 -19.52 -22.63 45.75
N GLN B 286 -19.29 -22.41 44.46
CA GLN B 286 -18.23 -23.08 43.72
C GLN B 286 -16.83 -22.83 44.28
N LYS B 287 -16.09 -23.92 44.50
CA LYS B 287 -14.70 -23.84 44.93
C LYS B 287 -13.82 -24.52 43.89
N GLU B 288 -12.71 -23.88 43.55
CA GLU B 288 -11.94 -24.25 42.36
C GLU B 288 -10.44 -24.37 42.64
N ASP B 289 -9.91 -25.59 42.50
CA ASP B 289 -8.48 -25.83 42.70
C ASP B 289 -7.71 -25.71 41.38
N ILE B 290 -6.67 -24.90 41.39
CA ILE B 290 -5.87 -24.67 40.19
C ILE B 290 -4.40 -25.01 40.43
N PRO B 291 -3.89 -25.99 39.68
CA PRO B 291 -2.55 -26.50 39.88
C PRO B 291 -1.47 -25.59 39.30
N PRO B 292 -0.29 -25.59 39.91
CA PRO B 292 0.86 -24.87 39.37
C PRO B 292 1.17 -25.30 37.93
N ALA B 293 1.60 -24.35 37.11
CA ALA B 293 2.04 -24.64 35.75
C ALA B 293 3.34 -25.42 35.77
N ASP B 294 3.55 -26.24 34.74
CA ASP B 294 4.69 -27.16 34.70
C ASP B 294 6.01 -26.41 34.85
N LEU B 295 6.32 -25.57 33.86
CA LEU B 295 7.53 -24.75 33.88
C LEU B 295 8.77 -25.54 34.27
N SER B 296 8.78 -26.83 33.93
CA SER B 296 9.93 -27.69 34.20
C SER B 296 11.07 -27.41 33.24
N ASP B 297 10.70 -27.00 32.02
CA ASP B 297 11.68 -26.74 30.97
C ASP B 297 12.07 -25.26 30.93
N GLN B 298 11.72 -24.53 32.00
CA GLN B 298 11.98 -23.10 32.07
C GLN B 298 13.45 -22.78 31.86
N VAL B 299 13.73 -21.61 31.30
CA VAL B 299 15.10 -21.14 31.15
C VAL B 299 15.63 -20.58 32.47
N PRO B 300 16.79 -21.07 32.89
CA PRO B 300 17.48 -20.55 34.07
C PRO B 300 17.56 -19.03 34.09
N ASP B 301 17.16 -18.43 35.20
CA ASP B 301 17.19 -16.97 35.37
C ASP B 301 16.34 -16.24 34.34
N THR B 302 15.10 -16.68 34.17
CA THR B 302 14.08 -15.87 33.50
C THR B 302 12.86 -15.69 34.37
N GLU B 303 12.11 -14.63 34.10
CA GLU B 303 10.84 -14.40 34.76
C GLU B 303 9.76 -15.34 34.23
N SER B 304 8.71 -15.53 35.01
CA SER B 304 7.43 -15.98 34.50
C SER B 304 6.34 -15.03 34.98
N GLU B 305 5.15 -15.14 34.39
CA GLU B 305 4.01 -14.38 34.87
C GLU B 305 2.70 -15.12 34.65
N THR B 306 1.92 -15.25 35.72
CA THR B 306 0.62 -15.90 35.66
C THR B 306 -0.48 -14.86 35.58
N ARG B 307 -1.29 -14.94 34.53
CA ARG B 307 -2.39 -14.01 34.35
C ARG B 307 -3.73 -14.70 34.59
N ILE B 308 -4.39 -14.32 35.68
CA ILE B 308 -5.71 -14.83 36.01
C ILE B 308 -6.78 -13.87 35.50
N LEU B 309 -7.72 -14.39 34.71
CA LEU B 309 -8.76 -13.56 34.13
C LEU B 309 -10.15 -14.03 34.53
N LEU B 310 -10.98 -13.10 34.99
CA LEU B 310 -12.37 -13.39 35.32
C LEU B 310 -13.31 -12.84 34.26
N GLN B 311 -14.17 -13.70 33.73
CA GLN B 311 -15.08 -13.31 32.66
C GLN B 311 -16.52 -13.39 33.14
N GLY B 312 -17.23 -12.27 33.06
CA GLY B 312 -18.65 -12.23 33.46
C GLY B 312 -19.53 -13.02 32.53
N THR B 313 -19.02 -13.32 31.34
CA THR B 313 -19.77 -14.03 30.31
C THR B 313 -18.79 -14.75 29.39
N PRO B 314 -19.10 -16.01 29.05
CA PRO B 314 -18.25 -16.79 28.16
C PRO B 314 -17.77 -15.97 26.96
N VAL B 315 -18.62 -15.07 26.49
CA VAL B 315 -18.20 -14.02 25.57
C VAL B 315 -18.06 -12.69 26.32
N ALA B 316 -16.82 -12.24 26.49
CA ALA B 316 -16.57 -10.97 27.16
C ALA B 316 -15.21 -10.43 26.74
N GLN B 317 -14.15 -11.18 27.04
CA GLN B 317 -12.84 -10.95 26.44
C GLN B 317 -12.99 -10.78 24.93
N MET B 318 -13.76 -11.67 24.32
CA MET B 318 -13.93 -11.65 22.87
C MET B 318 -14.70 -10.42 22.40
N THR B 319 -15.86 -10.16 22.99
CA THR B 319 -16.62 -8.95 22.70
C THR B 319 -15.75 -7.70 22.83
N GLU B 320 -15.04 -7.61 23.96
CA GLU B 320 -14.15 -6.49 24.22
C GLU B 320 -13.11 -6.34 23.11
N ASP B 321 -12.59 -7.46 22.64
CA ASP B 321 -11.48 -7.46 21.68
C ASP B 321 -11.96 -7.21 20.26
N ALA B 322 -13.05 -7.86 19.89
CA ALA B 322 -13.58 -7.76 18.52
C ALA B 322 -13.94 -6.32 18.19
N VAL B 323 -14.23 -5.53 19.22
CA VAL B 323 -14.64 -4.14 19.05
C VAL B 323 -13.45 -3.20 18.83
N ASP B 324 -12.35 -3.47 19.53
CA ASP B 324 -11.17 -2.62 19.45
C ASP B 324 -10.24 -3.02 18.31
N ALA B 325 -9.70 -2.02 17.62
CA ALA B 325 -8.89 -2.25 16.44
C ALA B 325 -7.53 -2.85 16.78
N GLU B 326 -6.96 -2.42 17.90
CA GLU B 326 -5.60 -2.83 18.26
C GLU B 326 -5.56 -4.01 19.22
N ARG B 327 -6.73 -4.55 19.55
CA ARG B 327 -6.81 -5.78 20.33
C ARG B 327 -7.54 -6.89 19.57
N LEU B 328 -7.94 -6.61 18.34
CA LEU B 328 -8.66 -7.56 17.51
C LEU B 328 -7.81 -8.79 17.18
N LYS B 329 -6.51 -8.58 17.03
CA LYS B 329 -5.59 -9.67 16.68
C LYS B 329 -5.32 -10.60 17.86
N HIS B 330 -5.80 -10.22 19.05
CA HIS B 330 -5.59 -11.01 20.26
C HIS B 330 -6.52 -12.21 20.35
N LEU B 331 -7.30 -12.43 19.29
CA LEU B 331 -8.28 -13.52 19.27
C LEU B 331 -7.71 -14.77 18.63
N ILE B 332 -6.50 -14.66 18.09
CA ILE B 332 -5.96 -15.65 17.18
C ILE B 332 -4.44 -15.73 17.30
N VAL B 333 -3.93 -16.94 17.52
CA VAL B 333 -2.49 -17.15 17.64
C VAL B 333 -1.82 -17.29 16.27
N THR B 334 -2.63 -17.32 15.22
CA THR B 334 -2.14 -17.62 13.87
C THR B 334 -2.13 -16.37 12.98
N PRO B 335 -1.33 -16.42 11.91
CA PRO B 335 -1.29 -15.35 10.92
C PRO B 335 -2.61 -15.21 10.14
N SER B 336 -2.79 -14.09 9.46
CA SER B 336 -4.08 -13.73 8.91
C SER B 336 -3.97 -13.17 7.49
N GLY B 337 -3.10 -13.76 6.69
CA GLY B 337 -2.80 -13.25 5.36
C GLY B 337 -3.29 -14.13 4.23
N CYS B 338 -4.39 -14.82 4.46
CA CYS B 338 -4.98 -15.68 3.43
C CYS B 338 -6.49 -15.53 3.35
N GLY B 339 -7.07 -16.12 2.32
CA GLY B 339 -8.46 -15.86 1.94
C GLY B 339 -9.44 -15.86 3.09
N GLU B 340 -9.39 -16.89 3.92
CA GLU B 340 -10.35 -17.04 5.01
C GLU B 340 -9.81 -16.47 6.32
N GLN B 341 -8.49 -16.48 6.48
CA GLN B 341 -7.84 -15.98 7.68
C GLN B 341 -8.02 -14.48 7.82
N ASN B 342 -7.93 -13.78 6.70
CA ASN B 342 -8.05 -12.33 6.68
C ASN B 342 -9.40 -11.84 7.20
N MET B 343 -10.31 -12.78 7.45
CA MET B 343 -11.68 -12.45 7.80
C MET B 343 -11.84 -12.06 9.27
N ILE B 344 -10.76 -12.12 10.05
CA ILE B 344 -10.74 -11.49 11.37
C ILE B 344 -11.13 -10.03 11.23
N GLY B 345 -10.74 -9.42 10.11
CA GLY B 345 -11.09 -8.04 9.81
C GLY B 345 -12.58 -7.76 9.95
N MET B 346 -13.39 -8.81 9.83
CA MET B 346 -14.85 -8.66 9.79
C MET B 346 -15.56 -9.52 10.84
N THR B 347 -15.38 -10.83 10.75
CA THR B 347 -16.28 -11.80 11.38
C THR B 347 -16.54 -11.55 12.86
N PRO B 348 -15.48 -11.55 13.68
CA PRO B 348 -15.64 -11.30 15.12
C PRO B 348 -16.40 -10.01 15.38
N THR B 349 -15.92 -8.91 14.80
CA THR B 349 -16.54 -7.61 14.94
C THR B 349 -18.03 -7.63 14.55
N VAL B 350 -18.34 -8.34 13.47
CA VAL B 350 -19.71 -8.40 12.97
C VAL B 350 -20.63 -9.05 13.99
N ILE B 351 -20.25 -10.22 14.49
CA ILE B 351 -21.06 -10.93 15.47
C ILE B 351 -21.07 -10.18 16.79
N ALA B 352 -19.96 -9.52 17.10
CA ALA B 352 -19.81 -8.79 18.35
C ALA B 352 -20.72 -7.56 18.40
N VAL B 353 -20.80 -6.85 17.27
CA VAL B 353 -21.71 -5.71 17.16
C VAL B 353 -23.17 -6.18 17.21
N HIS B 354 -23.49 -7.17 16.39
CA HIS B 354 -24.81 -7.81 16.44
C HIS B 354 -25.18 -8.18 17.86
N TYR B 355 -24.27 -8.85 18.56
CA TYR B 355 -24.51 -9.30 19.92
C TYR B 355 -24.92 -8.15 20.84
N LEU B 356 -24.23 -7.03 20.74
CA LEU B 356 -24.48 -5.89 21.62
C LEU B 356 -25.73 -5.12 21.20
N ASP B 357 -26.11 -5.25 19.93
CA ASP B 357 -27.35 -4.66 19.43
C ASP B 357 -28.58 -5.37 19.98
N GLU B 358 -28.55 -6.70 19.97
CA GLU B 358 -29.72 -7.50 20.32
C GLU B 358 -29.93 -7.58 21.82
N THR B 359 -28.86 -7.41 22.59
CA THR B 359 -28.93 -7.48 24.04
C THR B 359 -28.90 -6.08 24.66
N GLU B 360 -28.85 -5.06 23.81
CA GLU B 360 -28.87 -3.67 24.25
C GLU B 360 -27.83 -3.40 25.33
N GLN B 361 -26.57 -3.29 24.92
CA GLN B 361 -25.48 -3.12 25.87
C GLN B 361 -24.54 -1.97 25.50
N TRP B 362 -24.81 -1.34 24.37
CA TRP B 362 -24.00 -0.21 23.91
C TRP B 362 -24.05 0.95 24.89
N GLU B 363 -25.14 1.02 25.66
CA GLU B 363 -25.35 2.09 26.63
C GLU B 363 -24.28 2.06 27.73
N LYS B 364 -24.25 0.95 28.47
CA LYS B 364 -23.30 0.81 29.58
C LYS B 364 -21.88 0.60 29.07
N PHE B 365 -21.76 -0.05 27.91
CA PHE B 365 -20.46 -0.44 27.38
C PHE B 365 -19.74 0.75 26.76
N GLY B 366 -20.50 1.66 26.16
CA GLY B 366 -19.92 2.86 25.55
C GLY B 366 -20.25 2.99 24.07
N LEU B 367 -21.16 3.90 23.74
CA LEU B 367 -21.64 4.07 22.38
C LEU B 367 -20.56 4.55 21.43
N GLU B 368 -19.57 5.24 21.98
CA GLU B 368 -18.42 5.73 21.19
C GLU B 368 -17.71 4.58 20.50
N LYS B 369 -17.66 3.43 21.17
CA LYS B 369 -16.93 2.28 20.68
C LYS B 369 -17.54 1.71 19.40
N ARG B 370 -18.84 1.93 19.23
CA ARG B 370 -19.58 1.33 18.11
C ARG B 370 -19.15 1.92 16.77
N GLN B 371 -19.24 3.23 16.63
CA GLN B 371 -18.80 3.90 15.41
C GLN B 371 -17.36 3.51 15.09
N GLY B 372 -16.57 3.29 16.14
CA GLY B 372 -15.23 2.73 16.00
C GLY B 372 -15.26 1.31 15.46
N ALA B 373 -16.22 0.52 15.94
CA ALA B 373 -16.34 -0.88 15.54
C ALA B 373 -16.77 -1.00 14.07
N LEU B 374 -17.66 -0.12 13.64
CA LEU B 374 -18.15 -0.13 12.26
C LEU B 374 -17.02 0.13 11.27
N GLU B 375 -16.04 0.93 11.69
CA GLU B 375 -14.91 1.29 10.83
C GLU B 375 -14.01 0.09 10.57
N LEU B 376 -13.93 -0.80 11.55
CA LEU B 376 -13.17 -2.05 11.41
C LEU B 376 -13.75 -2.93 10.31
N ILE B 377 -15.06 -3.12 10.36
CA ILE B 377 -15.75 -3.95 9.37
C ILE B 377 -15.60 -3.37 7.98
N LYS B 378 -15.62 -2.04 7.89
CA LYS B 378 -15.24 -1.35 6.66
C LYS B 378 -13.85 -1.78 6.22
N LYS B 379 -12.86 -1.57 7.08
CA LYS B 379 -11.48 -1.91 6.79
C LYS B 379 -11.34 -3.36 6.38
N GLY B 380 -11.89 -4.26 7.20
CA GLY B 380 -11.88 -5.69 6.91
C GLY B 380 -12.47 -6.01 5.55
N TYR B 381 -13.61 -5.40 5.25
CA TYR B 381 -14.25 -5.57 3.95
C TYR B 381 -13.32 -5.12 2.83
N THR B 382 -12.75 -3.93 2.99
CA THR B 382 -11.79 -3.40 2.04
C THR B 382 -10.67 -4.40 1.77
N GLN B 383 -10.19 -5.04 2.83
CA GLN B 383 -9.11 -6.02 2.72
C GLN B 383 -9.56 -7.28 1.99
N GLN B 384 -10.76 -7.75 2.31
CA GLN B 384 -11.25 -9.02 1.78
C GLN B 384 -11.38 -8.98 0.26
N LEU B 385 -11.60 -7.78 -0.29
CA LEU B 385 -11.81 -7.61 -1.71
C LEU B 385 -10.55 -7.93 -2.52
N ALA B 386 -9.41 -7.97 -1.83
CA ALA B 386 -8.14 -8.35 -2.46
C ALA B 386 -8.17 -9.79 -2.94
N PHE B 387 -9.04 -10.59 -2.33
CA PHE B 387 -9.13 -12.00 -2.65
C PHE B 387 -10.21 -12.28 -3.69
N ARG B 388 -11.06 -11.28 -3.93
CA ARG B 388 -12.13 -11.39 -4.91
C ARG B 388 -11.58 -11.40 -6.33
N GLN B 389 -12.04 -12.36 -7.13
CA GLN B 389 -11.65 -12.43 -8.54
C GLN B 389 -12.87 -12.28 -9.42
N PRO B 390 -12.66 -12.19 -10.74
CA PRO B 390 -13.73 -12.45 -11.71
C PRO B 390 -14.12 -13.93 -11.74
N SER B 391 -15.41 -14.20 -11.58
CA SER B 391 -16.36 -13.19 -11.15
C SER B 391 -16.86 -13.49 -9.75
N SER B 392 -16.53 -12.61 -8.81
CA SER B 392 -17.09 -12.65 -7.46
C SER B 392 -16.74 -13.94 -6.70
N ALA B 393 -15.65 -14.59 -7.13
CA ALA B 393 -15.43 -15.99 -6.77
C ALA B 393 -14.65 -16.18 -5.47
N PHE B 394 -13.70 -15.29 -5.20
CA PHE B 394 -12.94 -15.32 -3.94
C PHE B 394 -12.05 -16.56 -3.81
N ALA B 395 -10.74 -16.35 -3.83
CA ALA B 395 -9.78 -17.43 -3.70
C ALA B 395 -8.92 -17.27 -2.45
N ALA B 396 -8.29 -18.36 -2.01
CA ALA B 396 -7.53 -18.36 -0.77
C ALA B 396 -6.28 -17.49 -0.86
N PHE B 397 -5.77 -17.32 -2.07
CA PHE B 397 -4.64 -16.43 -2.32
C PHE B 397 -4.86 -15.64 -3.61
N VAL B 398 -4.53 -14.36 -3.60
CA VAL B 398 -4.78 -13.47 -4.73
C VAL B 398 -4.31 -14.12 -6.03
N LYS B 399 -5.16 -14.01 -7.07
CA LYS B 399 -4.86 -14.60 -8.38
C LYS B 399 -4.47 -16.07 -8.25
N ARG B 400 -5.42 -16.89 -7.81
CA ARG B 400 -5.24 -18.33 -7.76
C ARG B 400 -6.59 -19.04 -7.74
N ALA B 401 -6.58 -20.36 -7.91
CA ALA B 401 -7.80 -21.13 -8.09
C ALA B 401 -8.85 -20.79 -7.02
N PRO B 402 -10.07 -20.51 -7.46
CA PRO B 402 -11.12 -20.01 -6.57
C PRO B 402 -11.77 -21.12 -5.77
N SER B 403 -12.16 -20.81 -4.53
CA SER B 403 -12.67 -21.82 -3.61
C SER B 403 -14.18 -21.70 -3.44
N THR B 404 -14.86 -22.84 -3.44
CA THR B 404 -16.30 -22.88 -3.16
C THR B 404 -16.57 -22.66 -1.68
N TRP B 405 -15.75 -23.28 -0.85
CA TRP B 405 -15.87 -23.15 0.59
C TRP B 405 -15.65 -21.71 1.04
N LEU B 406 -14.63 -21.07 0.48
CA LEU B 406 -14.25 -19.72 0.89
C LEU B 406 -15.29 -18.70 0.49
N THR B 407 -15.80 -18.81 -0.74
CA THR B 407 -16.87 -17.93 -1.22
C THR B 407 -18.09 -18.06 -0.31
N ALA B 408 -18.54 -19.28 -0.09
CA ALA B 408 -19.62 -19.55 0.84
C ALA B 408 -19.41 -18.80 2.15
N TYR B 409 -18.24 -18.97 2.74
CA TYR B 409 -17.90 -18.26 3.98
C TYR B 409 -18.07 -16.75 3.80
N VAL B 410 -17.40 -16.19 2.80
CA VAL B 410 -17.42 -14.76 2.57
C VAL B 410 -18.84 -14.25 2.38
N VAL B 411 -19.66 -15.03 1.67
CA VAL B 411 -21.06 -14.69 1.45
C VAL B 411 -21.83 -14.54 2.76
N LYS B 412 -21.53 -15.39 3.72
CA LYS B 412 -22.19 -15.36 5.01
C LYS B 412 -21.92 -14.04 5.74
N VAL B 413 -20.65 -13.79 6.05
CA VAL B 413 -20.26 -12.59 6.79
C VAL B 413 -20.72 -11.32 6.07
N PHE B 414 -20.51 -11.28 4.77
CA PHE B 414 -20.99 -10.17 3.95
C PHE B 414 -22.49 -9.98 4.11
N SER B 415 -23.24 -11.07 3.93
CA SER B 415 -24.69 -11.03 4.07
C SER B 415 -25.12 -10.60 5.47
N LEU B 416 -24.33 -11.00 6.46
CA LEU B 416 -24.65 -10.67 7.85
C LEU B 416 -24.09 -9.30 8.22
N ALA B 417 -23.53 -8.61 7.24
CA ALA B 417 -22.94 -7.28 7.45
C ALA B 417 -23.68 -6.21 6.66
N VAL B 418 -24.51 -6.62 5.72
CA VAL B 418 -25.20 -5.68 4.83
C VAL B 418 -25.86 -4.53 5.59
N ASN B 419 -26.30 -4.81 6.82
CA ASN B 419 -26.89 -3.80 7.66
C ASN B 419 -25.86 -2.84 8.24
N LEU B 420 -24.72 -3.39 8.65
CA LEU B 420 -23.76 -2.65 9.47
C LEU B 420 -22.95 -1.65 8.65
N ILE B 421 -22.31 -2.14 7.58
CA ILE B 421 -21.65 -1.26 6.62
C ILE B 421 -22.23 -1.46 5.23
N ALA B 422 -21.83 -0.61 4.29
CA ALA B 422 -22.26 -0.75 2.90
C ALA B 422 -21.55 -1.92 2.23
N ILE B 423 -22.29 -2.96 1.90
CA ILE B 423 -21.77 -4.04 1.06
C ILE B 423 -22.30 -3.91 -0.36
N ASP B 424 -21.39 -3.90 -1.33
CA ASP B 424 -21.76 -3.85 -2.74
C ASP B 424 -22.55 -5.09 -3.12
N SER B 425 -23.85 -4.91 -3.37
CA SER B 425 -24.73 -6.01 -3.72
C SER B 425 -24.24 -6.72 -4.98
N GLN B 426 -23.56 -5.97 -5.84
CA GLN B 426 -22.92 -6.54 -7.02
C GLN B 426 -21.87 -7.58 -6.63
N VAL B 427 -21.05 -7.22 -5.65
CA VAL B 427 -20.01 -8.13 -5.13
C VAL B 427 -20.64 -9.33 -4.42
N LEU B 428 -21.63 -9.06 -3.57
CA LEU B 428 -22.28 -10.11 -2.78
C LEU B 428 -23.05 -11.08 -3.66
N CYS B 429 -23.94 -10.56 -4.50
CA CYS B 429 -24.91 -11.40 -5.20
C CYS B 429 -24.32 -12.10 -6.41
N GLY B 430 -23.24 -11.55 -6.96
CA GLY B 430 -22.47 -12.24 -7.98
C GLY B 430 -21.85 -13.53 -7.45
N ALA B 431 -21.48 -13.51 -6.17
CA ALA B 431 -20.88 -14.67 -5.52
C ALA B 431 -21.93 -15.75 -5.28
N VAL B 432 -23.06 -15.35 -4.71
CA VAL B 432 -24.21 -16.23 -4.58
C VAL B 432 -24.66 -16.74 -5.95
N LYS B 433 -24.62 -15.85 -6.94
CA LYS B 433 -24.93 -16.23 -8.32
C LYS B 433 -23.93 -17.23 -8.87
N TRP B 434 -22.68 -17.14 -8.40
CA TRP B 434 -21.62 -18.03 -8.86
C TRP B 434 -21.74 -19.42 -8.24
N LEU B 435 -21.89 -19.47 -6.92
CA LEU B 435 -21.98 -20.74 -6.21
C LEU B 435 -23.12 -21.60 -6.75
N ILE B 436 -24.27 -20.98 -6.99
CA ILE B 436 -25.46 -21.70 -7.41
C ILE B 436 -25.37 -22.15 -8.87
N LEU B 437 -25.07 -21.21 -9.76
CA LEU B 437 -25.13 -21.49 -11.20
C LEU B 437 -24.00 -22.41 -11.67
N GLU B 438 -22.88 -22.38 -10.98
CA GLU B 438 -21.67 -23.03 -11.48
C GLU B 438 -21.17 -24.17 -10.60
N LYS B 439 -21.46 -24.10 -9.30
CA LYS B 439 -20.86 -25.03 -8.35
C LYS B 439 -21.84 -26.09 -7.83
N GLN B 440 -23.13 -25.82 -7.94
CA GLN B 440 -24.15 -26.76 -7.49
C GLN B 440 -24.55 -27.76 -8.57
N LYS B 441 -24.29 -29.04 -8.30
CA LYS B 441 -24.75 -30.13 -9.16
C LYS B 441 -26.27 -30.25 -9.08
N PRO B 442 -26.89 -30.74 -10.15
CA PRO B 442 -28.34 -30.93 -10.19
C PRO B 442 -28.84 -31.81 -9.05
N ASP B 443 -27.94 -32.58 -8.45
CA ASP B 443 -28.28 -33.43 -7.32
C ASP B 443 -28.57 -32.61 -6.07
N GLY B 444 -28.11 -31.36 -6.07
CA GLY B 444 -28.24 -30.49 -4.91
C GLY B 444 -26.93 -30.28 -4.17
N VAL B 445 -25.95 -31.12 -4.49
CA VAL B 445 -24.61 -31.03 -3.89
C VAL B 445 -23.87 -29.82 -4.45
N PHE B 446 -22.88 -29.35 -3.70
CA PHE B 446 -21.97 -28.32 -4.19
C PHE B 446 -20.59 -28.89 -4.49
N GLN B 447 -19.96 -28.38 -5.54
CA GLN B 447 -18.64 -28.86 -5.96
C GLN B 447 -17.54 -27.99 -5.37
N GLU B 448 -16.40 -28.62 -5.07
CA GLU B 448 -15.18 -27.88 -4.76
C GLU B 448 -14.13 -28.13 -5.83
N ASP B 449 -13.65 -27.05 -6.45
CA ASP B 449 -12.70 -27.17 -7.56
C ASP B 449 -11.32 -26.64 -7.20
N ALA B 450 -11.25 -25.81 -6.16
CA ALA B 450 -9.98 -25.44 -5.57
C ALA B 450 -9.47 -26.59 -4.69
N PRO B 451 -8.19 -26.51 -4.31
CA PRO B 451 -7.67 -27.31 -3.19
C PRO B 451 -8.33 -26.90 -1.87
N VAL B 452 -8.70 -27.89 -1.06
CA VAL B 452 -9.51 -27.65 0.13
C VAL B 452 -8.73 -26.94 1.24
N ILE B 453 -9.32 -25.88 1.76
CA ILE B 453 -8.72 -25.12 2.86
C ILE B 453 -8.97 -25.83 4.19
N HIS B 454 -10.14 -26.45 4.31
CA HIS B 454 -10.61 -26.97 5.59
C HIS B 454 -10.62 -28.50 5.61
N GLN B 455 -10.91 -29.06 6.78
CA GLN B 455 -11.18 -30.50 6.94
C GLN B 455 -11.53 -31.21 5.64
N GLU B 456 -10.62 -32.05 5.17
CA GLU B 456 -10.77 -32.78 3.91
C GLU B 456 -12.17 -32.73 3.31
N ASN B 463 -16.36 -43.63 -0.76
CA ASN B 463 -17.74 -43.31 -1.15
C ASN B 463 -17.90 -41.85 -1.55
N ASN B 464 -17.30 -40.95 -0.78
CA ASN B 464 -17.29 -39.52 -1.08
C ASN B 464 -18.61 -38.79 -0.81
N ASN B 465 -19.48 -39.41 -0.01
CA ASN B 465 -20.41 -38.66 0.81
C ASN B 465 -19.67 -38.02 1.98
N GLU B 466 -20.38 -37.23 2.78
CA GLU B 466 -19.76 -36.51 3.89
C GLU B 466 -18.80 -35.44 3.38
N LYS B 467 -17.99 -35.78 2.38
CA LYS B 467 -17.32 -34.76 1.58
C LYS B 467 -18.36 -33.88 0.90
N ASP B 468 -19.32 -34.51 0.23
CA ASP B 468 -20.44 -33.81 -0.37
C ASP B 468 -21.37 -33.26 0.70
N MET B 469 -21.59 -34.04 1.75
CA MET B 469 -22.56 -33.70 2.78
C MET B 469 -22.13 -32.53 3.64
N ALA B 470 -20.83 -32.47 3.96
CA ALA B 470 -20.31 -31.42 4.82
C ALA B 470 -20.25 -30.08 4.09
N LEU B 471 -19.72 -30.09 2.87
CA LEU B 471 -19.51 -28.86 2.13
C LEU B 471 -20.84 -28.20 1.76
N THR B 472 -21.82 -29.02 1.37
CA THR B 472 -23.15 -28.52 1.06
C THR B 472 -23.83 -27.96 2.30
N ALA B 473 -23.64 -28.65 3.43
CA ALA B 473 -24.08 -28.13 4.72
C ALA B 473 -23.53 -26.73 4.97
N PHE B 474 -22.23 -26.56 4.74
CA PHE B 474 -21.57 -25.28 4.97
C PHE B 474 -22.03 -24.20 4.00
N VAL B 475 -22.29 -24.59 2.76
CA VAL B 475 -22.73 -23.64 1.73
C VAL B 475 -24.20 -23.27 1.94
N LEU B 476 -25.00 -24.22 2.41
CA LEU B 476 -26.41 -24.01 2.62
C LEU B 476 -26.66 -23.10 3.83
N ILE B 477 -25.74 -23.14 4.79
CA ILE B 477 -25.79 -22.22 5.92
C ILE B 477 -25.46 -20.79 5.48
N SER B 478 -24.66 -20.67 4.42
CA SER B 478 -24.29 -19.36 3.88
C SER B 478 -25.45 -18.74 3.13
N LEU B 479 -26.17 -19.55 2.36
CA LEU B 479 -27.19 -19.04 1.45
C LEU B 479 -28.42 -18.50 2.19
N GLN B 480 -28.58 -18.92 3.43
CA GLN B 480 -29.72 -18.50 4.24
C GLN B 480 -29.54 -17.08 4.78
N GLU B 481 -28.32 -16.58 4.69
CA GLU B 481 -28.04 -15.20 5.04
C GLU B 481 -28.30 -14.26 3.87
N ALA B 482 -28.14 -14.80 2.66
CA ALA B 482 -28.37 -14.01 1.44
C ALA B 482 -29.80 -14.18 0.94
N LYS B 483 -30.55 -15.08 1.57
CA LYS B 483 -31.91 -15.41 1.15
C LYS B 483 -32.69 -14.18 0.68
N ASP B 484 -33.03 -13.31 1.62
CA ASP B 484 -33.93 -12.19 1.35
C ASP B 484 -33.16 -10.90 1.07
N ILE B 485 -31.93 -11.05 0.59
CA ILE B 485 -31.16 -9.91 0.09
C ILE B 485 -30.94 -10.04 -1.42
N CYS B 486 -30.59 -11.24 -1.86
CA CYS B 486 -30.35 -11.50 -3.27
C CYS B 486 -31.58 -12.07 -3.97
N GLU B 487 -32.75 -11.64 -3.52
CA GLU B 487 -34.02 -12.17 -4.02
C GLU B 487 -34.22 -11.85 -5.50
N GLU B 488 -34.27 -10.56 -5.81
CA GLU B 488 -34.49 -10.10 -7.18
C GLU B 488 -33.21 -10.20 -8.01
N GLN B 489 -32.06 -10.16 -7.33
CA GLN B 489 -30.76 -10.23 -8.00
C GLN B 489 -30.48 -11.65 -8.50
N VAL B 490 -30.66 -12.63 -7.63
CA VAL B 490 -30.48 -14.03 -7.99
C VAL B 490 -31.82 -14.75 -8.01
N ASN B 491 -32.19 -15.26 -9.18
CA ASN B 491 -33.52 -15.82 -9.39
C ASN B 491 -33.71 -17.17 -8.72
N SER B 492 -32.74 -18.07 -8.91
CA SER B 492 -32.89 -19.46 -8.50
C SER B 492 -32.26 -19.74 -7.13
N LEU B 493 -32.34 -18.76 -6.25
CA LEU B 493 -31.88 -18.94 -4.87
C LEU B 493 -32.76 -19.93 -4.10
N PRO B 494 -34.07 -19.66 -4.06
CA PRO B 494 -34.98 -20.44 -3.23
C PRO B 494 -35.08 -21.90 -3.67
N GLY B 495 -34.96 -22.13 -4.97
CA GLY B 495 -34.93 -23.49 -5.51
C GLY B 495 -33.61 -24.19 -5.22
N SER B 496 -32.52 -23.43 -5.29
CA SER B 496 -31.19 -23.97 -5.02
C SER B 496 -31.05 -24.46 -3.58
N ILE B 497 -31.55 -23.66 -2.64
CA ILE B 497 -31.57 -24.06 -1.24
C ILE B 497 -32.38 -25.33 -1.03
N THR B 498 -33.51 -25.43 -1.71
CA THR B 498 -34.35 -26.62 -1.65
C THR B 498 -33.59 -27.86 -2.13
N LYS B 499 -32.94 -27.76 -3.28
CA LYS B 499 -32.14 -28.86 -3.81
C LYS B 499 -31.10 -29.32 -2.79
N ALA B 500 -30.44 -28.36 -2.15
CA ALA B 500 -29.43 -28.65 -1.13
C ALA B 500 -30.05 -29.18 0.15
N GLY B 501 -31.21 -28.66 0.50
CA GLY B 501 -31.93 -29.09 1.69
C GLY B 501 -32.44 -30.51 1.58
N ASP B 502 -32.87 -30.89 0.37
CA ASP B 502 -33.37 -32.23 0.11
C ASP B 502 -32.25 -33.26 0.14
N PHE B 503 -31.10 -32.91 -0.43
CA PHE B 503 -29.94 -33.78 -0.40
C PHE B 503 -29.52 -34.09 1.03
N LEU B 504 -29.76 -33.13 1.93
CA LEU B 504 -29.37 -33.27 3.32
C LEU B 504 -30.21 -34.32 4.05
N GLU B 505 -31.52 -34.13 4.03
CA GLU B 505 -32.41 -34.95 4.86
C GLU B 505 -32.62 -36.35 4.30
N ALA B 506 -31.85 -36.69 3.27
CA ALA B 506 -31.87 -38.05 2.73
C ALA B 506 -30.62 -38.83 3.12
N ASN B 507 -29.46 -38.20 2.94
CA ASN B 507 -28.17 -38.85 3.22
C ASN B 507 -27.73 -38.67 4.66
N TYR B 508 -28.48 -37.90 5.43
CA TYR B 508 -28.11 -37.55 6.79
C TYR B 508 -28.00 -38.78 7.70
N MET B 509 -28.84 -39.78 7.43
CA MET B 509 -28.93 -40.96 8.29
C MET B 509 -27.82 -41.95 8.00
N ASN B 510 -26.92 -41.59 7.10
CA ASN B 510 -25.77 -42.42 6.78
C ASN B 510 -24.46 -41.82 7.29
N LEU B 511 -24.56 -40.65 7.92
CA LEU B 511 -23.38 -39.91 8.35
C LEU B 511 -22.62 -40.64 9.44
N GLN B 512 -21.30 -40.71 9.29
CA GLN B 512 -20.45 -41.41 10.23
C GLN B 512 -19.67 -40.44 11.12
N ARG B 513 -18.98 -39.48 10.49
CA ARG B 513 -18.19 -38.51 11.21
C ARG B 513 -19.06 -37.61 12.09
N SER B 514 -18.65 -37.44 13.34
CA SER B 514 -19.41 -36.66 14.32
C SER B 514 -19.50 -35.19 13.92
N TYR B 515 -18.48 -34.70 13.23
CA TYR B 515 -18.46 -33.33 12.75
C TYR B 515 -19.66 -33.03 11.87
N THR B 516 -19.83 -33.83 10.82
CA THR B 516 -20.88 -33.59 9.83
C THR B 516 -22.28 -33.59 10.46
N VAL B 517 -22.52 -34.57 11.34
CA VAL B 517 -23.82 -34.71 11.99
C VAL B 517 -24.26 -33.40 12.65
N ALA B 518 -23.29 -32.65 13.16
CA ALA B 518 -23.58 -31.36 13.79
C ALA B 518 -23.85 -30.28 12.76
N ILE B 519 -22.88 -30.05 11.87
CA ILE B 519 -22.98 -28.96 10.90
C ILE B 519 -24.20 -29.11 9.99
N ALA B 520 -24.39 -30.31 9.45
CA ALA B 520 -25.54 -30.61 8.61
C ALA B 520 -26.82 -30.70 9.42
N GLY B 521 -26.68 -31.04 10.71
CA GLY B 521 -27.80 -31.00 11.63
C GLY B 521 -28.30 -29.59 11.84
N TYR B 522 -27.38 -28.65 11.96
CA TYR B 522 -27.71 -27.23 12.09
C TYR B 522 -28.35 -26.69 10.82
N ALA B 523 -27.77 -27.05 9.67
CA ALA B 523 -28.30 -26.63 8.38
C ALA B 523 -29.75 -27.06 8.20
N LEU B 524 -30.05 -28.27 8.65
CA LEU B 524 -31.41 -28.81 8.57
C LEU B 524 -32.32 -28.16 9.59
N ALA B 525 -31.76 -27.81 10.75
CA ALA B 525 -32.51 -27.14 11.80
C ALA B 525 -33.00 -25.77 11.34
N GLN B 526 -32.18 -25.09 10.57
CA GLN B 526 -32.52 -23.77 10.04
C GLN B 526 -33.79 -23.80 9.20
N MET B 527 -34.09 -24.98 8.65
CA MET B 527 -35.27 -25.16 7.82
C MET B 527 -36.41 -25.80 8.61
N GLY B 528 -36.08 -26.34 9.79
CA GLY B 528 -37.03 -27.07 10.59
C GLY B 528 -37.19 -28.51 10.12
N ARG B 529 -36.25 -28.94 9.28
CA ARG B 529 -36.30 -30.27 8.68
C ARG B 529 -35.50 -31.30 9.46
N LEU B 530 -35.00 -30.89 10.62
CA LEU B 530 -34.42 -31.82 11.57
C LEU B 530 -35.47 -32.28 12.58
N LYS B 531 -35.99 -33.49 12.38
CA LYS B 531 -37.10 -33.99 13.19
C LYS B 531 -37.00 -35.50 13.40
N GLY B 532 -37.63 -35.99 14.46
CA GLY B 532 -37.87 -37.42 14.63
C GLY B 532 -36.62 -38.26 14.71
N PRO B 533 -36.45 -39.17 13.76
CA PRO B 533 -35.30 -40.08 13.72
C PRO B 533 -34.00 -39.34 13.45
N LEU B 534 -34.06 -38.29 12.64
CA LEU B 534 -32.90 -37.46 12.36
C LEU B 534 -32.46 -36.68 13.59
N LEU B 535 -33.43 -36.15 14.33
CA LEU B 535 -33.14 -35.41 15.55
C LEU B 535 -32.45 -36.29 16.58
N ASN B 536 -32.95 -37.51 16.73
CA ASN B 536 -32.33 -38.50 17.59
C ASN B 536 -30.88 -38.75 17.21
N LYS B 537 -30.64 -38.96 15.92
CA LYS B 537 -29.30 -39.11 15.39
C LYS B 537 -28.40 -37.95 15.82
N PHE B 538 -28.92 -36.73 15.71
CA PHE B 538 -28.18 -35.54 16.08
C PHE B 538 -27.89 -35.49 17.58
N LEU B 539 -28.84 -35.96 18.38
CA LEU B 539 -28.75 -35.84 19.83
C LEU B 539 -27.90 -36.94 20.45
N THR B 540 -27.96 -38.13 19.87
CA THR B 540 -27.27 -39.29 20.43
C THR B 540 -25.78 -39.30 20.06
N THR B 541 -25.40 -38.44 19.13
CA THR B 541 -24.02 -38.37 18.65
C THR B 541 -23.11 -37.64 19.64
N ALA B 542 -23.71 -36.93 20.58
CA ALA B 542 -22.97 -36.17 21.58
C ALA B 542 -22.50 -37.07 22.72
N LYS B 543 -21.19 -37.08 22.95
CA LYS B 543 -20.63 -37.69 24.16
C LYS B 543 -21.05 -36.90 25.40
N ASP B 544 -21.35 -37.63 26.48
CA ASP B 544 -21.69 -37.02 27.76
C ASP B 544 -22.80 -35.96 27.65
N LYS B 545 -23.45 -35.91 26.48
CA LYS B 545 -24.52 -34.95 26.24
C LYS B 545 -24.06 -33.51 26.36
N ASN B 546 -22.79 -33.26 26.02
CA ASN B 546 -22.21 -31.93 26.15
C ASN B 546 -21.25 -31.54 25.03
N ARG B 547 -20.93 -32.48 24.15
CA ARG B 547 -20.08 -32.18 23.00
C ARG B 547 -20.22 -33.20 21.87
N TRP B 548 -20.12 -32.71 20.63
CA TRP B 548 -19.97 -33.57 19.46
C TRP B 548 -18.52 -33.58 19.03
N GLU B 549 -17.82 -34.68 19.32
CA GLU B 549 -16.37 -34.71 19.12
C GLU B 549 -15.87 -35.94 18.37
N ASP B 550 -14.68 -35.81 17.79
CA ASP B 550 -14.06 -36.88 17.01
C ASP B 550 -12.62 -37.09 17.42
N PRO B 551 -12.14 -38.33 17.31
CA PRO B 551 -10.76 -38.66 17.66
C PRO B 551 -9.72 -37.83 16.90
N GLY B 552 -8.88 -37.10 17.65
CA GLY B 552 -7.76 -36.38 17.06
C GLY B 552 -8.13 -34.97 16.62
N LYS B 553 -9.32 -34.82 16.05
CA LYS B 553 -9.71 -33.58 15.40
C LYS B 553 -10.18 -32.54 16.41
N GLN B 554 -9.25 -32.03 17.21
CA GLN B 554 -9.59 -31.32 18.44
C GLN B 554 -10.28 -29.98 18.18
N LEU B 555 -9.63 -29.08 17.45
CA LEU B 555 -10.19 -27.77 17.17
C LEU B 555 -11.39 -27.84 16.23
N TYR B 556 -11.53 -28.96 15.53
CA TYR B 556 -12.70 -29.20 14.71
C TYR B 556 -13.90 -29.54 15.59
N ASN B 557 -13.64 -30.14 16.75
CA ASN B 557 -14.70 -30.48 17.70
C ASN B 557 -15.31 -29.23 18.33
N VAL B 558 -14.47 -28.24 18.60
CA VAL B 558 -14.94 -26.92 19.02
C VAL B 558 -15.81 -26.30 17.93
N GLU B 559 -15.45 -26.56 16.68
CA GLU B 559 -16.22 -26.12 15.53
C GLU B 559 -17.55 -26.87 15.44
N ALA B 560 -17.47 -28.20 15.45
CA ALA B 560 -18.66 -29.04 15.35
C ALA B 560 -19.64 -28.80 16.49
N THR B 561 -19.12 -28.81 17.72
CA THR B 561 -19.95 -28.58 18.91
C THR B 561 -20.67 -27.24 18.83
N SER B 562 -19.97 -26.22 18.36
CA SER B 562 -20.55 -24.89 18.21
C SER B 562 -21.77 -24.94 17.30
N TYR B 563 -21.62 -25.58 16.14
CA TYR B 563 -22.73 -25.81 15.23
C TYR B 563 -23.87 -26.52 15.93
N ALA B 564 -23.54 -27.55 16.71
CA ALA B 564 -24.54 -28.33 17.42
C ALA B 564 -25.30 -27.49 18.44
N LEU B 565 -24.60 -26.52 19.03
CA LEU B 565 -25.26 -25.55 19.90
C LEU B 565 -26.21 -24.66 19.10
N LEU B 566 -25.73 -24.16 17.97
CA LEU B 566 -26.54 -23.33 17.09
C LEU B 566 -27.78 -24.08 16.62
N ALA B 567 -27.64 -25.38 16.39
CA ALA B 567 -28.76 -26.24 16.04
C ALA B 567 -29.72 -26.40 17.22
N LEU B 568 -29.16 -26.60 18.41
CA LEU B 568 -29.97 -26.73 19.62
C LEU B 568 -30.76 -25.45 19.90
N LEU B 569 -30.13 -24.31 19.69
CA LEU B 569 -30.79 -23.02 19.86
C LEU B 569 -31.85 -22.81 18.78
N GLN B 570 -31.56 -23.29 17.58
CA GLN B 570 -32.51 -23.23 16.48
C GLN B 570 -33.77 -24.05 16.80
N LEU B 571 -33.59 -25.12 17.57
CA LEU B 571 -34.70 -26.00 17.92
C LEU B 571 -35.39 -25.56 19.21
N LYS B 572 -34.83 -24.55 19.86
CA LYS B 572 -35.35 -24.03 21.13
C LYS B 572 -35.42 -25.12 22.20
N ASP B 573 -34.40 -25.99 22.22
CA ASP B 573 -34.33 -27.08 23.19
C ASP B 573 -33.35 -26.73 24.30
N PHE B 574 -33.82 -25.99 25.29
CA PHE B 574 -32.93 -25.34 26.26
C PHE B 574 -32.61 -26.20 27.47
N ASP B 575 -32.70 -27.52 27.30
CA ASP B 575 -32.33 -28.45 28.35
C ASP B 575 -31.00 -29.11 28.04
N PHE B 576 -30.77 -29.42 26.76
CA PHE B 576 -29.53 -30.03 26.32
C PHE B 576 -28.39 -29.01 26.37
N VAL B 577 -28.75 -27.73 26.43
CA VAL B 577 -27.83 -26.65 26.09
C VAL B 577 -26.80 -26.37 27.19
N PRO B 578 -27.26 -26.23 28.44
CA PRO B 578 -26.38 -25.86 29.54
C PRO B 578 -25.04 -26.59 29.56
N PRO B 579 -25.05 -27.92 29.53
CA PRO B 579 -23.81 -28.70 29.56
C PRO B 579 -22.93 -28.48 28.33
N VAL B 580 -23.55 -28.15 27.19
CA VAL B 580 -22.80 -27.88 25.98
C VAL B 580 -22.06 -26.55 26.06
N VAL B 581 -22.78 -25.53 26.54
CA VAL B 581 -22.18 -24.21 26.75
C VAL B 581 -21.06 -24.27 27.78
N ARG B 582 -21.24 -25.10 28.80
CA ARG B 582 -20.18 -25.35 29.77
C ARG B 582 -18.93 -25.93 29.10
N TRP B 583 -19.13 -26.88 28.20
CA TRP B 583 -18.02 -27.55 27.55
C TRP B 583 -17.29 -26.61 26.59
N LEU B 584 -18.05 -25.96 25.71
CA LEU B 584 -17.50 -24.98 24.79
C LEU B 584 -16.73 -23.88 25.53
N ASN B 585 -17.24 -23.52 26.70
CA ASN B 585 -16.63 -22.47 27.52
C ASN B 585 -15.16 -22.74 27.84
N GLU B 586 -14.79 -24.02 27.88
CA GLU B 586 -13.55 -24.45 28.52
C GLU B 586 -12.52 -24.98 27.53
N GLN B 587 -12.81 -24.88 26.25
CA GLN B 587 -11.93 -25.44 25.22
C GLN B 587 -10.94 -24.40 24.70
N ARG B 588 -10.24 -23.75 25.62
CA ARG B 588 -9.30 -22.69 25.27
C ARG B 588 -7.87 -23.05 25.67
N TYR B 589 -7.12 -23.60 24.73
CA TYR B 589 -5.82 -24.20 25.06
C TYR B 589 -4.64 -23.36 24.59
N TYR B 590 -4.93 -22.24 23.93
CA TYR B 590 -3.89 -21.39 23.38
C TYR B 590 -4.02 -19.96 23.88
N GLY B 591 -3.34 -19.66 24.97
CA GLY B 591 -3.76 -18.59 25.87
C GLY B 591 -5.14 -18.88 26.41
N GLY B 592 -5.77 -17.87 27.01
CA GLY B 592 -7.15 -18.01 27.45
C GLY B 592 -8.11 -18.01 26.28
N GLY B 593 -7.69 -18.61 25.18
CA GLY B 593 -8.41 -18.47 23.91
C GLY B 593 -8.39 -19.71 23.05
N TYR B 594 -9.43 -19.87 22.25
CA TYR B 594 -9.41 -20.78 21.11
C TYR B 594 -8.40 -20.25 20.09
N GLY B 595 -7.77 -21.17 19.36
CA GLY B 595 -6.54 -20.84 18.66
C GLY B 595 -6.75 -20.29 17.27
N SER B 596 -7.47 -21.04 16.44
CA SER B 596 -7.59 -20.74 15.02
C SER B 596 -8.77 -19.82 14.74
N THR B 597 -8.86 -19.34 13.51
CA THR B 597 -9.92 -18.42 13.11
C THR B 597 -11.28 -19.11 13.12
N GLN B 598 -11.43 -20.12 12.26
CA GLN B 598 -12.69 -20.86 12.14
C GLN B 598 -13.20 -21.40 13.48
N ALA B 599 -12.27 -21.85 14.31
CA ALA B 599 -12.59 -22.30 15.66
C ALA B 599 -13.17 -21.17 16.50
N THR B 600 -12.47 -20.04 16.53
CA THR B 600 -12.83 -18.94 17.42
C THR B 600 -14.16 -18.30 17.05
N PHE B 601 -14.31 -17.94 15.78
CA PHE B 601 -15.49 -17.23 15.32
C PHE B 601 -16.74 -18.11 15.39
N MET B 602 -16.53 -19.42 15.38
CA MET B 602 -17.62 -20.39 15.46
C MET B 602 -18.19 -20.46 16.86
N VAL B 603 -17.30 -20.57 17.86
CA VAL B 603 -17.72 -20.61 19.26
C VAL B 603 -18.23 -19.24 19.70
N PHE B 604 -17.54 -18.20 19.25
CA PHE B 604 -17.99 -16.82 19.49
C PHE B 604 -19.45 -16.68 19.08
N GLN B 605 -19.74 -16.99 17.82
CA GLN B 605 -21.09 -16.84 17.29
C GLN B 605 -22.12 -17.60 18.12
N ALA B 606 -21.79 -18.84 18.48
CA ALA B 606 -22.74 -19.75 19.12
C ALA B 606 -22.95 -19.41 20.59
N LEU B 607 -21.86 -19.13 21.29
CA LEU B 607 -21.94 -18.70 22.68
C LEU B 607 -22.69 -17.37 22.82
N ALA B 608 -22.45 -16.46 21.88
CA ALA B 608 -23.17 -15.20 21.83
C ALA B 608 -24.62 -15.40 21.43
N GLN B 609 -24.88 -16.41 20.60
CA GLN B 609 -26.23 -16.76 20.21
C GLN B 609 -27.00 -17.34 21.38
N TYR B 610 -26.29 -18.03 22.28
CA TYR B 610 -26.88 -18.51 23.52
C TYR B 610 -27.35 -17.34 24.38
N GLN B 611 -26.55 -16.28 24.42
CA GLN B 611 -26.90 -15.07 25.18
C GLN B 611 -28.15 -14.41 24.65
N LYS B 612 -28.33 -14.46 23.33
CA LYS B 612 -29.40 -13.72 22.67
C LYS B 612 -30.71 -14.50 22.65
N ASP B 613 -30.61 -15.82 22.72
CA ASP B 613 -31.78 -16.69 22.56
C ASP B 613 -32.23 -17.32 23.87
N ALA B 614 -31.59 -16.93 24.96
CA ALA B 614 -31.89 -17.51 26.28
C ALA B 614 -33.25 -17.05 26.79
N PRO B 615 -34.08 -18.01 27.22
CA PRO B 615 -35.28 -17.71 27.98
C PRO B 615 -34.97 -17.50 29.46
N ASP B 616 -33.68 -17.52 29.80
CA ASP B 616 -33.23 -17.38 31.18
C ASP B 616 -32.53 -16.04 31.39
N HIS B 617 -33.02 -15.28 32.36
CA HIS B 617 -32.46 -13.97 32.68
C HIS B 617 -31.15 -14.12 33.46
N GLN B 618 -30.31 -15.06 33.03
CA GLN B 618 -29.11 -15.43 33.78
C GLN B 618 -28.24 -14.22 34.10
N GLU B 619 -28.48 -13.60 35.25
CA GLU B 619 -27.92 -12.29 35.55
C GLU B 619 -26.60 -12.41 36.31
N LEU B 620 -25.79 -11.37 36.20
CA LEU B 620 -24.48 -11.34 36.86
C LEU B 620 -24.58 -10.69 38.24
N ASN B 621 -24.22 -11.46 39.26
CA ASN B 621 -23.88 -10.90 40.56
C ASN B 621 -22.77 -11.72 41.21
N LEU B 622 -21.73 -12.03 40.43
CA LEU B 622 -20.70 -12.96 40.85
C LEU B 622 -19.78 -12.37 41.92
N ASP B 623 -19.42 -13.21 42.88
CA ASP B 623 -18.56 -12.80 43.98
C ASP B 623 -17.35 -13.72 44.07
N VAL B 624 -16.38 -13.51 43.18
CA VAL B 624 -15.20 -14.37 43.13
C VAL B 624 -14.13 -13.87 44.10
N SER B 625 -13.67 -14.78 44.97
CA SER B 625 -12.57 -14.47 45.87
C SER B 625 -11.36 -15.36 45.59
N LEU B 626 -10.17 -14.77 45.66
CA LEU B 626 -8.94 -15.47 45.30
C LEU B 626 -7.97 -15.49 46.47
N GLN B 627 -7.45 -16.67 46.78
CA GLN B 627 -6.42 -16.80 47.80
C GLN B 627 -5.15 -17.42 47.23
N LEU B 628 -4.22 -16.56 46.81
CA LEU B 628 -2.89 -16.99 46.42
C LEU B 628 -2.04 -17.28 47.67
N PRO B 629 -1.38 -18.43 47.69
CA PRO B 629 -0.54 -18.82 48.81
C PRO B 629 0.66 -17.89 48.97
N SER B 630 0.88 -17.02 47.98
CA SER B 630 1.99 -16.08 48.04
C SER B 630 1.57 -14.73 48.60
N ARG B 631 0.31 -14.37 48.40
CA ARG B 631 -0.22 -13.11 48.92
C ARG B 631 -0.92 -13.31 50.26
N SER B 632 -0.72 -12.36 51.18
CA SER B 632 -1.35 -12.40 52.48
C SER B 632 -2.83 -12.08 52.37
N SER B 633 -3.15 -11.03 51.62
CA SER B 633 -4.52 -10.55 51.49
C SER B 633 -5.27 -11.30 50.39
N LYS B 634 -6.49 -11.74 50.70
CA LYS B 634 -7.38 -12.29 49.70
C LYS B 634 -7.71 -11.26 48.62
N ILE B 635 -8.18 -11.74 47.48
CA ILE B 635 -8.61 -10.86 46.39
C ILE B 635 -10.11 -11.02 46.16
N THR B 636 -10.85 -9.92 46.28
CA THR B 636 -12.31 -9.96 46.22
C THR B 636 -12.84 -9.18 45.03
N HIS B 637 -13.07 -9.88 43.92
CA HIS B 637 -13.65 -9.27 42.74
C HIS B 637 -15.17 -9.41 42.71
N ARG B 638 -15.85 -8.35 42.29
CA ARG B 638 -17.30 -8.35 42.21
C ARG B 638 -17.77 -7.95 40.81
N ILE B 639 -18.03 -8.96 39.98
CA ILE B 639 -18.49 -8.71 38.61
C ILE B 639 -20.01 -8.56 38.57
N HIS B 640 -20.46 -7.40 38.12
CA HIS B 640 -21.89 -7.10 38.07
C HIS B 640 -22.31 -6.74 36.65
N TRP B 641 -23.45 -7.28 36.23
CA TRP B 641 -24.14 -6.78 35.05
C TRP B 641 -24.56 -5.32 35.27
N GLU B 642 -24.50 -4.54 34.20
CA GLU B 642 -24.68 -3.08 34.30
C GLU B 642 -23.43 -2.38 34.81
N SER B 643 -22.30 -2.71 34.19
CA SER B 643 -21.04 -1.98 34.39
C SER B 643 -20.07 -2.28 33.26
N ALA B 644 -19.57 -1.23 32.60
CA ALA B 644 -18.78 -1.39 31.40
C ALA B 644 -17.50 -2.18 31.66
N SER B 645 -17.60 -3.51 31.54
CA SER B 645 -16.44 -4.39 31.72
C SER B 645 -16.87 -5.86 31.65
N LEU B 646 -17.44 -6.35 32.75
CA LEU B 646 -17.63 -7.78 32.97
C LEU B 646 -16.30 -8.54 32.98
N LEU B 647 -15.21 -7.81 33.19
CA LEU B 647 -13.87 -8.39 33.18
C LEU B 647 -13.12 -8.04 34.46
N ARG B 648 -12.16 -8.89 34.81
CA ARG B 648 -11.20 -8.61 35.88
C ARG B 648 -10.01 -9.55 35.78
N SER B 649 -8.81 -9.00 35.99
CA SER B 649 -7.59 -9.79 35.84
C SER B 649 -6.56 -9.55 36.94
N GLU B 650 -5.68 -10.52 37.15
CA GLU B 650 -4.64 -10.45 38.17
C GLU B 650 -3.34 -11.09 37.68
N GLU B 651 -2.22 -10.55 38.09
CA GLU B 651 -0.91 -11.09 37.70
C GLU B 651 -0.08 -11.49 38.91
N THR B 652 0.67 -12.59 38.77
CA THR B 652 1.70 -12.95 39.74
C THR B 652 2.98 -13.38 39.04
N LYS B 653 4.12 -12.98 39.62
CA LYS B 653 5.41 -13.37 39.08
C LYS B 653 5.81 -14.77 39.56
N GLU B 654 5.08 -15.29 40.54
CA GLU B 654 5.39 -16.59 41.12
C GLU B 654 4.46 -17.69 40.58
N ASN B 655 5.03 -18.88 40.39
CA ASN B 655 4.27 -20.02 39.88
C ASN B 655 3.63 -20.83 41.01
N GLU B 656 2.62 -20.24 41.65
CA GLU B 656 1.96 -20.87 42.78
C GLU B 656 0.71 -21.61 42.34
N GLY B 657 0.36 -22.66 43.08
CA GLY B 657 -0.98 -23.24 43.00
C GLY B 657 -1.92 -22.54 43.97
N PHE B 658 -3.01 -22.00 43.44
CA PHE B 658 -3.95 -21.21 44.24
C PHE B 658 -5.37 -21.74 44.13
N THR B 659 -6.27 -21.19 44.94
CA THR B 659 -7.65 -21.68 45.00
C THR B 659 -8.66 -20.55 44.82
N VAL B 660 -9.65 -20.79 43.96
CA VAL B 660 -10.64 -19.78 43.61
C VAL B 660 -12.01 -20.15 44.16
N THR B 661 -12.74 -19.15 44.63
CA THR B 661 -14.08 -19.36 45.17
C THR B 661 -15.09 -18.41 44.54
N ALA B 662 -16.09 -18.98 43.88
CA ALA B 662 -17.16 -18.18 43.28
C ALA B 662 -18.46 -18.33 44.06
N GLU B 663 -19.30 -17.30 44.02
CA GLU B 663 -20.48 -17.24 44.88
C GLU B 663 -21.63 -16.51 44.20
N GLY B 664 -22.74 -17.20 44.04
CA GLY B 664 -24.03 -16.57 43.77
C GLY B 664 -24.18 -15.95 42.39
N LYS B 665 -24.90 -16.64 41.52
CA LYS B 665 -25.55 -16.02 40.35
C LYS B 665 -24.57 -15.55 39.29
N GLY B 666 -24.68 -16.13 38.10
CA GLY B 666 -23.85 -15.74 36.97
C GLY B 666 -23.19 -16.94 36.30
N GLN B 667 -23.14 -16.92 34.97
CA GLN B 667 -22.36 -17.89 34.22
C GLN B 667 -21.22 -17.21 33.47
N GLY B 668 -19.99 -17.48 33.92
CA GLY B 668 -18.80 -16.87 33.34
C GLY B 668 -17.63 -17.83 33.28
N THR B 669 -16.43 -17.29 33.09
CA THR B 669 -15.25 -18.12 32.84
C THR B 669 -14.11 -17.72 33.76
N LEU B 670 -13.15 -18.63 33.94
CA LEU B 670 -11.97 -18.36 34.75
C LEU B 670 -10.70 -18.90 34.09
N SER B 671 -10.20 -18.18 33.08
CA SER B 671 -9.00 -18.60 32.38
C SER B 671 -7.73 -18.23 33.15
N VAL B 672 -6.86 -19.21 33.36
CA VAL B 672 -5.57 -18.97 34.01
C VAL B 672 -4.43 -19.37 33.08
N VAL B 673 -3.57 -18.40 32.77
CA VAL B 673 -2.49 -18.61 31.79
C VAL B 673 -1.17 -18.04 32.29
N THR B 674 -0.12 -18.85 32.26
CA THR B 674 1.22 -18.40 32.61
C THR B 674 2.09 -18.21 31.37
N MET B 675 2.92 -17.17 31.40
CA MET B 675 3.91 -16.95 30.34
C MET B 675 5.32 -17.16 30.87
N TYR B 676 6.10 -17.95 30.15
CA TYR B 676 7.48 -18.22 30.54
C TYR B 676 8.35 -18.50 29.31
N HIS B 677 9.64 -18.75 29.54
CA HIS B 677 10.57 -19.03 28.46
C HIS B 677 11.13 -20.45 28.55
N ALA B 678 10.55 -21.35 27.76
CA ALA B 678 11.02 -22.73 27.71
C ALA B 678 12.32 -22.82 26.90
N LYS B 679 13.17 -23.77 27.27
CA LYS B 679 14.45 -23.93 26.61
C LYS B 679 14.27 -24.39 25.17
N ALA B 680 15.36 -24.40 24.40
CA ALA B 680 15.34 -24.92 23.03
C ALA B 680 14.93 -26.39 23.02
N LYS B 681 15.82 -27.25 22.52
CA LYS B 681 15.58 -28.69 22.51
C LYS B 681 14.37 -29.05 21.65
N ASP B 682 14.61 -29.82 20.60
CA ASP B 682 13.56 -30.19 19.66
C ASP B 682 12.45 -30.99 20.34
N GLN B 683 11.22 -30.79 19.87
CA GLN B 683 10.05 -31.44 20.47
C GLN B 683 10.21 -32.94 20.50
N LEU B 684 9.84 -33.55 21.62
CA LEU B 684 10.16 -34.95 21.88
C LEU B 684 9.23 -35.90 21.14
N THR B 685 7.96 -35.53 21.01
CA THR B 685 6.99 -36.36 20.33
C THR B 685 6.12 -35.56 19.35
N CYS B 686 6.68 -35.29 18.17
CA CYS B 686 5.90 -34.85 17.03
C CYS B 686 4.95 -35.97 16.60
N ASN B 687 3.69 -35.84 16.98
CA ASN B 687 2.74 -36.95 16.84
C ASN B 687 2.03 -37.00 15.49
N LYS B 688 1.93 -35.85 14.83
CA LYS B 688 1.18 -35.75 13.58
C LYS B 688 1.99 -35.14 12.43
N PHE B 689 3.12 -34.54 12.76
CA PHE B 689 3.96 -33.87 11.76
C PHE B 689 5.43 -34.27 11.86
N ASP B 690 6.05 -34.50 10.70
CA ASP B 690 7.49 -34.71 10.63
C ASP B 690 8.19 -33.42 10.21
N LEU B 691 9.36 -33.17 10.78
CA LEU B 691 10.11 -31.95 10.47
C LEU B 691 11.62 -32.18 10.61
N LYS B 692 12.34 -31.99 9.51
CA LYS B 692 13.79 -31.97 9.54
C LYS B 692 14.30 -30.62 9.05
N VAL B 693 15.04 -29.92 9.90
CA VAL B 693 15.55 -28.59 9.58
C VAL B 693 17.06 -28.60 9.46
N THR B 694 17.58 -27.94 8.43
CA THR B 694 19.01 -27.99 8.12
C THR B 694 19.54 -26.60 7.75
N ILE B 695 20.73 -26.29 8.24
CA ILE B 695 21.39 -25.04 7.90
C ILE B 695 22.87 -25.28 7.55
N LYS B 696 23.26 -24.86 6.36
CA LYS B 696 24.60 -25.13 5.84
C LYS B 696 25.18 -23.90 5.17
N PRO B 697 26.48 -23.69 5.34
CA PRO B 697 27.17 -22.56 4.72
C PRO B 697 27.14 -22.64 3.20
N ALA B 698 26.63 -21.58 2.56
CA ALA B 698 26.71 -21.45 1.11
C ALA B 698 28.16 -21.19 0.70
N PRO B 699 28.50 -21.52 -0.55
CA PRO B 699 29.80 -21.18 -1.12
C PRO B 699 30.14 -19.70 -0.97
N GLU B 700 31.41 -19.39 -0.77
CA GLU B 700 31.82 -18.05 -0.37
C GLU B 700 31.77 -17.05 -1.53
N THR B 701 31.67 -17.56 -2.75
CA THR B 701 31.59 -16.72 -3.94
C THR B 701 30.14 -16.60 -4.44
N GLU B 702 29.19 -16.74 -3.52
CA GLU B 702 27.78 -16.80 -3.87
C GLU B 702 27.23 -15.44 -4.29
N LYS B 703 27.90 -14.38 -3.84
CA LYS B 703 27.40 -13.02 -4.02
C LYS B 703 26.14 -12.77 -3.20
N ARG B 704 26.34 -12.25 -1.99
CA ARG B 704 25.23 -11.80 -1.16
C ARG B 704 25.07 -10.29 -1.30
N PRO B 705 23.95 -9.75 -0.82
CA PRO B 705 23.76 -8.32 -0.73
C PRO B 705 24.94 -7.61 -0.07
N GLN B 706 25.03 -6.30 -0.25
CA GLN B 706 26.24 -5.55 0.07
C GLN B 706 26.50 -5.47 1.57
N ASP B 707 25.44 -5.56 2.37
CA ASP B 707 25.57 -5.48 3.82
C ASP B 707 25.81 -6.83 4.46
N ALA B 708 25.32 -7.89 3.81
CA ALA B 708 25.37 -9.23 4.37
C ALA B 708 26.81 -9.69 4.58
N LYS B 709 27.14 -10.00 5.83
CA LYS B 709 28.49 -10.44 6.19
C LYS B 709 28.73 -11.88 5.75
N ASN B 710 27.66 -12.68 5.75
CA ASN B 710 27.77 -14.11 5.47
C ASN B 710 26.41 -14.70 5.13
N THR B 711 26.39 -15.62 4.17
CA THR B 711 25.14 -16.19 3.70
C THR B 711 25.07 -17.70 3.95
N MET B 712 23.87 -18.19 4.29
CA MET B 712 23.66 -19.60 4.60
C MET B 712 22.38 -20.12 3.95
N ILE B 713 22.34 -21.42 3.69
CA ILE B 713 21.16 -22.05 3.09
C ILE B 713 20.38 -22.85 4.14
N LEU B 714 19.09 -22.53 4.27
CA LEU B 714 18.24 -23.16 5.28
C LEU B 714 17.19 -24.05 4.62
N GLU B 715 17.30 -25.36 4.85
CA GLU B 715 16.40 -26.32 4.23
C GLU B 715 15.39 -26.89 5.23
N ILE B 716 14.11 -26.78 4.90
CA ILE B 716 13.06 -27.35 5.72
C ILE B 716 12.41 -28.54 5.02
N CYS B 717 12.19 -29.62 5.77
CA CYS B 717 11.63 -30.84 5.22
C CYS B 717 10.56 -31.40 6.14
N THR B 718 9.34 -31.51 5.63
CA THR B 718 8.18 -31.77 6.46
C THR B 718 7.22 -32.77 5.82
N ARG B 719 6.55 -33.56 6.65
CA ARG B 719 5.66 -34.61 6.18
C ARG B 719 4.55 -34.86 7.19
N TYR B 720 3.34 -35.08 6.69
CA TYR B 720 2.18 -35.31 7.53
C TYR B 720 2.05 -36.79 7.91
N ARG B 721 1.65 -37.04 9.15
CA ARG B 721 1.54 -38.40 9.67
C ARG B 721 0.10 -38.91 9.62
N GLY B 722 -0.69 -38.36 8.70
CA GLY B 722 -2.07 -38.77 8.54
C GLY B 722 -2.26 -39.71 7.36
N ASP B 723 -3.43 -40.31 7.26
CA ASP B 723 -3.76 -41.19 6.14
C ASP B 723 -4.17 -40.37 4.91
N GLN B 724 -4.34 -39.07 5.10
CA GLN B 724 -4.57 -38.15 3.99
C GLN B 724 -3.77 -36.87 4.16
N ASP B 725 -3.45 -36.21 3.05
CA ASP B 725 -2.69 -34.98 3.08
C ASP B 725 -3.29 -33.96 4.04
N ALA B 726 -2.42 -33.27 4.78
CA ALA B 726 -2.85 -32.13 5.58
C ALA B 726 -3.12 -30.93 4.68
N THR B 727 -4.17 -30.18 4.98
CA THR B 727 -4.53 -29.02 4.16
C THR B 727 -3.75 -27.78 4.59
N MET B 728 -4.47 -26.68 4.83
CA MET B 728 -3.85 -25.42 5.20
C MET B 728 -2.88 -25.57 6.36
N SER B 729 -1.60 -25.35 6.08
CA SER B 729 -0.53 -25.55 7.06
C SER B 729 0.48 -24.41 6.99
N ILE B 730 1.25 -24.24 8.06
CA ILE B 730 2.16 -23.12 8.18
C ILE B 730 3.55 -23.53 8.67
N LEU B 731 4.57 -22.97 8.03
CA LEU B 731 5.91 -22.94 8.60
C LEU B 731 6.12 -21.63 9.33
N ASP B 732 6.30 -21.71 10.64
CA ASP B 732 6.58 -20.54 11.45
C ASP B 732 8.07 -20.48 11.79
N ILE B 733 8.82 -19.74 10.98
CA ILE B 733 10.27 -19.69 11.10
C ILE B 733 10.72 -18.40 11.78
N SER B 734 11.17 -18.51 13.02
CA SER B 734 11.84 -17.40 13.70
C SER B 734 13.33 -17.41 13.40
N MET B 735 13.79 -16.40 12.68
CA MET B 735 15.20 -16.26 12.33
C MET B 735 16.08 -16.23 13.58
N MET B 736 17.35 -16.53 13.41
CA MET B 736 18.34 -16.23 14.45
C MET B 736 18.57 -14.72 14.53
N THR B 737 19.62 -14.31 15.23
CA THR B 737 19.86 -12.89 15.46
C THR B 737 20.79 -12.31 14.40
N GLY B 738 20.37 -11.18 13.83
CA GLY B 738 21.12 -10.57 12.73
C GLY B 738 20.76 -11.18 11.38
N PHE B 739 20.22 -12.39 11.40
CA PHE B 739 19.87 -13.10 10.18
C PHE B 739 18.60 -12.56 9.55
N ALA B 740 18.49 -12.68 8.23
CA ALA B 740 17.27 -12.33 7.51
C ALA B 740 17.16 -13.12 6.21
N PRO B 741 15.95 -13.56 5.88
CA PRO B 741 15.73 -14.45 4.75
C PRO B 741 15.82 -13.71 3.41
N ASP B 742 16.39 -14.38 2.41
CA ASP B 742 16.47 -13.83 1.06
C ASP B 742 15.09 -13.73 0.43
N THR B 743 14.58 -12.51 0.28
CA THR B 743 13.24 -12.29 -0.25
C THR B 743 13.13 -12.61 -1.74
N ASP B 744 14.26 -12.67 -2.42
CA ASP B 744 14.29 -13.10 -3.82
C ASP B 744 13.88 -14.57 -3.94
N ASP B 745 14.54 -15.42 -3.15
CA ASP B 745 14.29 -16.86 -3.20
C ASP B 745 12.87 -17.21 -2.79
N LEU B 746 12.38 -16.55 -1.74
CA LEU B 746 11.00 -16.76 -1.29
C LEU B 746 10.00 -16.36 -2.37
N LYS B 747 10.23 -15.21 -3.00
CA LYS B 747 9.44 -14.80 -4.16
C LYS B 747 9.40 -15.91 -5.20
N GLN B 748 10.58 -16.35 -5.63
CA GLN B 748 10.69 -17.40 -6.62
C GLN B 748 9.85 -18.61 -6.22
N LEU B 749 9.80 -18.89 -4.93
CA LEU B 749 9.07 -20.06 -4.42
C LEU B 749 7.56 -19.87 -4.52
N ALA B 750 7.10 -18.63 -4.43
CA ALA B 750 5.68 -18.34 -4.40
C ALA B 750 5.15 -17.87 -5.76
N ASN B 751 6.03 -17.27 -6.56
CA ASN B 751 5.63 -16.66 -7.82
C ASN B 751 6.17 -17.41 -9.03
N GLY B 752 6.92 -18.47 -8.77
CA GLY B 752 7.41 -19.33 -9.85
C GLY B 752 6.27 -20.09 -10.50
N VAL B 753 6.41 -20.35 -11.80
CA VAL B 753 5.43 -21.14 -12.53
C VAL B 753 5.34 -22.55 -11.96
N ASP B 754 6.44 -23.03 -11.38
CA ASP B 754 6.41 -24.22 -10.55
C ASP B 754 5.58 -23.96 -9.29
N ARG B 755 6.06 -23.06 -8.44
CA ARG B 755 5.35 -22.69 -7.21
C ARG B 755 5.45 -23.80 -6.15
N TYR B 756 6.18 -23.51 -5.09
CA TYR B 756 6.33 -24.46 -3.99
C TYR B 756 5.69 -23.91 -2.73
N ILE B 757 5.12 -22.71 -2.84
CA ILE B 757 4.62 -21.98 -1.69
C ILE B 757 3.44 -21.12 -2.12
N SER B 758 2.55 -20.82 -1.18
CA SER B 758 1.38 -20.01 -1.47
C SER B 758 1.62 -18.53 -1.17
N LYS B 759 2.43 -18.25 -0.16
CA LYS B 759 3.03 -16.94 0.02
C LYS B 759 3.91 -16.91 1.27
N TYR B 760 4.76 -15.91 1.37
CA TYR B 760 5.55 -15.68 2.57
C TYR B 760 5.13 -14.39 3.26
N GLU B 761 5.23 -14.35 4.58
CA GLU B 761 4.72 -13.22 5.36
C GLU B 761 5.84 -12.28 5.79
N LEU B 762 6.82 -12.82 6.50
CA LEU B 762 7.90 -12.01 7.07
C LEU B 762 7.35 -10.94 8.00
N ASP B 763 6.55 -11.36 8.99
CA ASP B 763 5.93 -10.42 9.90
C ASP B 763 6.48 -10.56 11.32
N LYS B 764 7.15 -9.51 11.78
CA LYS B 764 7.51 -9.40 13.19
C LYS B 764 6.38 -8.76 13.99
N ALA B 765 5.30 -9.51 14.18
CA ALA B 765 4.19 -9.09 15.04
C ALA B 765 4.68 -8.14 16.13
N PHE B 766 5.51 -8.67 17.03
CA PHE B 766 6.39 -7.85 17.86
C PHE B 766 7.36 -8.72 18.63
N SER B 767 8.57 -8.21 18.84
CA SER B 767 9.51 -8.73 19.83
C SER B 767 9.83 -10.22 19.71
N ASP B 768 10.77 -10.68 20.53
CA ASP B 768 11.18 -12.08 20.57
C ASP B 768 11.58 -12.60 19.19
N ARG B 769 12.49 -11.88 18.55
CA ARG B 769 13.06 -12.32 17.27
C ARG B 769 12.07 -12.20 16.12
N ASN B 770 12.54 -11.67 14.99
CA ASN B 770 11.68 -11.46 13.83
C ASN B 770 11.40 -12.75 13.07
N THR B 771 10.13 -12.97 12.76
CA THR B 771 9.68 -14.27 12.26
C THR B 771 9.37 -14.23 10.77
N LEU B 772 9.42 -15.39 10.14
CA LEU B 772 8.98 -15.56 8.76
C LEU B 772 7.91 -16.64 8.70
N ILE B 773 6.73 -16.27 8.20
CA ILE B 773 5.61 -17.19 8.14
C ILE B 773 5.38 -17.65 6.70
N ILE B 774 5.37 -18.96 6.49
CA ILE B 774 5.13 -19.52 5.17
C ILE B 774 3.80 -20.27 5.11
N TYR B 775 2.94 -19.86 4.20
CA TYR B 775 1.66 -20.55 3.99
C TYR B 775 1.84 -21.69 3.00
N LEU B 776 1.26 -22.84 3.33
CA LEU B 776 1.24 -23.98 2.41
C LEU B 776 -0.19 -24.43 2.14
N ASP B 777 -0.45 -24.84 0.91
CA ASP B 777 -1.76 -25.38 0.54
C ASP B 777 -1.98 -26.77 1.13
N LYS B 778 -0.89 -27.55 1.23
CA LYS B 778 -0.97 -28.91 1.72
C LYS B 778 0.39 -29.40 2.21
N VAL B 779 0.39 -30.50 2.96
CA VAL B 779 1.61 -31.23 3.27
C VAL B 779 1.43 -32.71 2.98
N SER B 780 2.21 -33.23 2.03
CA SER B 780 2.07 -34.61 1.59
C SER B 780 2.29 -35.59 2.73
N HIS B 781 1.42 -36.60 2.81
CA HIS B 781 1.60 -37.70 3.75
C HIS B 781 2.36 -38.85 3.10
N SER B 782 2.53 -38.76 1.79
CA SER B 782 3.24 -39.79 1.03
C SER B 782 4.75 -39.69 1.21
N GLU B 783 5.26 -38.46 1.15
CA GLU B 783 6.70 -38.21 1.26
C GLU B 783 6.97 -36.82 1.81
N ASP B 784 8.21 -36.60 2.25
CA ASP B 784 8.63 -35.29 2.75
C ASP B 784 8.43 -34.22 1.70
N ASP B 785 7.97 -33.04 2.14
CA ASP B 785 7.77 -31.91 1.25
C ASP B 785 8.83 -30.84 1.49
N CYS B 786 10.01 -31.03 0.90
CA CYS B 786 11.16 -30.17 1.16
C CYS B 786 11.05 -28.84 0.43
N LEU B 787 11.38 -27.77 1.13
CA LEU B 787 11.74 -26.51 0.49
C LEU B 787 12.89 -25.82 1.24
N ALA B 788 13.83 -25.26 0.47
CA ALA B 788 14.98 -24.59 1.04
C ALA B 788 15.06 -23.15 0.56
N PHE B 789 15.83 -22.32 1.26
CA PHE B 789 16.05 -20.93 0.85
C PHE B 789 17.22 -20.29 1.58
N LYS B 790 17.78 -19.25 0.97
CA LYS B 790 18.95 -18.57 1.49
C LYS B 790 18.58 -17.68 2.67
N VAL B 791 19.39 -17.69 3.71
CA VAL B 791 19.35 -16.65 4.74
C VAL B 791 20.67 -15.88 4.77
N HIS B 792 20.59 -14.57 4.97
CA HIS B 792 21.78 -13.74 5.08
C HIS B 792 22.01 -13.28 6.52
N GLN B 793 23.27 -13.08 6.87
CA GLN B 793 23.64 -12.65 8.22
C GLN B 793 24.25 -11.26 8.19
N TYR B 794 23.44 -10.26 8.53
CA TYR B 794 23.82 -8.86 8.32
C TYR B 794 24.70 -8.32 9.43
N PHE B 795 24.76 -9.04 10.55
CA PHE B 795 25.79 -8.81 11.56
C PHE B 795 26.49 -10.13 11.91
N ASN B 796 27.80 -10.06 12.11
CA ASN B 796 28.52 -11.21 12.65
C ASN B 796 28.38 -11.32 14.17
N VAL B 797 27.97 -12.50 14.62
CA VAL B 797 27.66 -12.73 16.02
C VAL B 797 28.32 -14.02 16.47
N GLU B 798 28.72 -14.08 17.74
CA GLU B 798 29.24 -15.31 18.30
C GLU B 798 28.38 -15.86 19.44
N LEU B 799 28.20 -17.17 19.46
CA LEU B 799 27.46 -17.86 20.51
C LEU B 799 25.95 -17.70 20.33
N ILE B 800 25.50 -17.69 19.08
CA ILE B 800 24.08 -17.48 18.79
C ILE B 800 23.23 -18.70 19.14
N GLN B 801 22.05 -18.43 19.69
CA GLN B 801 21.09 -19.48 20.03
C GLN B 801 20.31 -19.92 18.80
N PRO B 802 19.91 -21.19 18.78
CA PRO B 802 19.14 -21.74 17.67
C PRO B 802 17.89 -20.94 17.34
N GLY B 803 17.65 -20.69 16.06
CA GLY B 803 16.34 -20.26 15.59
C GLY B 803 15.37 -21.43 15.52
N ALA B 804 14.09 -21.15 15.72
CA ALA B 804 13.08 -22.20 15.79
C ALA B 804 12.29 -22.31 14.50
N VAL B 805 11.77 -23.50 14.23
CA VAL B 805 10.80 -23.70 13.15
C VAL B 805 9.61 -24.51 13.68
N LYS B 806 8.41 -24.10 13.31
CA LYS B 806 7.20 -24.83 13.69
C LYS B 806 6.27 -25.03 12.51
N VAL B 807 5.93 -26.28 12.22
CA VAL B 807 4.80 -26.60 11.35
C VAL B 807 3.54 -26.84 12.18
N TYR B 808 2.39 -26.61 11.57
CA TYR B 808 1.11 -26.94 12.21
C TYR B 808 -0.06 -26.76 11.26
N ALA B 809 -1.10 -27.58 11.46
CA ALA B 809 -2.35 -27.40 10.74
C ALA B 809 -3.08 -26.16 11.24
N TYR B 810 -3.44 -25.28 10.31
CA TYR B 810 -4.00 -23.98 10.67
C TYR B 810 -5.33 -24.11 11.41
N TYR B 811 -6.02 -25.22 11.19
CA TYR B 811 -7.37 -25.39 11.74
C TYR B 811 -7.44 -26.48 12.79
N ASN B 812 -6.33 -27.19 12.98
CA ASN B 812 -6.17 -28.08 14.13
C ASN B 812 -4.78 -27.94 14.75
N LEU B 813 -4.61 -26.90 15.56
CA LEU B 813 -3.32 -26.56 16.13
C LEU B 813 -2.77 -27.69 17.01
N GLU B 814 -3.66 -28.53 17.51
CA GLU B 814 -3.28 -29.67 18.32
C GLU B 814 -2.25 -30.55 17.62
N GLU B 815 -2.20 -30.48 16.29
CA GLU B 815 -1.20 -31.22 15.51
C GLU B 815 -0.12 -30.33 14.91
N SER B 816 1.12 -30.55 15.35
CA SER B 816 2.23 -29.64 15.05
C SER B 816 3.57 -30.33 15.28
N CYS B 817 4.65 -29.59 15.03
CA CYS B 817 6.00 -30.08 15.31
C CYS B 817 6.99 -28.92 15.37
N THR B 818 7.81 -28.91 16.43
CA THR B 818 8.73 -27.80 16.66
C THR B 818 10.18 -28.27 16.67
N ARG B 819 10.97 -27.79 15.73
CA ARG B 819 12.38 -28.12 15.66
C ARG B 819 13.25 -26.86 15.69
N PHE B 820 14.47 -27.00 16.19
CA PHE B 820 15.41 -25.88 16.25
C PHE B 820 16.60 -26.13 15.33
N TYR B 821 17.14 -25.07 14.76
CA TYR B 821 18.29 -25.19 13.88
C TYR B 821 19.47 -24.35 14.36
N HIS B 822 20.68 -24.87 14.13
CA HIS B 822 21.90 -24.27 14.65
C HIS B 822 23.08 -24.67 13.78
N PRO B 823 23.92 -23.70 13.42
CA PRO B 823 25.00 -23.89 12.45
C PRO B 823 25.78 -25.19 12.64
N GLU B 824 26.78 -25.17 13.52
CA GLU B 824 27.59 -26.34 13.80
C GLU B 824 28.86 -25.97 14.57
N LYS B 825 29.20 -26.80 15.56
CA LYS B 825 30.40 -26.58 16.37
C LYS B 825 31.67 -26.82 15.57
N GLU B 826 32.10 -28.07 15.51
CA GLU B 826 33.40 -28.43 14.95
C GLU B 826 34.53 -28.07 15.92
N ASP B 827 34.42 -28.54 17.15
CA ASP B 827 35.55 -28.63 18.08
C ASP B 827 35.98 -27.28 18.67
N GLY B 828 35.37 -26.92 19.80
CA GLY B 828 35.73 -25.70 20.51
C GLY B 828 35.11 -24.45 19.93
N LYS B 829 34.03 -23.97 20.56
CA LYS B 829 33.34 -22.76 20.12
C LYS B 829 34.22 -21.52 20.29
N LEU B 830 34.09 -20.58 19.35
CA LEU B 830 34.94 -19.39 19.33
C LEU B 830 34.21 -18.13 19.79
N ASN B 831 34.93 -17.26 20.49
CA ASN B 831 34.43 -15.95 20.88
C ASN B 831 34.76 -14.89 19.84
N LYS B 832 34.71 -13.62 20.24
CA LYS B 832 35.15 -12.52 19.39
C LYS B 832 34.96 -11.17 20.07
N LEU B 833 36.05 -10.58 20.54
CA LEU B 833 37.28 -11.32 20.79
C LEU B 833 37.55 -11.37 22.29
N CYS B 834 38.74 -11.84 22.65
CA CYS B 834 39.19 -11.78 24.03
C CYS B 834 40.36 -10.81 24.16
N ARG B 835 41.55 -11.37 24.33
CA ARG B 835 42.80 -10.61 24.26
C ARG B 835 42.88 -9.54 25.35
N ASP B 836 41.72 -9.10 25.84
CA ASP B 836 41.67 -7.99 26.79
C ASP B 836 40.45 -8.06 27.69
N GLU B 837 40.18 -6.95 28.37
CA GLU B 837 39.19 -6.89 29.45
C GLU B 837 37.77 -7.11 28.93
N LEU B 838 37.52 -6.71 27.68
CA LEU B 838 36.20 -6.89 27.08
C LEU B 838 35.71 -8.32 27.22
N CYS B 839 36.61 -9.27 27.00
CA CYS B 839 36.28 -10.68 27.08
C CYS B 839 36.13 -11.13 28.53
N ARG B 840 37.01 -10.61 29.39
CA ARG B 840 36.99 -10.95 30.81
C ARG B 840 35.80 -10.32 31.52
N CYS B 841 35.22 -9.29 30.89
CA CYS B 841 34.01 -8.64 31.39
C CYS B 841 32.82 -9.60 31.33
N ALA B 842 32.67 -10.28 30.20
CA ALA B 842 31.53 -11.16 29.97
C ALA B 842 31.56 -12.37 30.90
N GLU B 843 32.74 -12.95 31.09
CA GLU B 843 32.89 -14.16 31.88
C GLU B 843 32.67 -13.92 33.37
N GLU B 844 32.87 -12.67 33.80
CA GLU B 844 32.69 -12.30 35.20
C GLU B 844 31.28 -12.65 35.70
N ASN B 845 30.31 -12.57 34.80
CA ASN B 845 28.90 -12.76 35.15
C ASN B 845 28.61 -14.09 35.81
N CYS B 846 29.41 -15.11 35.48
CA CYS B 846 29.09 -16.49 35.84
C CYS B 846 30.27 -17.20 36.49
N PHE B 847 30.16 -17.50 37.78
CA PHE B 847 31.23 -18.13 38.55
C PHE B 847 32.13 -17.10 39.23
N ILE B 848 32.40 -17.31 40.52
CA ILE B 848 33.11 -16.34 41.33
C ILE B 848 34.51 -16.07 40.77
N GLN B 849 34.68 -14.89 40.18
CA GLN B 849 35.90 -14.55 39.47
C GLN B 849 37.10 -14.51 40.42
N LYS B 850 37.93 -15.55 40.37
CA LYS B 850 39.18 -15.57 41.12
C LYS B 850 40.08 -14.42 40.68
N SER B 851 40.68 -14.57 39.51
CA SER B 851 41.72 -13.66 39.04
C SER B 851 42.86 -13.53 40.06
N ASP B 852 43.97 -12.92 39.64
CA ASP B 852 45.16 -12.83 40.47
C ASP B 852 45.71 -14.23 40.77
N ASP B 853 44.82 -15.21 40.86
CA ASP B 853 45.18 -16.59 41.13
C ASP B 853 45.94 -16.75 42.45
N LYS B 854 45.65 -15.86 43.40
CA LYS B 854 46.10 -16.03 44.78
C LYS B 854 45.40 -17.23 45.41
N VAL B 855 44.14 -17.04 45.79
CA VAL B 855 43.31 -18.11 46.36
C VAL B 855 44.04 -18.85 47.47
N THR B 856 44.30 -18.15 48.56
CA THR B 856 44.92 -18.76 49.74
C THR B 856 43.88 -19.48 50.60
N LEU B 857 44.36 -20.29 51.53
CA LEU B 857 43.47 -20.97 52.48
C LEU B 857 42.69 -19.97 53.30
N GLU B 858 43.36 -18.90 53.73
CA GLU B 858 42.73 -17.84 54.51
C GLU B 858 41.70 -17.08 53.68
N GLU B 859 41.96 -16.99 52.38
CA GLU B 859 41.05 -16.28 51.47
C GLU B 859 39.78 -17.09 51.21
N ARG B 860 39.90 -18.41 51.31
CA ARG B 860 38.76 -19.30 51.11
C ARG B 860 37.77 -19.20 52.27
N LEU B 861 38.29 -19.16 53.48
CA LEU B 861 37.46 -19.19 54.68
C LEU B 861 36.60 -17.93 54.81
N ASP B 862 37.12 -16.81 54.30
CA ASP B 862 36.39 -15.54 54.32
C ASP B 862 35.16 -15.60 53.43
N LYS B 863 35.33 -16.18 52.24
CA LYS B 863 34.30 -16.14 51.21
C LYS B 863 33.24 -17.22 51.42
N ALA B 864 33.64 -18.34 52.01
CA ALA B 864 32.73 -19.44 52.29
C ALA B 864 31.84 -19.14 53.49
N CYS B 865 32.13 -18.02 54.17
CA CYS B 865 31.43 -17.68 55.41
C CYS B 865 30.44 -16.55 55.22
N GLU B 866 30.28 -16.08 53.98
CA GLU B 866 29.23 -15.14 53.64
C GLU B 866 27.88 -15.66 54.11
N PRO B 867 27.13 -14.82 54.83
CA PRO B 867 25.80 -15.16 55.30
C PRO B 867 24.93 -15.81 54.22
N GLY B 868 25.20 -15.47 52.97
CA GLY B 868 24.44 -16.04 51.85
C GLY B 868 24.77 -17.49 51.58
N VAL B 869 26.03 -17.86 51.78
CA VAL B 869 26.50 -19.20 51.42
C VAL B 869 25.69 -20.27 52.13
N ASP B 870 24.90 -21.01 51.36
CA ASP B 870 24.00 -22.01 51.91
C ASP B 870 24.63 -23.39 51.89
N TYR B 871 25.20 -23.76 50.75
CA TYR B 871 25.80 -25.08 50.57
C TYR B 871 27.30 -24.99 50.31
N VAL B 872 28.04 -25.99 50.77
CA VAL B 872 29.43 -26.19 50.39
C VAL B 872 29.71 -27.66 50.11
N TYR B 873 29.76 -28.03 48.84
CA TYR B 873 29.93 -29.43 48.45
C TYR B 873 31.35 -29.71 47.99
N LYS B 874 31.78 -30.96 48.12
CA LYS B 874 32.86 -31.50 47.32
C LYS B 874 32.29 -32.49 46.31
N THR B 875 32.26 -32.09 45.04
CA THR B 875 31.57 -32.86 44.01
C THR B 875 32.55 -33.64 43.14
N ARG B 876 32.03 -34.68 42.49
CA ARG B 876 32.80 -35.43 41.50
C ARG B 876 32.01 -35.50 40.19
N LEU B 877 32.52 -34.80 39.18
CA LEU B 877 31.80 -34.65 37.91
C LEU B 877 31.67 -35.99 37.19
N VAL B 878 30.45 -36.52 37.16
CA VAL B 878 30.17 -37.78 36.47
C VAL B 878 30.10 -37.58 34.96
N LYS B 879 29.00 -36.99 34.50
CA LYS B 879 28.78 -36.80 33.07
C LYS B 879 28.74 -35.32 32.70
N VAL B 880 29.21 -35.01 31.50
CA VAL B 880 29.00 -33.69 30.91
C VAL B 880 28.13 -33.79 29.66
N GLN B 881 26.97 -33.14 29.69
CA GLN B 881 26.09 -33.06 28.53
C GLN B 881 25.97 -31.63 28.04
N LEU B 882 27.02 -31.15 27.37
CA LEU B 882 27.02 -29.80 26.82
C LEU B 882 26.11 -29.69 25.61
N SER B 883 25.17 -28.75 25.66
CA SER B 883 24.32 -28.44 24.52
C SER B 883 24.78 -27.14 23.85
N ASN B 884 23.92 -26.57 23.01
CA ASN B 884 24.25 -25.33 22.30
C ASN B 884 23.82 -24.07 23.06
N ASP B 885 22.81 -24.20 23.90
CA ASP B 885 22.28 -23.06 24.66
C ASP B 885 22.73 -23.06 26.11
N PHE B 886 22.70 -24.23 26.75
CA PHE B 886 23.15 -24.38 28.13
C PHE B 886 23.97 -25.65 28.31
N ASP B 887 24.95 -25.60 29.19
CA ASP B 887 25.73 -26.78 29.54
C ASP B 887 25.18 -27.45 30.79
N GLU B 888 25.06 -28.77 30.75
CA GLU B 888 24.65 -29.52 31.92
C GLU B 888 25.80 -30.37 32.44
N TYR B 889 26.23 -30.08 33.66
CA TYR B 889 27.24 -30.89 34.34
C TYR B 889 26.60 -31.69 35.48
N ILE B 890 26.59 -33.01 35.34
CA ILE B 890 26.02 -33.88 36.35
C ILE B 890 27.05 -34.27 37.40
N MET B 891 26.90 -33.73 38.61
CA MET B 891 27.90 -33.87 39.66
C MET B 891 27.41 -34.81 40.76
N ALA B 892 28.24 -35.80 41.10
CA ALA B 892 27.97 -36.65 42.25
C ALA B 892 28.58 -36.04 43.50
N ILE B 893 27.82 -36.04 44.59
CA ILE B 893 28.29 -35.49 45.86
C ILE B 893 29.21 -36.48 46.58
N GLU B 894 30.40 -36.02 46.93
CA GLU B 894 31.40 -36.87 47.58
C GLU B 894 31.41 -36.63 49.09
N GLN B 895 31.15 -35.39 49.50
CA GLN B 895 30.94 -35.06 50.90
C GLN B 895 30.30 -33.68 51.07
N THR B 896 29.20 -33.65 51.83
CA THR B 896 28.51 -32.40 52.14
C THR B 896 29.19 -31.68 53.28
N ILE B 897 30.06 -30.73 52.96
CA ILE B 897 30.78 -29.96 53.96
C ILE B 897 29.87 -28.92 54.61
N LYS B 898 28.74 -28.64 53.95
CA LYS B 898 27.70 -27.80 54.51
C LYS B 898 26.43 -27.90 53.67
N SER B 899 25.38 -28.47 54.26
CA SER B 899 24.14 -28.70 53.53
C SER B 899 23.16 -27.55 53.70
N GLY B 900 22.33 -27.32 52.69
CA GLY B 900 21.34 -26.25 52.73
C GLY B 900 19.93 -26.76 52.90
N SER B 901 18.95 -25.91 52.57
CA SER B 901 17.55 -26.30 52.59
C SER B 901 17.30 -27.51 51.69
N ASP B 902 18.20 -27.70 50.72
CA ASP B 902 18.23 -28.92 49.94
C ASP B 902 19.15 -29.96 50.58
N GLU B 903 18.55 -30.95 51.24
CA GLU B 903 19.30 -32.07 51.80
C GLU B 903 19.76 -33.00 50.68
N VAL B 904 21.02 -33.43 50.76
CA VAL B 904 21.59 -34.31 49.75
C VAL B 904 22.47 -35.38 50.38
N GLN B 905 22.29 -36.62 49.97
CA GLN B 905 23.06 -37.74 50.49
C GLN B 905 24.40 -37.87 49.78
N VAL B 906 25.43 -38.22 50.53
CA VAL B 906 26.73 -38.54 49.94
C VAL B 906 26.62 -39.77 49.04
N GLY B 907 26.75 -39.55 47.73
CA GLY B 907 26.57 -40.60 46.74
C GLY B 907 25.40 -40.32 45.82
N GLN B 908 24.67 -39.24 46.09
CA GLN B 908 23.61 -38.79 45.21
C GLN B 908 24.14 -37.80 44.17
N GLN B 909 23.32 -37.47 43.19
CA GLN B 909 23.73 -36.60 42.08
C GLN B 909 22.88 -35.35 42.00
N ARG B 910 23.51 -34.24 41.61
CA ARG B 910 22.80 -33.00 41.33
C ARG B 910 23.30 -32.37 40.03
N THR B 911 22.36 -31.91 39.20
CA THR B 911 22.71 -31.38 37.88
C THR B 911 22.98 -29.88 37.93
N PHE B 912 24.22 -29.49 37.66
CA PHE B 912 24.63 -28.10 37.70
C PHE B 912 24.57 -27.47 36.31
N ILE B 913 23.70 -26.47 36.16
CA ILE B 913 23.52 -25.79 34.88
C ILE B 913 24.38 -24.56 34.77
N SER B 914 25.05 -24.40 33.63
CA SER B 914 25.83 -23.19 33.34
C SER B 914 25.51 -22.68 31.94
N PRO B 915 25.45 -21.36 31.79
CA PRO B 915 25.32 -20.72 30.48
C PRO B 915 26.38 -21.18 29.49
N ILE B 916 26.10 -21.00 28.20
CA ILE B 916 27.02 -21.43 27.15
C ILE B 916 28.24 -20.52 27.04
N LYS B 917 28.09 -19.27 27.48
CA LYS B 917 29.16 -18.28 27.38
C LYS B 917 30.22 -18.47 28.46
N CYS B 918 30.07 -19.51 29.27
CA CYS B 918 30.98 -19.75 30.38
C CYS B 918 31.58 -21.15 30.37
N ARG B 919 31.37 -21.87 29.27
CA ARG B 919 31.96 -23.20 29.11
C ARG B 919 33.48 -23.14 29.10
N GLU B 920 34.01 -22.19 28.33
CA GLU B 920 35.45 -22.04 28.19
C GLU B 920 36.12 -21.64 29.50
N ALA B 921 35.42 -20.83 30.30
CA ALA B 921 35.96 -20.33 31.56
C ALA B 921 35.98 -21.40 32.65
N LEU B 922 34.91 -22.18 32.73
CA LEU B 922 34.78 -23.22 33.74
C LEU B 922 35.68 -24.41 33.44
N LYS B 923 35.85 -24.70 32.16
CA LYS B 923 36.63 -25.86 31.71
C LYS B 923 36.56 -27.04 32.67
N LEU B 924 35.40 -27.67 32.76
CA LEU B 924 35.20 -28.81 33.64
C LEU B 924 35.35 -30.13 32.88
N GLU B 925 36.48 -30.80 33.08
CA GLU B 925 36.72 -32.11 32.45
C GLU B 925 35.93 -33.20 33.15
N GLU B 926 35.36 -34.11 32.37
CA GLU B 926 34.60 -35.23 32.92
C GLU B 926 35.39 -36.04 33.96
N LYS B 927 34.68 -36.53 34.96
CA LYS B 927 35.25 -37.45 35.94
C LYS B 927 36.46 -36.89 36.69
N LYS B 928 36.44 -35.57 36.92
CA LYS B 928 37.37 -34.95 37.84
C LYS B 928 36.61 -34.33 39.02
N HIS B 929 37.31 -34.10 40.12
CA HIS B 929 36.66 -33.70 41.36
C HIS B 929 36.74 -32.19 41.58
N TYR B 930 35.73 -31.64 42.25
CA TYR B 930 35.59 -30.18 42.38
C TYR B 930 35.09 -29.76 43.76
N LEU B 931 35.51 -28.58 44.20
CA LEU B 931 34.92 -27.92 45.36
C LEU B 931 33.99 -26.81 44.91
N MET B 932 32.70 -26.94 45.23
CA MET B 932 31.70 -25.97 44.83
C MET B 932 30.96 -25.41 46.03
N TRP B 933 30.52 -24.16 45.93
CA TRP B 933 29.59 -23.59 46.90
C TRP B 933 28.84 -22.38 46.33
N GLY B 934 27.72 -22.04 46.95
CA GLY B 934 26.92 -20.92 46.50
C GLY B 934 25.70 -20.66 47.37
N LEU B 935 24.86 -19.72 46.94
CA LEU B 935 23.71 -19.28 47.73
C LEU B 935 22.52 -20.20 47.54
N SER B 936 21.51 -20.05 48.39
CA SER B 936 20.24 -20.73 48.21
C SER B 936 19.52 -20.20 46.97
N SER B 937 19.96 -19.03 46.52
CA SER B 937 19.48 -18.46 45.25
C SER B 937 19.84 -19.35 44.07
N ASP B 938 20.81 -20.25 44.27
CA ASP B 938 21.31 -21.10 43.20
C ASP B 938 20.37 -22.27 42.90
N PHE B 939 19.55 -22.63 43.89
CA PHE B 939 18.61 -23.73 43.73
C PHE B 939 17.65 -23.50 42.56
N TRP B 940 17.23 -24.59 41.93
CA TRP B 940 16.45 -24.51 40.71
C TRP B 940 15.57 -25.74 40.52
N GLY B 941 14.27 -25.53 40.42
CA GLY B 941 13.33 -26.63 40.21
C GLY B 941 13.17 -27.49 41.46
N GLU B 942 11.96 -27.49 42.01
CA GLU B 942 11.70 -28.12 43.30
C GLU B 942 11.89 -29.63 43.28
N LYS B 943 11.94 -30.23 44.47
CA LYS B 943 12.28 -31.64 44.64
C LYS B 943 11.26 -32.57 43.97
N PRO B 944 11.60 -33.86 43.88
CA PRO B 944 12.75 -34.44 44.56
C PRO B 944 14.07 -34.22 43.84
N ASN B 945 14.02 -34.14 42.52
CA ASN B 945 15.21 -33.84 41.72
C ASN B 945 15.43 -32.33 41.56
N LEU B 946 16.51 -31.84 42.17
CA LEU B 946 16.84 -30.42 42.13
C LEU B 946 17.98 -30.16 41.15
N SER B 947 18.02 -28.96 40.61
CA SER B 947 19.15 -28.52 39.79
C SER B 947 19.82 -27.30 40.42
N TYR B 948 21.05 -27.03 40.01
CA TYR B 948 21.80 -25.89 40.50
C TYR B 948 22.18 -24.96 39.36
N ILE B 949 22.20 -23.66 39.62
CA ILE B 949 22.62 -22.68 38.62
C ILE B 949 23.95 -22.03 39.02
N ILE B 950 25.00 -22.34 38.28
CA ILE B 950 26.29 -21.70 38.49
C ILE B 950 26.20 -20.22 38.10
N GLY B 951 26.17 -19.36 39.11
CA GLY B 951 25.99 -17.93 38.89
C GLY B 951 27.14 -17.10 39.45
N LYS B 952 26.92 -15.79 39.53
CA LYS B 952 27.95 -14.86 39.99
C LYS B 952 28.35 -15.11 41.45
N ASP B 953 27.68 -16.06 42.09
CA ASP B 953 27.94 -16.38 43.49
C ASP B 953 28.34 -17.84 43.69
N THR B 954 28.71 -18.50 42.59
CA THR B 954 29.04 -19.92 42.63
C THR B 954 30.54 -20.14 42.48
N TRP B 955 31.20 -20.45 43.60
CA TRP B 955 32.63 -20.73 43.62
C TRP B 955 32.89 -22.14 43.08
N VAL B 956 33.48 -22.22 41.90
CA VAL B 956 33.93 -23.50 41.36
C VAL B 956 35.45 -23.58 41.39
N GLU B 957 35.98 -24.74 41.77
CA GLU B 957 37.42 -24.96 41.83
C GLU B 957 37.76 -26.43 41.61
N HIS B 958 38.89 -26.67 40.96
CA HIS B 958 39.35 -28.03 40.71
C HIS B 958 39.92 -28.65 41.98
N TRP B 959 39.52 -29.89 42.26
CA TRP B 959 40.08 -30.66 43.36
C TRP B 959 40.98 -31.77 42.83
N PRO B 960 42.28 -31.59 42.95
CA PRO B 960 43.25 -32.58 42.49
C PRO B 960 43.00 -33.96 43.11
N GLU B 961 43.26 -35.00 42.34
CA GLU B 961 43.09 -36.37 42.83
C GLU B 961 44.20 -36.73 43.81
N GLU B 962 44.04 -37.85 44.51
CA GLU B 962 45.00 -38.26 45.52
C GLU B 962 46.33 -38.71 44.91
N ASP B 963 46.27 -39.41 43.79
CA ASP B 963 47.47 -39.94 43.14
C ASP B 963 48.34 -38.84 42.55
N GLU B 964 47.81 -37.63 42.49
CA GLU B 964 48.49 -36.51 41.84
C GLU B 964 48.70 -35.32 42.76
N CYS B 965 48.47 -35.51 44.06
CA CYS B 965 48.81 -34.51 45.06
C CYS B 965 50.32 -34.43 45.26
N GLN B 966 51.03 -35.43 44.74
CA GLN B 966 52.48 -35.50 44.87
C GLN B 966 53.17 -34.42 44.04
N ASP B 967 52.53 -34.02 42.95
CA ASP B 967 53.14 -33.12 41.98
C ASP B 967 53.40 -31.72 42.54
N GLU B 968 54.14 -30.91 41.79
CA GLU B 968 54.61 -29.62 42.26
C GLU B 968 53.49 -28.60 42.39
N GLU B 969 52.61 -28.58 41.40
CA GLU B 969 51.59 -27.54 41.30
C GLU B 969 50.37 -27.87 42.15
N ASN B 970 50.38 -29.03 42.79
CA ASN B 970 49.20 -29.57 43.45
C ASN B 970 49.32 -29.64 44.97
N GLN B 971 50.48 -30.10 45.46
CA GLN B 971 50.68 -30.26 46.89
C GLN B 971 50.45 -28.97 47.67
N LYS B 972 50.73 -27.84 47.02
CA LYS B 972 50.42 -26.53 47.58
C LYS B 972 48.91 -26.33 47.70
N GLN B 973 48.18 -26.71 46.66
CA GLN B 973 46.73 -26.51 46.61
C GLN B 973 45.98 -27.63 47.33
N CYS B 974 46.65 -28.77 47.50
CA CYS B 974 46.01 -29.96 48.04
C CYS B 974 45.68 -29.81 49.53
N GLN B 975 46.70 -29.57 50.33
CA GLN B 975 46.54 -29.47 51.79
C GLN B 975 45.81 -28.19 52.19
N ASP B 976 45.77 -27.22 51.26
CA ASP B 976 44.89 -26.07 51.41
C ASP B 976 43.43 -26.51 51.51
N LEU B 977 43.03 -27.41 50.60
CA LEU B 977 41.67 -27.95 50.60
C LEU B 977 41.44 -28.88 51.79
N GLY B 978 42.51 -29.53 52.24
CA GLY B 978 42.46 -30.37 53.43
C GLY B 978 42.27 -29.57 54.70
N ALA B 979 42.98 -28.45 54.79
CA ALA B 979 42.80 -27.50 55.89
C ALA B 979 41.40 -26.91 55.86
N PHE B 980 40.90 -26.64 54.66
CA PHE B 980 39.55 -26.14 54.47
C PHE B 980 38.51 -27.19 54.88
N THR B 981 38.73 -28.43 54.45
CA THR B 981 37.77 -29.51 54.68
C THR B 981 37.51 -29.73 56.16
N GLU B 982 38.58 -29.80 56.94
CA GLU B 982 38.46 -30.02 58.39
C GLU B 982 37.97 -28.76 59.10
N SER B 983 38.59 -27.62 58.79
CA SER B 983 38.24 -26.36 59.45
C SER B 983 36.88 -25.84 59.02
N MET B 984 36.06 -26.74 58.47
CA MET B 984 34.69 -26.40 58.09
C MET B 984 33.72 -27.46 58.60
N VAL B 985 34.20 -28.68 58.77
CA VAL B 985 33.40 -29.76 59.34
C VAL B 985 33.55 -29.80 60.85
N VAL B 986 34.79 -29.70 61.32
CA VAL B 986 35.10 -29.84 62.74
C VAL B 986 34.80 -28.55 63.51
N PHE B 987 34.81 -27.42 62.82
CA PHE B 987 34.65 -26.13 63.47
C PHE B 987 33.64 -25.22 62.79
N GLY B 988 33.49 -25.38 61.47
CA GLY B 988 32.54 -24.58 60.70
C GLY B 988 32.96 -23.13 60.57
N CYS B 989 31.98 -22.25 60.47
CA CYS B 989 32.24 -20.81 60.37
C CYS B 989 32.39 -20.18 61.75
N PRO B 990 33.45 -19.37 61.93
CA PRO B 990 33.83 -18.86 63.23
C PRO B 990 32.78 -17.91 63.81
N ASN B 991 32.19 -17.08 62.94
CA ASN B 991 31.10 -16.20 63.33
C ASN B 991 29.93 -16.28 62.37
#